data_8VPC
# 
_entry.id   8VPC 
# 
_audit_conform.dict_name       mmcif_pdbx.dic 
_audit_conform.dict_version    5.395 
_audit_conform.dict_location   http://mmcif.pdb.org/dictionaries/ascii/mmcif_pdbx.dic 
# 
loop_
_database_2.database_id 
_database_2.database_code 
_database_2.pdbx_database_accession 
_database_2.pdbx_DOI 
PDB   8VPC         pdb_00008vpc 10.2210/pdb8vpc/pdb 
WWPDB D_1000280627 ?            ?                   
# 
loop_
_pdbx_audit_revision_history.ordinal 
_pdbx_audit_revision_history.data_content_type 
_pdbx_audit_revision_history.major_revision 
_pdbx_audit_revision_history.minor_revision 
_pdbx_audit_revision_history.revision_date 
1 'Structure model' 1 0 2024-08-07 
2 'Structure model' 1 1 2024-08-14 
3 'Structure model' 1 2 2024-09-04 
# 
_pdbx_audit_revision_details.ordinal             1 
_pdbx_audit_revision_details.revision_ordinal    1 
_pdbx_audit_revision_details.data_content_type   'Structure model' 
_pdbx_audit_revision_details.provider            repository 
_pdbx_audit_revision_details.type                'Initial release' 
_pdbx_audit_revision_details.description         ? 
_pdbx_audit_revision_details.details             ? 
# 
loop_
_pdbx_audit_revision_group.ordinal 
_pdbx_audit_revision_group.revision_ordinal 
_pdbx_audit_revision_group.data_content_type 
_pdbx_audit_revision_group.group 
1 2 'Structure model' 'Database references' 
2 3 'Structure model' 'Database references' 
# 
loop_
_pdbx_audit_revision_category.ordinal 
_pdbx_audit_revision_category.revision_ordinal 
_pdbx_audit_revision_category.data_content_type 
_pdbx_audit_revision_category.category 
1 2 'Structure model' citation        
2 2 'Structure model' citation_author 
3 3 'Structure model' citation        
4 3 'Structure model' citation_author 
# 
loop_
_pdbx_audit_revision_item.ordinal 
_pdbx_audit_revision_item.revision_ordinal 
_pdbx_audit_revision_item.data_content_type 
_pdbx_audit_revision_item.item 
1  2 'Structure model' '_citation.country'                 
2  2 'Structure model' '_citation.journal_abbrev'          
3  2 'Structure model' '_citation.journal_id_ASTM'         
4  2 'Structure model' '_citation.journal_id_CSD'          
5  2 'Structure model' '_citation.journal_id_ISSN'         
6  2 'Structure model' '_citation.pdbx_database_id_DOI'    
7  2 'Structure model' '_citation.pdbx_database_id_PubMed' 
8  2 'Structure model' '_citation.title'                   
9  2 'Structure model' '_citation.year'                    
10 2 'Structure model' '_citation_author.identifier_ORCID' 
11 2 'Structure model' '_citation_author.name'             
12 3 'Structure model' '_citation.journal_volume'          
13 3 'Structure model' '_citation.page_first'              
14 3 'Structure model' '_citation.page_last'               
15 3 'Structure model' '_citation_author.identifier_ORCID' 
# 
_pdbx_database_status.status_code                     REL 
_pdbx_database_status.status_code_sf                  REL 
_pdbx_database_status.status_code_mr                  ? 
_pdbx_database_status.entry_id                        8VPC 
_pdbx_database_status.recvd_initial_deposition_date   2024-01-16 
_pdbx_database_status.SG_entry                        N 
_pdbx_database_status.deposit_site                    RCSB 
_pdbx_database_status.process_site                    RCSB 
_pdbx_database_status.status_code_cs                  ? 
_pdbx_database_status.status_code_nmr_data            ? 
_pdbx_database_status.methods_development_category    ? 
_pdbx_database_status.pdb_format_compatible           Y 
# 
_pdbx_contact_author.id                 2 
_pdbx_contact_author.email              andyn@uic.edu 
_pdbx_contact_author.name_first         Andy 
_pdbx_contact_author.name_last          Nguyen 
_pdbx_contact_author.name_mi            I 
_pdbx_contact_author.role               'principal investigator/group leader' 
_pdbx_contact_author.identifier_ORCID   0000-0003-4137-6453 
# 
_audit_author.name               'Ganatra, P.' 
_audit_author.pdbx_ordinal       1 
_audit_author.identifier_ORCID   0000-0002-5836-6772 
# 
_citation.abstract                  ? 
_citation.abstract_id_CAS           ? 
_citation.book_id_ISBN              ? 
_citation.book_publisher            ? 
_citation.book_publisher_city       ? 
_citation.book_title                ? 
_citation.coordinate_linkage        ? 
_citation.country                   US 
_citation.database_id_Medline       ? 
_citation.details                   ? 
_citation.id                        primary 
_citation.journal_abbrev            J.Am.Chem.Soc. 
_citation.journal_id_ASTM           JACSAT 
_citation.journal_id_CSD            ? 
_citation.journal_id_ISSN           1520-5126 
_citation.journal_full              ? 
_citation.journal_issue             ? 
_citation.journal_volume            146 
_citation.language                  ? 
_citation.page_first                22236 
_citation.page_last                 22246 
_citation.title                     'Diverse Proteomimetic Frameworks via Rational Design of pi-Stacking Peptide Tectons.' 
_citation.year                      2024 
_citation.database_id_CSD           ? 
_citation.pdbx_database_id_DOI      10.1021/jacs.4c03094 
_citation.pdbx_database_id_PubMed   39096501 
_citation.pdbx_database_id_patent   ? 
_citation.unpublished_flag          ? 
# 
loop_
_citation_author.citation_id 
_citation_author.name 
_citation_author.ordinal 
_citation_author.identifier_ORCID 
primary 'Ganatra, P.'  1 ? 
primary 'Wang, D.F.'   2 ? 
primary 'Ganatra, V.'  3 ? 
primary 'Dang, V.T.'   4 ? 
primary 'Nguyen, A.I.' 5 ? 
# 
loop_
_entity.id 
_entity.type 
_entity.src_method 
_entity.pdbx_description 
_entity.formula_weight 
_entity.pdbx_number_of_molecules 
_entity.pdbx_ec 
_entity.pdbx_mutation 
_entity.pdbx_fragment 
_entity.details 
1 polymer syn UIC-13-BIF 1628.914 4  ? ? ? ? 
2 water   nat water      18.015   43 ? ? ? ? 
# 
_entity_poly.entity_id                      1 
_entity_poly.type                           'polypeptide(L)' 
_entity_poly.nstd_linkage                   no 
_entity_poly.nstd_monomer                   yes 
_entity_poly.pdbx_seq_one_letter_code       '(Z7Z)A(AIB)A(AIB)L(AIB)A(AIB)L(AIB)Q(AIB)L(I77)' 
_entity_poly.pdbx_seq_one_letter_code_can   XAAAALAAALAQALX 
_entity_poly.pdbx_strand_id                 A,B,C,D 
_entity_poly.pdbx_target_identifier         ? 
# 
_pdbx_entity_nonpoly.entity_id   2 
_pdbx_entity_nonpoly.name        water 
_pdbx_entity_nonpoly.comp_id     HOH 
# 
loop_
_entity_poly_seq.entity_id 
_entity_poly_seq.num 
_entity_poly_seq.mon_id 
_entity_poly_seq.hetero 
1 1  Z7Z n 
1 2  ALA n 
1 3  AIB n 
1 4  ALA n 
1 5  AIB n 
1 6  LEU n 
1 7  AIB n 
1 8  ALA n 
1 9  AIB n 
1 10 LEU n 
1 11 AIB n 
1 12 GLN n 
1 13 AIB n 
1 14 LEU n 
1 15 I77 n 
# 
_pdbx_entity_src_syn.entity_id              1 
_pdbx_entity_src_syn.pdbx_src_id            1 
_pdbx_entity_src_syn.pdbx_alt_source_flag   sample 
_pdbx_entity_src_syn.pdbx_beg_seq_num       1 
_pdbx_entity_src_syn.pdbx_end_seq_num       15 
_pdbx_entity_src_syn.organism_scientific    'synthetic construct' 
_pdbx_entity_src_syn.organism_common_name   ? 
_pdbx_entity_src_syn.ncbi_taxonomy_id       32630 
_pdbx_entity_src_syn.details                ? 
# 
loop_
_chem_comp.id 
_chem_comp.type 
_chem_comp.mon_nstd_flag 
_chem_comp.name 
_chem_comp.pdbx_synonyms 
_chem_comp.formula 
_chem_comp.formula_weight 
AIB 'L-peptide linking' n 'ALPHA-AMINOISOBUTYRIC ACID'                            ? 'C4 H9 N O2'    103.120 
ALA 'L-peptide linking' y ALANINE                                                 ? 'C3 H7 N O2'    89.093  
GLN 'L-peptide linking' y GLUTAMINE                                               ? 'C5 H10 N2 O3'  146.144 
HOH non-polymer         . WATER                                                   ? 'H2 O'          18.015  
I77 non-polymer         . "5'-(hydrazinecarbonyl)[2,2'-bipyridine]-5-carboxamide" ? 'C12 H11 N5 O2' 257.248 
LEU 'L-peptide linking' y LEUCINE                                                 ? 'C6 H13 N O2'   131.173 
Z7Z non-polymer         . 'biphenyl-4-carboxylic acid'                            ? 'C13 H10 O2'    198.217 
# 
loop_
_pdbx_poly_seq_scheme.asym_id 
_pdbx_poly_seq_scheme.entity_id 
_pdbx_poly_seq_scheme.seq_id 
_pdbx_poly_seq_scheme.mon_id 
_pdbx_poly_seq_scheme.ndb_seq_num 
_pdbx_poly_seq_scheme.pdb_seq_num 
_pdbx_poly_seq_scheme.auth_seq_num 
_pdbx_poly_seq_scheme.pdb_mon_id 
_pdbx_poly_seq_scheme.auth_mon_id 
_pdbx_poly_seq_scheme.pdb_strand_id 
_pdbx_poly_seq_scheme.pdb_ins_code 
_pdbx_poly_seq_scheme.hetero 
A 1 1  Z7Z 1  1  1  Z7Z BIF A . n 
A 1 2  ALA 2  2  2  ALA ALA A . n 
A 1 3  AIB 3  3  3  AIB AIB A . n 
A 1 4  ALA 4  4  4  ALA ALA A . n 
A 1 5  AIB 5  5  5  AIB AIB A . n 
A 1 6  LEU 6  6  6  LEU LEU A . n 
A 1 7  AIB 7  7  7  AIB AIB A . n 
A 1 8  ALA 8  8  8  ALA ALA A . n 
A 1 9  AIB 9  9  9  AIB AIB A . n 
A 1 10 LEU 10 10 10 LEU LEU A . n 
A 1 11 AIB 11 11 11 AIB AIB A . n 
A 1 12 GLN 12 12 12 GLN GLN A . n 
A 1 13 AIB 13 13 13 AIB AIB A . n 
A 1 14 LEU 14 14 14 LEU LEU A . n 
A 1 15 I77 15 15 15 I77 BPH A . n 
B 1 1  Z7Z 1  1  1  Z7Z BIF B . n 
B 1 2  ALA 2  2  2  ALA ALA B . n 
B 1 3  AIB 3  3  3  AIB AIB B . n 
B 1 4  ALA 4  4  4  ALA ALA B . n 
B 1 5  AIB 5  5  5  AIB AIB B . n 
B 1 6  LEU 6  6  6  LEU LEU B . n 
B 1 7  AIB 7  7  7  AIB AIB B . n 
B 1 8  ALA 8  8  8  ALA ALA B . n 
B 1 9  AIB 9  9  9  AIB AIB B . n 
B 1 10 LEU 10 10 10 LEU LEU B . n 
B 1 11 AIB 11 11 11 AIB AIB B . n 
B 1 12 GLN 12 12 12 GLN GLN B . n 
B 1 13 AIB 13 13 13 AIB AIB B . n 
B 1 14 LEU 14 14 14 LEU LEU B . n 
B 1 15 I77 15 15 15 I77 BPH B . n 
C 1 1  Z7Z 1  1  1  Z7Z BIF C . n 
C 1 2  ALA 2  2  2  ALA ALA C . n 
C 1 3  AIB 3  3  3  AIB AIB C . n 
C 1 4  ALA 4  4  4  ALA ALA C . n 
C 1 5  AIB 5  5  5  AIB AIB C . n 
C 1 6  LEU 6  6  6  LEU LEU C . n 
C 1 7  AIB 7  7  7  AIB AIB C . n 
C 1 8  ALA 8  8  8  ALA ALA C . n 
C 1 9  AIB 9  9  9  AIB AIB C . n 
C 1 10 LEU 10 10 10 LEU LEU C . n 
C 1 11 AIB 11 11 11 AIB AIB C . n 
C 1 12 GLN 12 12 12 GLN GLN C . n 
C 1 13 AIB 13 13 13 AIB AIB C . n 
C 1 14 LEU 14 14 14 LEU LEU C . n 
C 1 15 I77 15 15 15 I77 BPH C . n 
D 1 1  Z7Z 1  1  1  Z7Z BIF D . n 
D 1 2  ALA 2  2  2  ALA ALA D . n 
D 1 3  AIB 3  3  3  AIB AIB D . n 
D 1 4  ALA 4  4  4  ALA ALA D . n 
D 1 5  AIB 5  5  5  AIB AIB D . n 
D 1 6  LEU 6  6  6  LEU LEU D . n 
D 1 7  AIB 7  7  7  AIB AIB D . n 
D 1 8  ALA 8  8  8  ALA ALA D . n 
D 1 9  AIB 9  9  9  AIB AIB D . n 
D 1 10 LEU 10 10 10 LEU LEU D . n 
D 1 11 AIB 11 11 11 AIB AIB D . n 
D 1 12 GLN 12 12 12 GLN GLN D . n 
D 1 13 AIB 13 13 13 AIB AIB D . n 
D 1 14 LEU 14 14 14 LEU LEU D . n 
D 1 15 I77 15 15 15 I77 BPH D . n 
# 
loop_
_pdbx_entity_instance_feature.ordinal 
_pdbx_entity_instance_feature.comp_id 
_pdbx_entity_instance_feature.asym_id 
_pdbx_entity_instance_feature.seq_num 
_pdbx_entity_instance_feature.auth_comp_id 
_pdbx_entity_instance_feature.auth_asym_id 
_pdbx_entity_instance_feature.auth_seq_num 
_pdbx_entity_instance_feature.feature_type 
_pdbx_entity_instance_feature.details 
1 Z7Z ? ? Z7Z ? ? 'SUBJECT OF INVESTIGATION' ? 
2 I77 ? ? I77 ? ? 'SUBJECT OF INVESTIGATION' ? 
# 
loop_
_pdbx_nonpoly_scheme.asym_id 
_pdbx_nonpoly_scheme.entity_id 
_pdbx_nonpoly_scheme.mon_id 
_pdbx_nonpoly_scheme.ndb_seq_num 
_pdbx_nonpoly_scheme.pdb_seq_num 
_pdbx_nonpoly_scheme.auth_seq_num 
_pdbx_nonpoly_scheme.pdb_mon_id 
_pdbx_nonpoly_scheme.auth_mon_id 
_pdbx_nonpoly_scheme.pdb_strand_id 
_pdbx_nonpoly_scheme.pdb_ins_code 
E 2 HOH 1  101 29 HOH HOH A . 
E 2 HOH 2  102 9  HOH HOH A . 
E 2 HOH 3  103 15 HOH HOH A . 
E 2 HOH 4  104 10 HOH HOH A . 
E 2 HOH 5  105 27 HOH HOH A . 
E 2 HOH 6  106 42 HOH HOH A . 
E 2 HOH 7  107 1  HOH HOH A . 
E 2 HOH 8  108 34 HOH HOH A . 
E 2 HOH 9  109 39 HOH HOH A . 
E 2 HOH 10 110 13 HOH HOH A . 
E 2 HOH 11 111 36 HOH HOH A . 
F 2 HOH 1  101 5  HOH HOH B . 
F 2 HOH 2  102 31 HOH HOH B . 
F 2 HOH 3  103 2  HOH HOH B . 
F 2 HOH 4  104 22 HOH HOH B . 
F 2 HOH 5  105 11 HOH HOH B . 
F 2 HOH 6  106 8  HOH HOH B . 
F 2 HOH 7  107 32 HOH HOH B . 
F 2 HOH 8  108 28 HOH HOH B . 
F 2 HOH 9  109 40 HOH HOH B . 
G 2 HOH 1  101 26 HOH HOH C . 
G 2 HOH 2  102 23 HOH HOH C . 
G 2 HOH 3  103 16 HOH HOH C . 
G 2 HOH 4  104 20 HOH HOH C . 
G 2 HOH 5  105 6  HOH HOH C . 
G 2 HOH 6  106 4  HOH HOH C . 
G 2 HOH 7  107 24 HOH HOH C . 
G 2 HOH 8  108 19 HOH HOH C . 
G 2 HOH 9  109 38 HOH HOH C . 
G 2 HOH 10 110 35 HOH HOH C . 
G 2 HOH 11 111 33 HOH HOH C . 
G 2 HOH 12 112 21 HOH HOH C . 
G 2 HOH 13 113 7  HOH HOH C . 
G 2 HOH 14 114 43 HOH HOH C . 
H 2 HOH 1  101 14 HOH HOH D . 
H 2 HOH 2  102 3  HOH HOH D . 
H 2 HOH 3  103 18 HOH HOH D . 
H 2 HOH 4  104 12 HOH HOH D . 
H 2 HOH 5  105 37 HOH HOH D . 
H 2 HOH 6  106 30 HOH HOH D . 
H 2 HOH 7  107 17 HOH HOH D . 
H 2 HOH 8  108 25 HOH HOH D . 
H 2 HOH 9  109 41 HOH HOH D . 
# 
loop_
_software.citation_id 
_software.classification 
_software.compiler_name 
_software.compiler_version 
_software.contact_author 
_software.contact_author_email 
_software.date 
_software.description 
_software.dependencies 
_software.hardware 
_software.language 
_software.location 
_software.mods 
_software.name 
_software.os 
_software.os_version 
_software.type 
_software.version 
_software.pdbx_ordinal 
? refinement       ? ? ? ? ? ? ? ? ? ? ? PHENIX ? ? ? 1.20.1_4487 1 
? 'data reduction' ? ? ? ? ? ? ? ? ? ? ? XDS    ? ? ? .           2 
? 'data scaling'   ? ? ? ? ? ? ? ? ? ? ? XDS    ? ? ? .           3 
? phasing          ? ? ? ? ? ? ? ? ? ? ? PHASER ? ? ? .           4 
# 
_cell.angle_alpha                  103.870 
_cell.angle_alpha_esd              ? 
_cell.angle_beta                   106.560 
_cell.angle_beta_esd               ? 
_cell.angle_gamma                  106.460 
_cell.angle_gamma_esd              ? 
_cell.entry_id                     8VPC 
_cell.details                      ? 
_cell.formula_units_Z              ? 
_cell.length_a                     22.960 
_cell.length_a_esd                 ? 
_cell.length_b                     23.781 
_cell.length_b_esd                 ? 
_cell.length_c                     23.831 
_cell.length_c_esd                 ? 
_cell.volume                       11210.691 
_cell.volume_esd                   ? 
_cell.Z_PDB                        4 
_cell.reciprocal_angle_alpha       ? 
_cell.reciprocal_angle_beta        ? 
_cell.reciprocal_angle_gamma       ? 
_cell.reciprocal_angle_alpha_esd   ? 
_cell.reciprocal_angle_beta_esd    ? 
_cell.reciprocal_angle_gamma_esd   ? 
_cell.reciprocal_length_a          ? 
_cell.reciprocal_length_b          ? 
_cell.reciprocal_length_c          ? 
_cell.reciprocal_length_a_esd      ? 
_cell.reciprocal_length_b_esd      ? 
_cell.reciprocal_length_c_esd      ? 
_cell.pdbx_unique_axis             ? 
_cell.pdbx_esd_method              ? 
# 
_symmetry.entry_id                         8VPC 
_symmetry.cell_setting                     ? 
_symmetry.Int_Tables_number                1 
_symmetry.space_group_name_Hall            'P 1' 
_symmetry.space_group_name_H-M             'P 1' 
_symmetry.pdbx_full_space_group_name_H-M   ? 
# 
_exptl.absorpt_coefficient_mu     ? 
_exptl.absorpt_correction_T_max   ? 
_exptl.absorpt_correction_T_min   ? 
_exptl.absorpt_correction_type    ? 
_exptl.absorpt_process_details    ? 
_exptl.entry_id                   8VPC 
_exptl.crystals_number            1 
_exptl.details                    ? 
_exptl.method                     'X-RAY DIFFRACTION' 
_exptl.method_details             ? 
# 
_exptl_crystal.colour                       ? 
_exptl_crystal.density_diffrn               ? 
_exptl_crystal.density_Matthews             1.96 
_exptl_crystal.density_method               ? 
_exptl_crystal.density_percent_sol          37.12 
_exptl_crystal.description                  ? 
_exptl_crystal.F_000                        ? 
_exptl_crystal.id                           1 
_exptl_crystal.preparation                  ? 
_exptl_crystal.size_max                     ? 
_exptl_crystal.size_mid                     ? 
_exptl_crystal.size_min                     ? 
_exptl_crystal.size_rad                     ? 
_exptl_crystal.colour_lustre                ? 
_exptl_crystal.colour_modifier              ? 
_exptl_crystal.colour_primary               ? 
_exptl_crystal.density_meas                 ? 
_exptl_crystal.density_meas_esd             ? 
_exptl_crystal.density_meas_gt              ? 
_exptl_crystal.density_meas_lt              ? 
_exptl_crystal.density_meas_temp            ? 
_exptl_crystal.density_meas_temp_esd        ? 
_exptl_crystal.density_meas_temp_gt         ? 
_exptl_crystal.density_meas_temp_lt         ? 
_exptl_crystal.pdbx_crystal_image_url       ? 
_exptl_crystal.pdbx_crystal_image_format    ? 
_exptl_crystal.pdbx_mosaicity               ? 
_exptl_crystal.pdbx_mosaicity_esd           ? 
_exptl_crystal.pdbx_mosaic_method           ? 
_exptl_crystal.pdbx_mosaic_block_size       ? 
_exptl_crystal.pdbx_mosaic_block_size_esd   ? 
# 
_exptl_crystal_grow.apparatus       ? 
_exptl_crystal_grow.atmosphere      ? 
_exptl_crystal_grow.crystal_id      1 
_exptl_crystal_grow.details         ? 
_exptl_crystal_grow.method          'SLOW COOLING' 
_exptl_crystal_grow.method_ref      ? 
_exptl_crystal_grow.pH              ? 
_exptl_crystal_grow.pressure        ? 
_exptl_crystal_grow.pressure_esd    ? 
_exptl_crystal_grow.seeding         ? 
_exptl_crystal_grow.seeding_ref     ? 
_exptl_crystal_grow.temp_details    ? 
_exptl_crystal_grow.temp_esd        ? 
_exptl_crystal_grow.time            ? 
_exptl_crystal_grow.pdbx_details    'Acetonitrile, water' 
_exptl_crystal_grow.pdbx_pH_range   ? 
_exptl_crystal_grow.temp            298 
# 
_diffrn.ambient_environment              ? 
_diffrn.ambient_temp                     100 
_diffrn.ambient_temp_details             ? 
_diffrn.ambient_temp_esd                 ? 
_diffrn.crystal_id                       1 
_diffrn.crystal_support                  ? 
_diffrn.crystal_treatment                ? 
_diffrn.details                          ? 
_diffrn.id                               1 
_diffrn.ambient_pressure                 ? 
_diffrn.ambient_pressure_esd             ? 
_diffrn.ambient_pressure_gt              ? 
_diffrn.ambient_pressure_lt              ? 
_diffrn.ambient_temp_gt                  ? 
_diffrn.ambient_temp_lt                  ? 
_diffrn.pdbx_serial_crystal_experiment   N 
# 
_diffrn_detector.details                      ? 
_diffrn_detector.detector                     PIXEL 
_diffrn_detector.diffrn_id                    1 
_diffrn_detector.type                         'DECTRIS EIGER X 9M' 
_diffrn_detector.area_resol_mean              ? 
_diffrn_detector.dtime                        ? 
_diffrn_detector.pdbx_frames_total            ? 
_diffrn_detector.pdbx_collection_time_total   ? 
_diffrn_detector.pdbx_collection_date         2023-02-15 
_diffrn_detector.pdbx_frequency               ? 
_diffrn_detector.id                           ? 
_diffrn_detector.number_of_axes               ? 
# 
_diffrn_radiation.collimation                      ? 
_diffrn_radiation.diffrn_id                        1 
_diffrn_radiation.filter_edge                      ? 
_diffrn_radiation.inhomogeneity                    ? 
_diffrn_radiation.monochromator                    ? 
_diffrn_radiation.polarisn_norm                    ? 
_diffrn_radiation.polarisn_ratio                   ? 
_diffrn_radiation.probe                            ? 
_diffrn_radiation.type                             ? 
_diffrn_radiation.xray_symbol                      ? 
_diffrn_radiation.wavelength_id                    1 
_diffrn_radiation.pdbx_monochromatic_or_laue_m_l   M 
_diffrn_radiation.pdbx_wavelength_list             ? 
_diffrn_radiation.pdbx_wavelength                  ? 
_diffrn_radiation.pdbx_diffrn_protocol             'SINGLE WAVELENGTH' 
_diffrn_radiation.pdbx_analyzer                    ? 
_diffrn_radiation.pdbx_scattering_type             x-ray 
# 
_diffrn_radiation_wavelength.id           1 
_diffrn_radiation_wavelength.wavelength   0.729250 
_diffrn_radiation_wavelength.wt           1.0 
# 
_diffrn_source.current                     ? 
_diffrn_source.details                     ? 
_diffrn_source.diffrn_id                   1 
_diffrn_source.power                       ? 
_diffrn_source.size                        ? 
_diffrn_source.source                      SYNCHROTRON 
_diffrn_source.target                      ? 
_diffrn_source.type                        'APS BEAMLINE 21-ID-D' 
_diffrn_source.voltage                     ? 
_diffrn_source.take-off_angle              ? 
_diffrn_source.pdbx_wavelength_list        0.729250 
_diffrn_source.pdbx_wavelength             ? 
_diffrn_source.pdbx_synchrotron_beamline   21-ID-D 
_diffrn_source.pdbx_synchrotron_site       APS 
# 
_reflns.B_iso_Wilson_estimate                          5.17 
_reflns.entry_id                                       8VPC 
_reflns.data_reduction_details                         ? 
_reflns.data_reduction_method                          ? 
_reflns.d_resolution_high                              0.94 
_reflns.d_resolution_low                               21.38 
_reflns.details                                        ? 
_reflns.limit_h_max                                    ? 
_reflns.limit_h_min                                    ? 
_reflns.limit_k_max                                    ? 
_reflns.limit_k_min                                    ? 
_reflns.limit_l_max                                    ? 
_reflns.limit_l_min                                    ? 
_reflns.number_all                                     ? 
_reflns.number_obs                                     24348 
_reflns.observed_criterion                             ? 
_reflns.observed_criterion_F_max                       ? 
_reflns.observed_criterion_F_min                       ? 
_reflns.observed_criterion_I_max                       ? 
_reflns.observed_criterion_I_min                       ? 
_reflns.observed_criterion_sigma_F                     ? 
_reflns.observed_criterion_sigma_I                     ? 
_reflns.percent_possible_obs                           86.07 
_reflns.R_free_details                                 ? 
_reflns.Rmerge_F_all                                   ? 
_reflns.Rmerge_F_obs                                   ? 
_reflns.Friedel_coverage                               ? 
_reflns.number_gt                                      ? 
_reflns.threshold_expression                           ? 
_reflns.pdbx_redundancy                                3.5 
_reflns.pdbx_netI_over_av_sigmaI                       ? 
_reflns.pdbx_netI_over_sigmaI                          11.15 
_reflns.pdbx_res_netI_over_av_sigmaI_2                 ? 
_reflns.pdbx_res_netI_over_sigmaI_2                    ? 
_reflns.pdbx_chi_squared                               ? 
_reflns.pdbx_scaling_rejects                           ? 
_reflns.pdbx_d_res_high_opt                            ? 
_reflns.pdbx_d_res_low_opt                             ? 
_reflns.pdbx_d_res_opt_method                          ? 
_reflns.phase_calculation_details                      ? 
_reflns.pdbx_Rrim_I_all                                ? 
_reflns.pdbx_Rpim_I_all                                ? 
_reflns.pdbx_d_opt                                     ? 
_reflns.pdbx_number_measured_all                       ? 
_reflns.pdbx_diffrn_id                                 1 
_reflns.pdbx_ordinal                                   1 
_reflns.pdbx_CC_half                                   0.996 
_reflns.pdbx_CC_star                                   ? 
_reflns.pdbx_R_split                                   ? 
_reflns.pdbx_Rmerge_I_obs                              ? 
_reflns.pdbx_Rmerge_I_all                              ? 
_reflns.pdbx_Rsym_value                                ? 
_reflns.pdbx_CC_split_method                           ? 
_reflns.pdbx_aniso_diffraction_limit_axis_1_ortho[1]   ? 
_reflns.pdbx_aniso_diffraction_limit_axis_1_ortho[2]   ? 
_reflns.pdbx_aniso_diffraction_limit_axis_1_ortho[3]   ? 
_reflns.pdbx_aniso_diffraction_limit_axis_2_ortho[1]   ? 
_reflns.pdbx_aniso_diffraction_limit_axis_2_ortho[2]   ? 
_reflns.pdbx_aniso_diffraction_limit_axis_2_ortho[3]   ? 
_reflns.pdbx_aniso_diffraction_limit_axis_3_ortho[1]   ? 
_reflns.pdbx_aniso_diffraction_limit_axis_3_ortho[2]   ? 
_reflns.pdbx_aniso_diffraction_limit_axis_3_ortho[3]   ? 
_reflns.pdbx_aniso_diffraction_limit_1                 ? 
_reflns.pdbx_aniso_diffraction_limit_2                 ? 
_reflns.pdbx_aniso_diffraction_limit_3                 ? 
_reflns.pdbx_aniso_B_tensor_eigenvector_1_ortho[1]     ? 
_reflns.pdbx_aniso_B_tensor_eigenvector_1_ortho[2]     ? 
_reflns.pdbx_aniso_B_tensor_eigenvector_1_ortho[3]     ? 
_reflns.pdbx_aniso_B_tensor_eigenvector_2_ortho[1]     ? 
_reflns.pdbx_aniso_B_tensor_eigenvector_2_ortho[2]     ? 
_reflns.pdbx_aniso_B_tensor_eigenvector_2_ortho[3]     ? 
_reflns.pdbx_aniso_B_tensor_eigenvector_3_ortho[1]     ? 
_reflns.pdbx_aniso_B_tensor_eigenvector_3_ortho[2]     ? 
_reflns.pdbx_aniso_B_tensor_eigenvector_3_ortho[3]     ? 
_reflns.pdbx_aniso_B_tensor_eigenvalue_1               ? 
_reflns.pdbx_aniso_B_tensor_eigenvalue_2               ? 
_reflns.pdbx_aniso_B_tensor_eigenvalue_3               ? 
_reflns.pdbx_orthogonalization_convention              ? 
_reflns.pdbx_percent_possible_ellipsoidal              ? 
_reflns.pdbx_percent_possible_spherical                ? 
_reflns.pdbx_percent_possible_ellipsoidal_anomalous    ? 
_reflns.pdbx_percent_possible_spherical_anomalous      ? 
_reflns.pdbx_redundancy_anomalous                      ? 
_reflns.pdbx_CC_half_anomalous                         ? 
_reflns.pdbx_absDiff_over_sigma_anomalous              ? 
_reflns.pdbx_percent_possible_anomalous                ? 
_reflns.pdbx_observed_signal_threshold                 ? 
_reflns.pdbx_signal_type                               ? 
_reflns.pdbx_signal_details                            ? 
_reflns.pdbx_signal_software_id                        ? 
# 
_reflns_shell.d_res_high                                    0.94 
_reflns_shell.d_res_low                                     0.9736 
_reflns_shell.meanI_over_sigI_all                           ? 
_reflns_shell.meanI_over_sigI_obs                           ? 
_reflns_shell.number_measured_all                           ? 
_reflns_shell.number_measured_obs                           ? 
_reflns_shell.number_possible                               ? 
_reflns_shell.number_unique_all                             ? 
_reflns_shell.number_unique_obs                             2504 
_reflns_shell.percent_possible_obs                          ? 
_reflns_shell.Rmerge_F_all                                  ? 
_reflns_shell.Rmerge_F_obs                                  ? 
_reflns_shell.meanI_over_sigI_gt                            ? 
_reflns_shell.meanI_over_uI_all                             ? 
_reflns_shell.meanI_over_uI_gt                              ? 
_reflns_shell.number_measured_gt                            ? 
_reflns_shell.number_unique_gt                              ? 
_reflns_shell.percent_possible_gt                           ? 
_reflns_shell.Rmerge_F_gt                                   ? 
_reflns_shell.Rmerge_I_gt                                   ? 
_reflns_shell.pdbx_redundancy                               ? 
_reflns_shell.pdbx_chi_squared                              ? 
_reflns_shell.pdbx_netI_over_sigmaI_all                     ? 
_reflns_shell.pdbx_netI_over_sigmaI_obs                     ? 
_reflns_shell.pdbx_Rrim_I_all                               ? 
_reflns_shell.pdbx_Rpim_I_all                               ? 
_reflns_shell.pdbx_rejects                                  ? 
_reflns_shell.pdbx_ordinal                                  1 
_reflns_shell.pdbx_diffrn_id                                1 
_reflns_shell.pdbx_CC_half                                  0.932 
_reflns_shell.pdbx_CC_star                                  ? 
_reflns_shell.pdbx_R_split                                  ? 
_reflns_shell.percent_possible_all                          ? 
_reflns_shell.Rmerge_I_all                                  ? 
_reflns_shell.Rmerge_I_obs                                  ? 
_reflns_shell.pdbx_Rsym_value                               ? 
_reflns_shell.pdbx_percent_possible_ellipsoidal             ? 
_reflns_shell.pdbx_percent_possible_spherical               ? 
_reflns_shell.pdbx_percent_possible_ellipsoidal_anomalous   ? 
_reflns_shell.pdbx_percent_possible_spherical_anomalous     ? 
_reflns_shell.pdbx_redundancy_anomalous                     ? 
_reflns_shell.pdbx_CC_half_anomalous                        ? 
_reflns_shell.pdbx_absDiff_over_sigma_anomalous             ? 
_reflns_shell.pdbx_percent_possible_anomalous               ? 
# 
_refine.aniso_B[1][1]                            ? 
_refine.aniso_B[1][2]                            ? 
_refine.aniso_B[1][3]                            ? 
_refine.aniso_B[2][2]                            ? 
_refine.aniso_B[2][3]                            ? 
_refine.aniso_B[3][3]                            ? 
_refine.B_iso_max                                ? 
_refine.B_iso_mean                               7.50 
_refine.B_iso_min                                ? 
_refine.correlation_coeff_Fo_to_Fc               ? 
_refine.correlation_coeff_Fo_to_Fc_free          ? 
_refine.details                                  ? 
_refine.diff_density_max                         ? 
_refine.diff_density_max_esd                     ? 
_refine.diff_density_min                         ? 
_refine.diff_density_min_esd                     ? 
_refine.diff_density_rms                         ? 
_refine.diff_density_rms_esd                     ? 
_refine.entry_id                                 8VPC 
_refine.pdbx_refine_id                           'X-RAY DIFFRACTION' 
_refine.ls_abs_structure_details                 ? 
_refine.ls_abs_structure_Flack                   ? 
_refine.ls_abs_structure_Flack_esd               ? 
_refine.ls_abs_structure_Rogers                  ? 
_refine.ls_abs_structure_Rogers_esd              ? 
_refine.ls_d_res_high                            0.94 
_refine.ls_d_res_low                             21.38 
_refine.ls_extinction_coef                       ? 
_refine.ls_extinction_coef_esd                   ? 
_refine.ls_extinction_expression                 ? 
_refine.ls_extinction_method                     ? 
_refine.ls_goodness_of_fit_all                   ? 
_refine.ls_goodness_of_fit_all_esd               ? 
_refine.ls_goodness_of_fit_obs                   ? 
_refine.ls_goodness_of_fit_obs_esd               ? 
_refine.ls_hydrogen_treatment                    ? 
_refine.ls_matrix_type                           ? 
_refine.ls_number_constraints                    ? 
_refine.ls_number_parameters                     ? 
_refine.ls_number_reflns_all                     ? 
_refine.ls_number_reflns_obs                     24348 
_refine.ls_number_reflns_R_free                  3519 
_refine.ls_number_reflns_R_work                  42409 
_refine.ls_number_restraints                     ? 
_refine.ls_percent_reflns_obs                    81.26 
_refine.ls_percent_reflns_R_free                 7.66 
_refine.ls_R_factor_all                          ? 
_refine.ls_R_factor_obs                          0.2063 
_refine.ls_R_factor_R_free                       0.2260 
_refine.ls_R_factor_R_free_error                 ? 
_refine.ls_R_factor_R_free_error_details         ? 
_refine.ls_R_factor_R_work                       0.2047 
_refine.ls_R_Fsqd_factor_obs                     ? 
_refine.ls_R_I_factor_obs                        ? 
_refine.ls_redundancy_reflns_all                 ? 
_refine.ls_redundancy_reflns_obs                 ? 
_refine.ls_restrained_S_all                      ? 
_refine.ls_restrained_S_obs                      ? 
_refine.ls_shift_over_esd_max                    ? 
_refine.ls_shift_over_esd_mean                   ? 
_refine.ls_structure_factor_coef                 ? 
_refine.ls_weighting_details                     ? 
_refine.ls_weighting_scheme                      ? 
_refine.ls_wR_factor_all                         ? 
_refine.ls_wR_factor_obs                         ? 
_refine.ls_wR_factor_R_free                      ? 
_refine.ls_wR_factor_R_work                      ? 
_refine.occupancy_max                            ? 
_refine.occupancy_min                            ? 
_refine.solvent_model_details                    'FLAT BULK SOLVENT MODEL' 
_refine.solvent_model_param_bsol                 ? 
_refine.solvent_model_param_ksol                 ? 
_refine.pdbx_R_complete                          ? 
_refine.ls_R_factor_gt                           ? 
_refine.ls_goodness_of_fit_gt                    ? 
_refine.ls_goodness_of_fit_ref                   ? 
_refine.ls_shift_over_su_max                     ? 
_refine.ls_shift_over_su_max_lt                  ? 
_refine.ls_shift_over_su_mean                    ? 
_refine.ls_shift_over_su_mean_lt                 ? 
_refine.pdbx_ls_sigma_I                          ? 
_refine.pdbx_ls_sigma_F                          1.98 
_refine.pdbx_ls_sigma_Fsqd                       ? 
_refine.pdbx_data_cutoff_high_absF               ? 
_refine.pdbx_data_cutoff_high_rms_absF           ? 
_refine.pdbx_data_cutoff_low_absF                ? 
_refine.pdbx_isotropic_thermal_model             ? 
_refine.pdbx_ls_cross_valid_method               'FREE R-VALUE' 
_refine.pdbx_method_to_determine_struct          'MOLECULAR REPLACEMENT' 
_refine.pdbx_starting_model                      ? 
_refine.pdbx_stereochemistry_target_values       'GeoStd + Monomer Library + CDL v1.2' 
_refine.pdbx_R_Free_selection_details            ? 
_refine.pdbx_stereochem_target_val_spec_case     ? 
_refine.pdbx_overall_ESU_R                       ? 
_refine.pdbx_overall_ESU_R_Free                  ? 
_refine.pdbx_solvent_vdw_probe_radii             1.1000 
_refine.pdbx_solvent_ion_probe_radii             ? 
_refine.pdbx_solvent_shrinkage_radii             0.9000 
_refine.pdbx_real_space_R                        ? 
_refine.pdbx_density_correlation                 ? 
_refine.pdbx_pd_number_of_powder_patterns        ? 
_refine.pdbx_pd_number_of_points                 ? 
_refine.pdbx_pd_meas_number_of_points            ? 
_refine.pdbx_pd_proc_ls_prof_R_factor            ? 
_refine.pdbx_pd_proc_ls_prof_wR_factor           ? 
_refine.pdbx_pd_Marquardt_correlation_coeff      ? 
_refine.pdbx_pd_Fsqrd_R_factor                   ? 
_refine.pdbx_pd_ls_matrix_band_width             ? 
_refine.pdbx_overall_phase_error                 25.3837 
_refine.pdbx_overall_SU_R_free_Cruickshank_DPI   ? 
_refine.pdbx_overall_SU_R_free_Blow_DPI          ? 
_refine.pdbx_overall_SU_R_Blow_DPI               ? 
_refine.pdbx_TLS_residual_ADP_flag               ? 
_refine.pdbx_diffrn_id                           1 
_refine.overall_SU_B                             ? 
_refine.overall_SU_ML                            0.1332 
_refine.overall_SU_R_Cruickshank_DPI             ? 
_refine.overall_SU_R_free                        ? 
_refine.overall_FOM_free_R_set                   ? 
_refine.overall_FOM_work_R_set                   ? 
_refine.pdbx_average_fsc_overall                 ? 
_refine.pdbx_average_fsc_work                    ? 
_refine.pdbx_average_fsc_free                    ? 
# 
_refine_hist.pdbx_refine_id                   'X-RAY DIFFRACTION' 
_refine_hist.cycle_id                         LAST 
_refine_hist.details                          ? 
_refine_hist.d_res_high                       0.94 
_refine_hist.d_res_low                        21.38 
_refine_hist.number_atoms_solvent             43 
_refine_hist.number_atoms_total               511 
_refine_hist.number_reflns_all                ? 
_refine_hist.number_reflns_obs                ? 
_refine_hist.number_reflns_R_free             ? 
_refine_hist.number_reflns_R_work             ? 
_refine_hist.R_factor_all                     ? 
_refine_hist.R_factor_obs                     ? 
_refine_hist.R_factor_R_free                  ? 
_refine_hist.R_factor_R_work                  ? 
_refine_hist.pdbx_number_residues_total       ? 
_refine_hist.pdbx_B_iso_mean_ligand           ? 
_refine_hist.pdbx_B_iso_mean_solvent          ? 
_refine_hist.pdbx_number_atoms_protein        392 
_refine_hist.pdbx_number_atoms_nucleic_acid   0 
_refine_hist.pdbx_number_atoms_ligand         76 
_refine_hist.pdbx_number_atoms_lipid          ? 
_refine_hist.pdbx_number_atoms_carb           ? 
_refine_hist.pdbx_pseudo_atom_details         ? 
# 
loop_
_refine_ls_restr.pdbx_refine_id 
_refine_ls_restr.criterion 
_refine_ls_restr.dev_ideal 
_refine_ls_restr.dev_ideal_target 
_refine_ls_restr.number 
_refine_ls_restr.rejects 
_refine_ls_restr.type 
_refine_ls_restr.weight 
_refine_ls_restr.pdbx_restraint_function 
'X-RAY DIFFRACTION' ? 0.0085  ? 492 ? f_bond_d           ? ? 
'X-RAY DIFFRACTION' ? 1.6917  ? 703 ? f_angle_d          ? ? 
'X-RAY DIFFRACTION' ? 0.0313  ? 40  ? f_chiral_restr     ? ? 
'X-RAY DIFFRACTION' ? 0.0070  ? 80  ? f_plane_restr      ? ? 
'X-RAY DIFFRACTION' ? 33.3572 ? 93  ? f_dihedral_angle_d ? ? 
# 
loop_
_refine_ls_shell.pdbx_refine_id 
_refine_ls_shell.d_res_high 
_refine_ls_shell.d_res_low 
_refine_ls_shell.number_reflns_all 
_refine_ls_shell.number_reflns_obs 
_refine_ls_shell.number_reflns_R_free 
_refine_ls_shell.number_reflns_R_work 
_refine_ls_shell.percent_reflns_obs 
_refine_ls_shell.percent_reflns_R_free 
_refine_ls_shell.R_factor_all 
_refine_ls_shell.R_factor_obs 
_refine_ls_shell.R_factor_R_free_error 
_refine_ls_shell.R_factor_R_work 
_refine_ls_shell.redundancy_reflns_all 
_refine_ls_shell.redundancy_reflns_obs 
_refine_ls_shell.wR_factor_all 
_refine_ls_shell.wR_factor_obs 
_refine_ls_shell.wR_factor_R_free 
_refine_ls_shell.wR_factor_R_work 
_refine_ls_shell.pdbx_R_complete 
_refine_ls_shell.pdbx_total_number_of_bins_used 
_refine_ls_shell.pdbx_phase_error 
_refine_ls_shell.pdbx_fsc_work 
_refine_ls_shell.pdbx_fsc_free 
_refine_ls_shell.R_factor_R_free 
'X-RAY DIFFRACTION' 0.94 0.95  . . 168 1829 86.98 . . . . 0.3378 . . . . . . . . . . . 0.4353 
'X-RAY DIFFRACTION' 0.95 0.97  . . 156 1694 84.40 . . . . 0.2997 . . . . . . . . . . . 0.3656 
'X-RAY DIFFRACTION' 0.97 0.98  . . 135 1802 86.17 . . . . 0.2765 . . . . . . . . . . . 0.2458 
'X-RAY DIFFRACTION' 0.98 1.00  . . 162 1759 84.03 . . . . 0.2351 . . . . . . . . . . . 0.2174 
'X-RAY DIFFRACTION' 1.00 1.01  . . 136 1733 82.99 . . . . 0.2097 . . . . . . . . . . . 0.2503 
'X-RAY DIFFRACTION' 1.01 1.03  . . 164 1724 84.06 . . . . 0.2064 . . . . . . . . . . . 0.2410 
'X-RAY DIFFRACTION' 1.03 1.05  . . 115 1763 84.37 . . . . 0.1975 . . . . . . . . . . . 0.2209 
'X-RAY DIFFRACTION' 1.05 1.07  . . 164 1686 80.93 . . . . 0.2052 . . . . . . . . . . . 0.2445 
'X-RAY DIFFRACTION' 1.07 1.09  . . 152 1745 83.27 . . . . 0.2066 . . . . . . . . . . . 0.2430 
'X-RAY DIFFRACTION' 1.09 1.11  . . 163 1665 81.03 . . . . 0.1857 . . . . . . . . . . . 0.2400 
'X-RAY DIFFRACTION' 1.11 1.14  . . 113 1756 81.33 . . . . 0.1794 . . . . . . . . . . . 0.1889 
'X-RAY DIFFRACTION' 1.14 1.17  . . 149 1617 78.77 . . . . 0.1626 . . . . . . . . . . . 0.1979 
'X-RAY DIFFRACTION' 1.17 1.20  . . 137 1672 80.26 . . . . 0.1806 . . . . . . . . . . . 0.2346 
'X-RAY DIFFRACTION' 1.20 1.24  . . 133 1593 78.67 . . . . 0.1662 . . . . . . . . . . . 0.2058 
'X-RAY DIFFRACTION' 1.24 1.28  . . 148 1703 79.58 . . . . 0.1798 . . . . . . . . . . . 0.2172 
'X-RAY DIFFRACTION' 1.28 1.32  . . 140 1676 78.96 . . . . 0.1801 . . . . . . . . . . . 0.2190 
'X-RAY DIFFRACTION' 1.32 1.37  . . 132 1581 77.51 . . . . 0.1813 . . . . . . . . . . . 0.1811 
'X-RAY DIFFRACTION' 1.37 1.44  . . 138 1635 79.01 . . . . 0.2046 . . . . . . . . . . . 0.1885 
'X-RAY DIFFRACTION' 1.44 1.51  . . 119 1662 79.16 . . . . 0.1944 . . . . . . . . . . . 0.2255 
'X-RAY DIFFRACTION' 1.51 1.61  . . 130 1607 76.25 . . . . 0.2028 . . . . . . . . . . . 0.2734 
'X-RAY DIFFRACTION' 1.61 1.73  . . 134 1622 76.35 . . . . 0.2104 . . . . . . . . . . . 0.2229 
'X-RAY DIFFRACTION' 1.73 1.91  . . 117 1637 78.65 . . . . 0.2120 . . . . . . . . . . . 0.2112 
'X-RAY DIFFRACTION' 1.91 2.18  . . 134 1691 80.04 . . . . 0.2104 . . . . . . . . . . . 0.1989 
'X-RAY DIFFRACTION' 2.18 2.75  . . 150 1685 81.92 . . . . 0.2103 . . . . . . . . . . . 0.2205 
'X-RAY DIFFRACTION' 2.75 21.38 . . 130 1872 88.19 . . . . 0.2142 . . . . . . . . . . . 0.2355 
# 
_struct.entry_id                     8VPC 
_struct.title                        'UIC-13-BIF extension of UIC-1' 
_struct.pdbx_model_details           ? 
_struct.pdbx_formula_weight          ? 
_struct.pdbx_formula_weight_method   ? 
_struct.pdbx_model_type_details      ? 
_struct.pdbx_CASP_flag               N 
# 
_struct_keywords.entry_id        8VPC 
_struct_keywords.text            'synthetic construct, DE NOVO PROTEIN' 
_struct_keywords.pdbx_keywords   'DE NOVO PROTEIN' 
# 
loop_
_struct_asym.id 
_struct_asym.pdbx_blank_PDB_chainid_flag 
_struct_asym.pdbx_modified 
_struct_asym.entity_id 
_struct_asym.details 
A N N 1 ? 
B N N 1 ? 
C N N 1 ? 
D N N 1 ? 
E N N 2 ? 
F N N 2 ? 
G N N 2 ? 
H N N 2 ? 
# 
_struct_ref.id                         1 
_struct_ref.db_name                    PDB 
_struct_ref.db_code                    8VPC 
_struct_ref.pdbx_db_accession          8VPC 
_struct_ref.pdbx_db_isoform            ? 
_struct_ref.entity_id                  1 
_struct_ref.pdbx_seq_one_letter_code   ? 
_struct_ref.pdbx_align_begin           1 
# 
loop_
_struct_ref_seq.align_id 
_struct_ref_seq.ref_id 
_struct_ref_seq.pdbx_PDB_id_code 
_struct_ref_seq.pdbx_strand_id 
_struct_ref_seq.seq_align_beg 
_struct_ref_seq.pdbx_seq_align_beg_ins_code 
_struct_ref_seq.seq_align_end 
_struct_ref_seq.pdbx_seq_align_end_ins_code 
_struct_ref_seq.pdbx_db_accession 
_struct_ref_seq.db_align_beg 
_struct_ref_seq.pdbx_db_align_beg_ins_code 
_struct_ref_seq.db_align_end 
_struct_ref_seq.pdbx_db_align_end_ins_code 
_struct_ref_seq.pdbx_auth_seq_align_beg 
_struct_ref_seq.pdbx_auth_seq_align_end 
1 1 8VPC A 1 ? 15 ? 8VPC 1 ? 15 ? 1 15 
2 1 8VPC B 1 ? 15 ? 8VPC 1 ? 15 ? 1 15 
3 1 8VPC C 1 ? 15 ? 8VPC 1 ? 15 ? 1 15 
4 1 8VPC D 1 ? 15 ? 8VPC 1 ? 15 ? 1 15 
# 
loop_
_pdbx_struct_assembly.id 
_pdbx_struct_assembly.details 
_pdbx_struct_assembly.method_details 
_pdbx_struct_assembly.oligomeric_details 
_pdbx_struct_assembly.oligomeric_count 
1 author_defined_assembly ? monomeric 1 
2 author_defined_assembly ? monomeric 1 
3 author_defined_assembly ? monomeric 1 
4 author_defined_assembly ? monomeric 1 
# 
loop_
_pdbx_struct_assembly_gen.assembly_id 
_pdbx_struct_assembly_gen.oper_expression 
_pdbx_struct_assembly_gen.asym_id_list 
1 1 A,E 
2 1 B,F 
3 1 C,G 
4 1 D,H 
# 
_pdbx_struct_oper_list.id                   1 
_pdbx_struct_oper_list.type                 'identity operation' 
_pdbx_struct_oper_list.name                 1_555 
_pdbx_struct_oper_list.symmetry_operation   x,y,z 
_pdbx_struct_oper_list.matrix[1][1]         1.0000000000 
_pdbx_struct_oper_list.matrix[1][2]         0.0000000000 
_pdbx_struct_oper_list.matrix[1][3]         0.0000000000 
_pdbx_struct_oper_list.vector[1]            0.0000000000 
_pdbx_struct_oper_list.matrix[2][1]         0.0000000000 
_pdbx_struct_oper_list.matrix[2][2]         1.0000000000 
_pdbx_struct_oper_list.matrix[2][3]         0.0000000000 
_pdbx_struct_oper_list.vector[2]            0.0000000000 
_pdbx_struct_oper_list.matrix[3][1]         0.0000000000 
_pdbx_struct_oper_list.matrix[3][2]         0.0000000000 
_pdbx_struct_oper_list.matrix[3][3]         1.0000000000 
_pdbx_struct_oper_list.vector[3]            0.0000000000 
# 
loop_
_struct_conf.conf_type_id 
_struct_conf.id 
_struct_conf.pdbx_PDB_helix_id 
_struct_conf.beg_label_comp_id 
_struct_conf.beg_label_asym_id 
_struct_conf.beg_label_seq_id 
_struct_conf.pdbx_beg_PDB_ins_code 
_struct_conf.end_label_comp_id 
_struct_conf.end_label_asym_id 
_struct_conf.end_label_seq_id 
_struct_conf.pdbx_end_PDB_ins_code 
_struct_conf.beg_auth_comp_id 
_struct_conf.beg_auth_asym_id 
_struct_conf.beg_auth_seq_id 
_struct_conf.end_auth_comp_id 
_struct_conf.end_auth_asym_id 
_struct_conf.end_auth_seq_id 
_struct_conf.pdbx_PDB_helix_class 
_struct_conf.details 
_struct_conf.pdbx_PDB_helix_length 
HELX_P HELX_P1 AA1 ALA A 2 ? LEU A 14 ? ALA A 2 LEU A 14 1 ? 13 
HELX_P HELX_P2 AA2 AIB B 3 ? LEU B 14 ? AIB B 3 LEU B 14 1 ? 12 
HELX_P HELX_P3 AA3 AIB C 3 ? LEU C 14 ? AIB C 3 LEU C 14 1 ? 12 
HELX_P HELX_P4 AA4 AIB D 3 ? LEU D 14 ? AIB D 3 LEU D 14 1 ? 12 
# 
_struct_conf_type.id          HELX_P 
_struct_conf_type.criteria    ? 
_struct_conf_type.reference   ? 
# 
loop_
_struct_conn.id 
_struct_conn.conn_type_id 
_struct_conn.pdbx_leaving_atom_flag 
_struct_conn.pdbx_PDB_id 
_struct_conn.ptnr1_label_asym_id 
_struct_conn.ptnr1_label_comp_id 
_struct_conn.ptnr1_label_seq_id 
_struct_conn.ptnr1_label_atom_id 
_struct_conn.pdbx_ptnr1_label_alt_id 
_struct_conn.pdbx_ptnr1_PDB_ins_code 
_struct_conn.pdbx_ptnr1_standard_comp_id 
_struct_conn.ptnr1_symmetry 
_struct_conn.ptnr2_label_asym_id 
_struct_conn.ptnr2_label_comp_id 
_struct_conn.ptnr2_label_seq_id 
_struct_conn.ptnr2_label_atom_id 
_struct_conn.pdbx_ptnr2_label_alt_id 
_struct_conn.pdbx_ptnr2_PDB_ins_code 
_struct_conn.ptnr1_auth_asym_id 
_struct_conn.ptnr1_auth_comp_id 
_struct_conn.ptnr1_auth_seq_id 
_struct_conn.ptnr2_auth_asym_id 
_struct_conn.ptnr2_auth_comp_id 
_struct_conn.ptnr2_auth_seq_id 
_struct_conn.ptnr2_symmetry 
_struct_conn.pdbx_ptnr3_label_atom_id 
_struct_conn.pdbx_ptnr3_label_seq_id 
_struct_conn.pdbx_ptnr3_label_comp_id 
_struct_conn.pdbx_ptnr3_label_asym_id 
_struct_conn.pdbx_ptnr3_label_alt_id 
_struct_conn.pdbx_ptnr3_PDB_ins_code 
_struct_conn.details 
_struct_conn.pdbx_dist_value 
_struct_conn.pdbx_value_order 
_struct_conn.pdbx_role 
covale1  covale both ? A Z7Z 1  C1 ? ? ? 1_555 A ALA 2  N   ? ? A Z7Z 1  A ALA 2  1_555 ? ? ? ? ? ? ? 1.427 ? ? 
covale2  covale both ? A ALA 2  C  ? ? ? 1_555 A AIB 3  N   ? ? A ALA 2  A AIB 3  1_555 ? ? ? ? ? ? ? 1.329 ? ? 
covale3  covale both ? A AIB 3  C  ? ? ? 1_555 A ALA 4  N   ? ? A AIB 3  A ALA 4  1_555 ? ? ? ? ? ? ? 1.332 ? ? 
covale4  covale both ? A ALA 4  C  ? ? ? 1_555 A AIB 5  N   ? ? A ALA 4  A AIB 5  1_555 ? ? ? ? ? ? ? 1.330 ? ? 
covale5  covale both ? A AIB 5  C  ? ? ? 1_555 A LEU 6  N   ? ? A AIB 5  A LEU 6  1_555 ? ? ? ? ? ? ? 1.333 ? ? 
covale6  covale both ? A LEU 6  C  ? ? ? 1_555 A AIB 7  N   ? ? A LEU 6  A AIB 7  1_555 ? ? ? ? ? ? ? 1.333 ? ? 
covale7  covale both ? A AIB 7  C  ? ? ? 1_555 A ALA 8  N   ? ? A AIB 7  A ALA 8  1_555 ? ? ? ? ? ? ? 1.332 ? ? 
covale8  covale both ? A ALA 8  C  ? ? ? 1_555 A AIB 9  N   ? ? A ALA 8  A AIB 9  1_555 ? ? ? ? ? ? ? 1.329 ? ? 
covale9  covale both ? A AIB 9  C  ? ? ? 1_555 A LEU 10 N   ? ? A AIB 9  A LEU 10 1_555 ? ? ? ? ? ? ? 1.332 ? ? 
covale10 covale both ? A LEU 10 C  ? ? ? 1_555 A AIB 11 N   ? ? A LEU 10 A AIB 11 1_555 ? ? ? ? ? ? ? 1.324 ? ? 
covale11 covale both ? A AIB 11 C  ? ? ? 1_555 A GLN 12 N   ? ? A AIB 11 A GLN 12 1_555 ? ? ? ? ? ? ? 1.333 ? ? 
covale12 covale both ? A GLN 12 C  ? ? ? 1_555 A AIB 13 N   ? ? A GLN 12 A AIB 13 1_555 ? ? ? ? ? ? ? 1.335 ? ? 
covale13 covale both ? A AIB 13 C  ? ? ? 1_555 A LEU 14 N   ? ? A AIB 13 A LEU 14 1_555 ? ? ? ? ? ? ? 1.332 ? ? 
covale14 covale one  ? A LEU 14 C  ? ? ? 1_555 A I77 15 N15 A ? A LEU 14 A I77 15 1_555 ? ? ? ? ? ? ? 1.423 ? ? 
covale15 covale one  ? A LEU 14 C  ? ? ? 1_555 A I77 15 N15 B ? A LEU 14 A I77 15 1_555 ? ? ? ? ? ? ? 1.427 ? ? 
covale16 covale both ? B Z7Z 1  C1 ? ? ? 1_555 B ALA 2  N   ? ? B Z7Z 1  B ALA 2  1_555 ? ? ? ? ? ? ? 1.423 ? ? 
covale17 covale both ? B ALA 2  C  ? ? ? 1_555 B AIB 3  N   ? ? B ALA 2  B AIB 3  1_555 ? ? ? ? ? ? ? 1.329 ? ? 
covale18 covale both ? B AIB 3  C  ? ? ? 1_555 B ALA 4  N   ? ? B AIB 3  B ALA 4  1_555 ? ? ? ? ? ? ? 1.332 ? ? 
covale19 covale both ? B ALA 4  C  ? ? ? 1_555 B AIB 5  N   ? ? B ALA 4  B AIB 5  1_555 ? ? ? ? ? ? ? 1.328 ? ? 
covale20 covale both ? B AIB 5  C  ? ? ? 1_555 B LEU 6  N   ? ? B AIB 5  B LEU 6  1_555 ? ? ? ? ? ? ? 1.330 ? ? 
covale21 covale both ? B LEU 6  C  ? ? ? 1_555 B AIB 7  N   ? ? B LEU 6  B AIB 7  1_555 ? ? ? ? ? ? ? 1.332 ? ? 
covale22 covale both ? B AIB 7  C  ? ? ? 1_555 B ALA 8  N   ? ? B AIB 7  B ALA 8  1_555 ? ? ? ? ? ? ? 1.329 ? ? 
covale23 covale both ? B ALA 8  C  ? ? ? 1_555 B AIB 9  N   ? ? B ALA 8  B AIB 9  1_555 ? ? ? ? ? ? ? 1.330 ? ? 
covale24 covale both ? B AIB 9  C  ? ? ? 1_555 B LEU 10 N   ? ? B AIB 9  B LEU 10 1_555 ? ? ? ? ? ? ? 1.337 ? ? 
covale25 covale both ? B LEU 10 C  ? ? ? 1_555 B AIB 11 N   ? ? B LEU 10 B AIB 11 1_555 ? ? ? ? ? ? ? 1.328 ? ? 
covale26 covale both ? B AIB 11 C  ? ? ? 1_555 B GLN 12 N   ? ? B AIB 11 B GLN 12 1_555 ? ? ? ? ? ? ? 1.334 ? ? 
covale27 covale both ? B GLN 12 C  ? ? ? 1_555 B AIB 13 N   ? ? B GLN 12 B AIB 13 1_555 ? ? ? ? ? ? ? 1.329 ? ? 
covale28 covale both ? B AIB 13 C  ? ? ? 1_555 B LEU 14 N   ? ? B AIB 13 B LEU 14 1_555 ? ? ? ? ? ? ? 1.336 ? ? 
covale29 covale one  ? B LEU 14 C  ? ? ? 1_555 B I77 15 N15 ? ? B LEU 14 B I77 15 1_555 ? ? ? ? ? ? ? 1.421 ? ? 
covale30 covale both ? C Z7Z 1  C1 ? ? ? 1_555 C ALA 2  N   ? ? C Z7Z 1  C ALA 2  1_555 ? ? ? ? ? ? ? 1.426 ? ? 
covale31 covale both ? C ALA 2  C  ? ? ? 1_555 C AIB 3  N   ? ? C ALA 2  C AIB 3  1_555 ? ? ? ? ? ? ? 1.327 ? ? 
covale32 covale both ? C AIB 3  C  ? ? ? 1_555 C ALA 4  N   ? ? C AIB 3  C ALA 4  1_555 ? ? ? ? ? ? ? 1.327 ? ? 
covale33 covale both ? C ALA 4  C  ? ? ? 1_555 C AIB 5  N   ? ? C ALA 4  C AIB 5  1_555 ? ? ? ? ? ? ? 1.331 ? ? 
covale34 covale both ? C AIB 5  C  ? ? ? 1_555 C LEU 6  N   ? ? C AIB 5  C LEU 6  1_555 ? ? ? ? ? ? ? 1.329 ? ? 
covale35 covale both ? C LEU 6  C  ? ? ? 1_555 C AIB 7  N   ? ? C LEU 6  C AIB 7  1_555 ? ? ? ? ? ? ? 1.331 ? ? 
covale36 covale both ? C AIB 7  C  ? ? ? 1_555 C ALA 8  N   ? ? C AIB 7  C ALA 8  1_555 ? ? ? ? ? ? ? 1.329 ? ? 
covale37 covale both ? C ALA 8  C  ? ? ? 1_555 C AIB 9  N   ? ? C ALA 8  C AIB 9  1_555 ? ? ? ? ? ? ? 1.328 ? ? 
covale38 covale both ? C AIB 9  C  ? ? ? 1_555 C LEU 10 N   ? ? C AIB 9  C LEU 10 1_555 ? ? ? ? ? ? ? 1.332 ? ? 
covale39 covale both ? C LEU 10 C  ? ? ? 1_555 C AIB 11 N   ? ? C LEU 10 C AIB 11 1_555 ? ? ? ? ? ? ? 1.331 ? ? 
covale40 covale both ? C AIB 11 C  ? ? ? 1_555 C GLN 12 N   ? ? C AIB 11 C GLN 12 1_555 ? ? ? ? ? ? ? 1.331 ? ? 
covale41 covale both ? C GLN 12 C  ? ? ? 1_555 C AIB 13 N   ? ? C GLN 12 C AIB 13 1_555 ? ? ? ? ? ? ? 1.330 ? ? 
covale42 covale both ? C AIB 13 C  ? ? ? 1_555 C LEU 14 N   ? ? C AIB 13 C LEU 14 1_555 ? ? ? ? ? ? ? 1.336 ? ? 
covale43 covale one  ? C LEU 14 C  ? ? ? 1_555 C I77 15 N15 ? ? C LEU 14 C I77 15 1_555 ? ? ? ? ? ? ? 1.424 ? ? 
covale44 covale both ? D Z7Z 1  C1 ? ? ? 1_555 D ALA 2  N   ? ? D Z7Z 1  D ALA 2  1_555 ? ? ? ? ? ? ? 1.426 ? ? 
covale45 covale both ? D ALA 2  C  ? ? ? 1_555 D AIB 3  N   ? ? D ALA 2  D AIB 3  1_555 ? ? ? ? ? ? ? 1.327 ? ? 
covale46 covale both ? D AIB 3  C  ? ? ? 1_555 D ALA 4  N   ? ? D AIB 3  D ALA 4  1_555 ? ? ? ? ? ? ? 1.333 ? ? 
covale47 covale both ? D ALA 4  C  ? ? ? 1_555 D AIB 5  N   ? ? D ALA 4  D AIB 5  1_555 ? ? ? ? ? ? ? 1.332 ? ? 
covale48 covale both ? D AIB 5  C  ? ? ? 1_555 D LEU 6  N   ? ? D AIB 5  D LEU 6  1_555 ? ? ? ? ? ? ? 1.332 ? ? 
covale49 covale both ? D LEU 6  C  ? ? ? 1_555 D AIB 7  N   ? ? D LEU 6  D AIB 7  1_555 ? ? ? ? ? ? ? 1.330 ? ? 
covale50 covale both ? D AIB 7  C  ? ? ? 1_555 D ALA 8  N   ? ? D AIB 7  D ALA 8  1_555 ? ? ? ? ? ? ? 1.335 ? ? 
covale51 covale both ? D ALA 8  C  ? ? ? 1_555 D AIB 9  N   ? ? D ALA 8  D AIB 9  1_555 ? ? ? ? ? ? ? 1.332 ? ? 
covale52 covale both ? D AIB 9  C  ? ? ? 1_555 D LEU 10 N   ? ? D AIB 9  D LEU 10 1_555 ? ? ? ? ? ? ? 1.330 ? ? 
covale53 covale both ? D LEU 10 C  ? ? ? 1_555 D AIB 11 N   ? ? D LEU 10 D AIB 11 1_555 ? ? ? ? ? ? ? 1.326 ? ? 
covale54 covale both ? D AIB 11 C  ? ? ? 1_555 D GLN 12 N   ? ? D AIB 11 D GLN 12 1_555 ? ? ? ? ? ? ? 1.333 ? ? 
covale55 covale both ? D GLN 12 C  ? ? ? 1_555 D AIB 13 N   ? ? D GLN 12 D AIB 13 1_555 ? ? ? ? ? ? ? 1.316 ? ? 
covale56 covale both ? D AIB 13 C  ? ? ? 1_555 D LEU 14 N   ? ? D AIB 13 D LEU 14 1_555 ? ? ? ? ? ? ? 1.332 ? ? 
covale57 covale one  ? D LEU 14 C  ? ? ? 1_555 D I77 15 N15 ? ? D LEU 14 D I77 15 1_555 ? ? ? ? ? ? ? 1.424 ? ? 
# 
_struct_conn_type.id          covale 
_struct_conn_type.criteria    ? 
_struct_conn_type.reference   ? 
# 
_pdbx_entry_details.entry_id                   8VPC 
_pdbx_entry_details.has_ligand_of_interest     Y 
_pdbx_entry_details.compound_details           ? 
_pdbx_entry_details.source_details             ? 
_pdbx_entry_details.nonpolymer_details         ? 
_pdbx_entry_details.sequence_details           ? 
_pdbx_entry_details.has_protein_modification   ? 
# 
_pdbx_validate_close_contact.id               1 
_pdbx_validate_close_contact.PDB_model_num    1 
_pdbx_validate_close_contact.auth_atom_id_1   O 
_pdbx_validate_close_contact.auth_asym_id_1   D 
_pdbx_validate_close_contact.auth_comp_id_1   HOH 
_pdbx_validate_close_contact.auth_seq_id_1    104 
_pdbx_validate_close_contact.PDB_ins_code_1   ? 
_pdbx_validate_close_contact.label_alt_id_1   ? 
_pdbx_validate_close_contact.auth_atom_id_2   O 
_pdbx_validate_close_contact.auth_asym_id_2   D 
_pdbx_validate_close_contact.auth_comp_id_2   HOH 
_pdbx_validate_close_contact.auth_seq_id_2    105 
_pdbx_validate_close_contact.PDB_ins_code_2   ? 
_pdbx_validate_close_contact.label_alt_id_2   ? 
_pdbx_validate_close_contact.dist             2.11 
# 
_space_group_symop.id              1 
_space_group_symop.operation_xyz   x,y,z 
# 
loop_
_pdbx_distant_solvent_atoms.id 
_pdbx_distant_solvent_atoms.PDB_model_num 
_pdbx_distant_solvent_atoms.auth_atom_id 
_pdbx_distant_solvent_atoms.label_alt_id 
_pdbx_distant_solvent_atoms.auth_asym_id 
_pdbx_distant_solvent_atoms.auth_comp_id 
_pdbx_distant_solvent_atoms.auth_seq_id 
_pdbx_distant_solvent_atoms.PDB_ins_code 
_pdbx_distant_solvent_atoms.neighbor_macromolecule_distance 
_pdbx_distant_solvent_atoms.neighbor_ligand_distance 
1 1 O ? A HOH 111 ? 6.14 . 
2 1 O ? C HOH 114 ? 9.18 . 
# 
loop_
_chem_comp_atom.comp_id 
_chem_comp_atom.atom_id 
_chem_comp_atom.type_symbol 
_chem_comp_atom.pdbx_aromatic_flag 
_chem_comp_atom.pdbx_stereo_config 
_chem_comp_atom.pdbx_ordinal 
AIB N    N N N 1   
AIB CA   C N N 2   
AIB C    C N N 3   
AIB O    O N N 4   
AIB OXT  O N N 5   
AIB CB1  C N N 6   
AIB CB2  C N N 7   
AIB H    H N N 8   
AIB H2   H N N 9   
AIB HXT  H N N 10  
AIB HB11 H N N 11  
AIB HB12 H N N 12  
AIB HB13 H N N 13  
AIB HB21 H N N 14  
AIB HB22 H N N 15  
AIB HB23 H N N 16  
ALA N    N N N 17  
ALA CA   C N S 18  
ALA C    C N N 19  
ALA O    O N N 20  
ALA CB   C N N 21  
ALA OXT  O N N 22  
ALA H    H N N 23  
ALA H2   H N N 24  
ALA HA   H N N 25  
ALA HB1  H N N 26  
ALA HB2  H N N 27  
ALA HB3  H N N 28  
ALA HXT  H N N 29  
GLN N    N N N 30  
GLN CA   C N S 31  
GLN C    C N N 32  
GLN O    O N N 33  
GLN CB   C N N 34  
GLN CG   C N N 35  
GLN CD   C N N 36  
GLN OE1  O N N 37  
GLN NE2  N N N 38  
GLN OXT  O N N 39  
GLN H    H N N 40  
GLN H2   H N N 41  
GLN HA   H N N 42  
GLN HB2  H N N 43  
GLN HB3  H N N 44  
GLN HG2  H N N 45  
GLN HG3  H N N 46  
GLN HE21 H N N 47  
GLN HE22 H N N 48  
GLN HXT  H N N 49  
HOH O    O N N 50  
HOH H1   H N N 51  
HOH H2   H N N 52  
I77 C11  C Y N 53  
I77 C12  C Y N 54  
I77 C13  C N N 55  
I77 C17  C Y N 56  
I77 C18  C Y N 57  
I77 C02  C N N 58  
I77 C03  C Y N 59  
I77 C04  C Y N 60  
I77 C05  C Y N 61  
I77 C06  C Y N 62  
I77 C08  C Y N 63  
I77 C09  C Y N 64  
I77 N01  N N N 65  
I77 N07  N Y N 66  
I77 N10  N Y N 67  
I77 N14  N N N 68  
I77 N15  N N N 69  
I77 O16  O N N 70  
I77 O19  O N N 71  
I77 H111 H N N 72  
I77 H171 H N N 73  
I77 H181 H N N 74  
I77 H041 H N N 75  
I77 H051 H N N 76  
I77 H061 H N N 77  
I77 H011 H N N 78  
I77 H012 H N N 79  
I77 H141 H N N 80  
I77 H1   H N N 81  
I77 H2   H N N 82  
LEU N    N N N 83  
LEU CA   C N S 84  
LEU C    C N N 85  
LEU O    O N N 86  
LEU CB   C N N 87  
LEU CG   C N N 88  
LEU CD1  C N N 89  
LEU CD2  C N N 90  
LEU OXT  O N N 91  
LEU H    H N N 92  
LEU H2   H N N 93  
LEU HA   H N N 94  
LEU HB2  H N N 95  
LEU HB3  H N N 96  
LEU HG   H N N 97  
LEU HD11 H N N 98  
LEU HD12 H N N 99  
LEU HD13 H N N 100 
LEU HD21 H N N 101 
LEU HD22 H N N 102 
LEU HD23 H N N 103 
LEU HXT  H N N 104 
Z7Z O1   O N N 105 
Z7Z C1   C N N 106 
Z7Z O2   O N N 107 
Z7Z C2   C Y N 108 
Z7Z C3   C Y N 109 
Z7Z C4   C Y N 110 
Z7Z C5   C Y N 111 
Z7Z C6   C Y N 112 
Z7Z C7   C Y N 113 
Z7Z C8   C Y N 114 
Z7Z C9   C Y N 115 
Z7Z C10  C Y N 116 
Z7Z C11  C Y N 117 
Z7Z C12  C Y N 118 
Z7Z C13  C Y N 119 
Z7Z H1O  H N N 120 
Z7Z H31  H N N 121 
Z7Z H41  H N N 122 
Z7Z H51  H N N 123 
Z7Z H61  H N N 124 
Z7Z H91  H N N 125 
Z7Z H101 H N N 126 
Z7Z H111 H N N 127 
Z7Z H121 H N N 128 
Z7Z H131 H N N 129 
# 
loop_
_chem_comp_bond.comp_id 
_chem_comp_bond.atom_id_1 
_chem_comp_bond.atom_id_2 
_chem_comp_bond.value_order 
_chem_comp_bond.pdbx_aromatic_flag 
_chem_comp_bond.pdbx_stereo_config 
_chem_comp_bond.pdbx_ordinal 
AIB N   CA   sing N N 1   
AIB N   H    sing N N 2   
AIB N   H2   sing N N 3   
AIB CA  C    sing N N 4   
AIB CA  CB1  sing N N 5   
AIB CA  CB2  sing N N 6   
AIB C   O    doub N N 7   
AIB C   OXT  sing N N 8   
AIB OXT HXT  sing N N 9   
AIB CB1 HB11 sing N N 10  
AIB CB1 HB12 sing N N 11  
AIB CB1 HB13 sing N N 12  
AIB CB2 HB21 sing N N 13  
AIB CB2 HB22 sing N N 14  
AIB CB2 HB23 sing N N 15  
ALA N   CA   sing N N 16  
ALA N   H    sing N N 17  
ALA N   H2   sing N N 18  
ALA CA  C    sing N N 19  
ALA CA  CB   sing N N 20  
ALA CA  HA   sing N N 21  
ALA C   O    doub N N 22  
ALA C   OXT  sing N N 23  
ALA CB  HB1  sing N N 24  
ALA CB  HB2  sing N N 25  
ALA CB  HB3  sing N N 26  
ALA OXT HXT  sing N N 27  
GLN N   CA   sing N N 28  
GLN N   H    sing N N 29  
GLN N   H2   sing N N 30  
GLN CA  C    sing N N 31  
GLN CA  CB   sing N N 32  
GLN CA  HA   sing N N 33  
GLN C   O    doub N N 34  
GLN C   OXT  sing N N 35  
GLN CB  CG   sing N N 36  
GLN CB  HB2  sing N N 37  
GLN CB  HB3  sing N N 38  
GLN CG  CD   sing N N 39  
GLN CG  HG2  sing N N 40  
GLN CG  HG3  sing N N 41  
GLN CD  OE1  doub N N 42  
GLN CD  NE2  sing N N 43  
GLN NE2 HE21 sing N N 44  
GLN NE2 HE22 sing N N 45  
GLN OXT HXT  sing N N 46  
HOH O   H1   sing N N 47  
HOH O   H2   sing N N 48  
I77 N15 N14  sing N N 49  
I77 O16 C13  doub N N 50  
I77 N14 C13  sing N N 51  
I77 C13 C12  sing N N 52  
I77 C12 C17  doub Y N 53  
I77 C12 C11  sing Y N 54  
I77 C17 C18  sing Y N 55  
I77 C11 N10  doub Y N 56  
I77 C18 C09  doub Y N 57  
I77 N10 C09  sing Y N 58  
I77 C09 C08  sing N N 59  
I77 C08 N07  doub Y N 60  
I77 C08 C05  sing Y N 61  
I77 N07 C06  sing Y N 62  
I77 C05 C04  doub Y N 63  
I77 C06 C03  doub Y N 64  
I77 C04 C03  sing Y N 65  
I77 C03 C02  sing N N 66  
I77 C02 N01  sing N N 67  
I77 C02 O19  doub N N 68  
I77 C11 H111 sing N N 69  
I77 C17 H171 sing N N 70  
I77 C18 H181 sing N N 71  
I77 C04 H041 sing N N 72  
I77 C05 H051 sing N N 73  
I77 C06 H061 sing N N 74  
I77 N01 H011 sing N N 75  
I77 N01 H012 sing N N 76  
I77 N14 H141 sing N N 77  
I77 N15 H1   sing N N 78  
I77 N15 H2   sing N N 79  
LEU N   CA   sing N N 80  
LEU N   H    sing N N 81  
LEU N   H2   sing N N 82  
LEU CA  C    sing N N 83  
LEU CA  CB   sing N N 84  
LEU CA  HA   sing N N 85  
LEU C   O    doub N N 86  
LEU C   OXT  sing N N 87  
LEU CB  CG   sing N N 88  
LEU CB  HB2  sing N N 89  
LEU CB  HB3  sing N N 90  
LEU CG  CD1  sing N N 91  
LEU CG  CD2  sing N N 92  
LEU CG  HG   sing N N 93  
LEU CD1 HD11 sing N N 94  
LEU CD1 HD12 sing N N 95  
LEU CD1 HD13 sing N N 96  
LEU CD2 HD21 sing N N 97  
LEU CD2 HD22 sing N N 98  
LEU CD2 HD23 sing N N 99  
LEU OXT HXT  sing N N 100 
Z7Z O1  C1   sing N N 101 
Z7Z O1  H1O  sing N N 102 
Z7Z C1  O2   doub N N 103 
Z7Z C1  C2   sing N N 104 
Z7Z C2  C3   doub Y N 105 
Z7Z C2  C5   sing Y N 106 
Z7Z C3  C4   sing Y N 107 
Z7Z C3  H31  sing N N 108 
Z7Z C4  C7   doub Y N 109 
Z7Z C4  H41  sing N N 110 
Z7Z C5  C6   doub Y N 111 
Z7Z C5  H51  sing N N 112 
Z7Z C6  C7   sing Y N 113 
Z7Z C6  H61  sing N N 114 
Z7Z C7  C8   sing N N 115 
Z7Z C8  C9   doub Y N 116 
Z7Z C8  C10  sing Y N 117 
Z7Z C9  C11  sing Y N 118 
Z7Z C9  H91  sing N N 119 
Z7Z C10 C12  doub Y N 120 
Z7Z C10 H101 sing N N 121 
Z7Z C11 C13  doub Y N 122 
Z7Z C11 H111 sing N N 123 
Z7Z C12 C13  sing Y N 124 
Z7Z C12 H121 sing N N 125 
Z7Z C13 H131 sing N N 126 
# 
_pdbx_audit_support.funding_organization   'Department of Energy (DOE, United States)' 
_pdbx_audit_support.country                'United States' 
_pdbx_audit_support.grant_number           DE-AC02-06CH11357 
_pdbx_audit_support.ordinal                1 
# 
_pdbx_initial_refinement_model.id               1 
_pdbx_initial_refinement_model.entity_id_list   ? 
_pdbx_initial_refinement_model.type             'experimental model' 
_pdbx_initial_refinement_model.source_name      PDB 
_pdbx_initial_refinement_model.accession_code   8GK9 
_pdbx_initial_refinement_model.details          ? 
# 
_space_group.name_H-M_alt     'P 1' 
_space_group.name_Hall        'P 1' 
_space_group.IT_number        1 
_space_group.crystal_system   triclinic 
_space_group.id               1 
# 
_atom_sites.entry_id                    8VPC 
_atom_sites.Cartn_transf_matrix[1][1]   ? 
_atom_sites.Cartn_transf_matrix[1][2]   ? 
_atom_sites.Cartn_transf_matrix[1][3]   ? 
_atom_sites.Cartn_transf_matrix[2][1]   ? 
_atom_sites.Cartn_transf_matrix[2][2]   ? 
_atom_sites.Cartn_transf_matrix[2][3]   ? 
_atom_sites.Cartn_transf_matrix[3][1]   ? 
_atom_sites.Cartn_transf_matrix[3][2]   ? 
_atom_sites.Cartn_transf_matrix[3][3]   ? 
_atom_sites.Cartn_transf_vector[1]      ? 
_atom_sites.Cartn_transf_vector[2]      ? 
_atom_sites.Cartn_transf_vector[3]      ? 
_atom_sites.Cartn_transform_axes        ? 
_atom_sites.fract_transf_matrix[1][1]   0.00270302 
_atom_sites.fract_transf_matrix[1][2]   -0.01920401 
_atom_sites.fract_transf_matrix[1][3]   -0.04508375 
_atom_sites.fract_transf_matrix[2][1]   -0.04130321 
_atom_sites.fract_transf_matrix[2][2]   -0.01622594 
_atom_sites.fract_transf_matrix[2][3]   -0.01481009 
_atom_sites.fract_transf_matrix[3][1]   -0.01796486 
_atom_sites.fract_transf_matrix[3][2]   0.02839396 
_atom_sites.fract_transf_matrix[3][3]   -0.03244653 
_atom_sites.fract_transf_vector[1]      0.119255 
_atom_sites.fract_transf_vector[2]      0.087126 
_atom_sites.fract_transf_vector[3]      0.503889 
_atom_sites.solution_primary            ? 
_atom_sites.solution_secondary          ? 
_atom_sites.solution_hydrogens          ? 
_atom_sites.special_details             ? 
# 
loop_
_atom_type.symbol 
_atom_type.scat_dispersion_real 
_atom_type.scat_dispersion_imag 
_atom_type.scat_Cromer_Mann_a1 
_atom_type.scat_Cromer_Mann_a2 
_atom_type.scat_Cromer_Mann_a3 
_atom_type.scat_Cromer_Mann_a4 
_atom_type.scat_Cromer_Mann_b1 
_atom_type.scat_Cromer_Mann_b2 
_atom_type.scat_Cromer_Mann_b3 
_atom_type.scat_Cromer_Mann_b4 
_atom_type.scat_Cromer_Mann_c 
_atom_type.scat_source 
_atom_type.scat_dispersion_source 
C ? ? 2.51340 1.74867 1.72398 ? 31.80534 0.44561  10.58317 ? 0.0 
;3-Gaussian fit: Grosse-Kunstleve RW, Sauter NK, Adams PD: Newsletter of the IUCr Commission on Crystallographic Computing 2004, 3, 22-31.
;
? 
H ? ? 0.53795 0.34799 0.11320 ? 10.08003 29.74760 2.57510  ? 0.0 
;3-Gaussian fit: Grosse-Kunstleve RW, Sauter NK, Adams PD: Newsletter of the IUCr Commission on Crystallographic Computing 2004, 3, 22-31.
;
? 
N ? ? 2.99955 2.25584 1.72788 ? 23.27268 7.45433  0.31622  ? 0.0 
;3-Gaussian fit: Grosse-Kunstleve RW, Sauter NK, Adams PD: Newsletter of the IUCr Commission on Crystallographic Computing 2004, 3, 22-31.
;
? 
O ? ? 4.49882 3.47563 ?       ? 15.80542 1.70748  ?        ? 0.0 
;2-Gaussian fit: Grosse-Kunstleve RW, Sauter NK, Adams PD: Newsletter of the IUCr Commission on Crystallographic Computing 2004, 3, 22-31.
;
? 
# 
loop_
_atom_site.group_PDB 
_atom_site.id 
_atom_site.type_symbol 
_atom_site.label_atom_id 
_atom_site.label_alt_id 
_atom_site.label_comp_id 
_atom_site.label_asym_id 
_atom_site.label_entity_id 
_atom_site.label_seq_id 
_atom_site.pdbx_PDB_ins_code 
_atom_site.Cartn_x 
_atom_site.Cartn_y 
_atom_site.Cartn_z 
_atom_site.occupancy 
_atom_site.B_iso_or_equiv 
_atom_site.pdbx_formal_charge 
_atom_site.auth_seq_id 
_atom_site.auth_comp_id 
_atom_site.auth_asym_id 
_atom_site.auth_atom_id 
_atom_site.pdbx_PDB_model_num 
HETATM 1    C C1   . Z7Z A 1 1  ? -9.49766  -9.15308  1.56028   1.000 5.18305  ? 1   Z7Z A C1   1 
HETATM 2    O O2   . Z7Z A 1 1  ? -8.58631  -8.68603  0.84824   1.000 6.56459  ? 1   Z7Z A O2   1 
HETATM 3    C C2   . Z7Z A 1 1  ? -10.94457 -8.73296  1.36049   1.000 5.33241  ? 1   Z7Z A C2   1 
HETATM 4    C C3   . Z7Z A 1 1  ? -11.98572 -9.56122  1.71443   1.000 4.99780  ? 1   Z7Z A C3   1 
HETATM 5    C C4   . Z7Z A 1 1  ? -13.30405 -9.17296  1.52250   1.000 6.21426  ? 1   Z7Z A C4   1 
HETATM 6    C C5   . Z7Z A 1 1  ? -11.22075 -7.51175  0.78847   1.000 6.15902  ? 1   Z7Z A C5   1 
HETATM 7    C C6   . Z7Z A 1 1  ? -12.53645 -7.12829  0.59622   1.000 6.72452  ? 1   Z7Z A C6   1 
HETATM 8    C C7   . Z7Z A 1 1  ? -13.59034 -7.95509  0.95279   1.000 7.27649  ? 1   Z7Z A C7   1 
HETATM 9    C C8   . Z7Z A 1 1  ? -15.05413 -7.55668  0.75231   1.000 9.73407  ? 1   Z7Z A C8   1 
HETATM 10   C C9   . Z7Z A 1 1  ? -16.06184 -8.07990  1.55485   1.000 11.71017 ? 1   Z7Z A C9   1 
HETATM 11   C C10  . Z7Z A 1 1  ? -15.37899 -6.64995  -0.24366  1.000 11.07829 ? 1   Z7Z A C10  1 
HETATM 12   C C11  . Z7Z A 1 1  ? -17.38154 -7.69992  1.35316   1.000 12.54744 ? 1   Z7Z A C11  1 
HETATM 13   C C12  . Z7Z A 1 1  ? -16.69544 -6.27212  -0.44687  1.000 11.91703 ? 1   Z7Z A C12  1 
HETATM 14   C C13  . Z7Z A 1 1  ? -17.69667 -6.79681  0.35111   1.000 12.84146 ? 1   Z7Z A C13  1 
HETATM 15   H H31  . Z7Z A 1 1  ? -11.77273 -10.53006 2.14904   1.000 5.99736  ? 1   Z7Z A H31  1 
HETATM 16   H H41  . Z7Z A 1 1  ? -14.10987 -9.83141  1.82245   1.000 7.45711  ? 1   Z7Z A H41  1 
HETATM 17   H H51  . Z7Z A 1 1  ? -10.41296 -6.85476  0.49057   1.000 7.39082  ? 1   Z7Z A H51  1 
HETATM 18   H H61  . Z7Z A 1 1  ? -12.74738 -6.16087  0.15748   1.000 8.06943  ? 1   Z7Z A H61  1 
HETATM 19   H H91  . Z7Z A 1 1  ? -15.81652 -8.78546  2.33900   1.000 14.05221 ? 1   Z7Z A H91  1 
HETATM 20   H H101 . Z7Z A 1 1  ? -14.59772 -6.23380  -0.86762  1.000 13.29395 ? 1   Z7Z A H101 1 
HETATM 21   H H111 . Z7Z A 1 1  ? -18.16473 -8.10942  1.97911   1.000 15.05693 ? 1   Z7Z A H111 1 
HETATM 22   H H121 . Z7Z A 1 1  ? -16.94145 -5.56600  -1.23030  1.000 14.30044 ? 1   Z7Z A H121 1 
HETATM 23   H H131 . Z7Z A 1 1  ? -18.72648 -6.50150  0.19233   1.000 15.40975 ? 1   Z7Z A H131 1 
ATOM   24   N N    . ALA A 1 2  ? -9.27715  -10.19453 2.51016   1.000 5.78470  ? 2   ALA A N    1 
ATOM   25   C CA   . ALA A 1 2  ? -7.88239  -10.57434 2.73712   1.000 5.94969  ? 2   ALA A CA   1 
ATOM   26   C C    . ALA A 1 2  ? -7.14866  -10.98733 1.45913   1.000 5.25328  ? 2   ALA A C    1 
ATOM   27   O O    . ALA A 1 2  ? -5.98991  -10.61158 1.25899   1.000 5.96137  ? 2   ALA A O    1 
ATOM   28   C CB   . ALA A 1 2  ? -7.80807  -11.68773 3.76597   1.000 6.96059  ? 2   ALA A CB   1 
ATOM   29   H H    . ALA A 1 2  ? -9.83233  -10.55786 3.05725   1.000 6.94164  ? 2   ALA A H    1 
ATOM   30   H HA   . ALA A 1 2  ? -7.42050  -9.79163  3.07611   1.000 7.13963  ? 2   ALA A HA   1 
ATOM   31   H HB1  . ALA A 1 2  ? -6.87978  -11.93875 3.89315   1.000 8.35271  ? 2   ALA A HB1  1 
ATOM   32   H HB2  . ALA A 1 2  ? -8.18245  -11.37016 4.60256   1.000 8.35271  ? 2   ALA A HB2  1 
ATOM   33   H HB3  . ALA A 1 2  ? -8.31559  -12.44925 3.44441   1.000 8.35271  ? 2   ALA A HB3  1 
HETATM 34   N N    . AIB A 1 3  ? -7.81907  -11.75380 0.60450   1.000 6.09374  ? 3   AIB A N    1 
HETATM 35   C CA   . AIB A 1 3  ? -7.22268  -12.22319 -0.63099  1.000 5.96819  ? 3   AIB A CA   1 
HETATM 36   C C    . AIB A 1 3  ? -6.57821  -11.09778 -1.46307  1.000 6.24958  ? 3   AIB A C    1 
HETATM 37   O O    . AIB A 1 3  ? -5.43431  -11.16189 -1.93055  1.000 6.46203  ? 3   AIB A O    1 
HETATM 38   C CB1  . AIB A 1 3  ? -6.13015  -13.26784 -0.33182  1.000 5.84091  ? 3   AIB A CB1  1 
HETATM 39   C CB2  . AIB A 1 3  ? -8.26517  -12.88413 -1.54864  1.000 6.97973  ? 3   AIB A CB2  1 
HETATM 40   H H    . AIB A 1 3  ? -8.59392  -12.33505 0.85705   1.000 7.31249  ? 3   AIB A H    1 
HETATM 41   H HB11 . AIB A 1 3  ? -5.34532  -12.81553 0.32003   1.000 7.00909  ? 3   AIB A HB11 1 
HETATM 42   H HB12 . AIB A 1 3  ? -6.58104  -14.14503 0.19039   1.000 7.00909  ? 3   AIB A HB12 1 
HETATM 43   H HB13 . AIB A 1 3  ? -5.66351  -13.60845 -1.28665  1.000 7.00909  ? 3   AIB A HB13 1 
HETATM 44   H HB21 . AIB A 1 3  ? -8.68934  -13.77969 -1.03315  1.000 8.37568  ? 3   AIB A HB21 1 
HETATM 45   H HB22 . AIB A 1 3  ? -9.07851  -12.14971 -1.76501  1.000 8.37568  ? 3   AIB A HB22 1 
HETATM 46   H HB23 . AIB A 1 3  ? -7.76938  -13.19321 -2.50067  1.000 8.37568  ? 3   AIB A HB23 1 
ATOM   47   N N    . ALA A 1 4  ? -7.35279  -10.03024 -1.65028  1.000 5.90855  ? 4   ALA A N    1 
ATOM   48   C CA   . ALA A 1 4  ? -6.91316  -8.88611  -2.45569  1.000 6.11839  ? 4   ALA A CA   1 
ATOM   49   C C    . ALA A 1 4  ? -5.85293  -8.08005  -1.73404  1.000 5.63009  ? 4   ALA A C    1 
ATOM   50   O O    . ALA A 1 4  ? -4.87935  -7.62584  -2.34390  1.000 5.75216  ? 4   ALA A O    1 
ATOM   51   C CB   . ALA A 1 4  ? -8.09540  -8.00530  -2.78474  1.000 6.64042  ? 4   ALA A CB   1 
ATOM   52   H H    . ALA A 1 4  ? -8.14211  -9.94143  -1.32061  1.000 7.09026  ? 4   ALA A H    1 
ATOM   53   H HA   . ALA A 1 4  ? -6.52761  -9.21450  -3.28299  1.000 7.34207  ? 4   ALA A HA   1 
ATOM   54   H HB1  . ALA A 1 4  ? -7.79665  -7.27208  -3.34512  1.000 7.96851  ? 4   ALA A HB1  1 
ATOM   55   H HB2  . ALA A 1 4  ? -8.76017  -8.53189  -3.25558  1.000 7.96851  ? 4   ALA A HB2  1 
ATOM   56   H HB3  . ALA A 1 4  ? -8.47086  -7.65953  -1.95990  1.000 7.96851  ? 4   ALA A HB3  1 
HETATM 57   N N    . AIB A 1 5  ? -6.05064  -7.86940  -0.43578  1.000 5.68286  ? 5   AIB A N    1 
HETATM 58   C CA   . AIB A 1 5  ? -5.08235  -7.17264  0.38523   1.000 5.56125  ? 5   AIB A CA   1 
HETATM 59   C C    . AIB A 1 5  ? -3.68866  -7.81220  0.24029   1.000 4.87528  ? 5   AIB A C    1 
HETATM 60   O O    . AIB A 1 5  ? -2.65954  -7.16615  0.06197   1.000 5.49795  ? 5   AIB A O    1 
HETATM 61   C CB1  . AIB A 1 5  ? -4.96596  -5.68030  -0.00086  1.000 6.41897  ? 5   AIB A CB1  1 
HETATM 62   C CB2  . AIB A 1 5  ? -5.50959  -7.28805  1.86563   1.000 5.64780  ? 5   AIB A CB2  1 
HETATM 63   H H    . AIB A 1 5  ? -6.95205  -7.84226  -0.00138  1.000 6.81943  ? 5   AIB A H    1 
HETATM 64   H HB11 . AIB A 1 5  ? -4.70557  -5.59053  -1.08235  1.000 7.70276  ? 5   AIB A HB11 1 
HETATM 65   H HB12 . AIB A 1 5  ? -5.93839  -5.16597  0.18703   1.000 7.70276  ? 5   AIB A HB12 1 
HETATM 66   H HB13 . AIB A 1 5  ? -4.16891  -5.19436  0.61071   1.000 7.70276  ? 5   AIB A HB13 1 
HETATM 67   H HB21 . AIB A 1 5  ? -6.55163  -6.90110  1.97578   1.000 6.77736  ? 5   AIB A HB21 1 
HETATM 68   H HB22 . AIB A 1 5  ? -5.46805  -8.36063  2.17472   1.000 6.77736  ? 5   AIB A HB22 1 
HETATM 69   H HB23 . AIB A 1 5  ? -4.81168  -6.68415  2.49485   1.000 6.77736  ? 5   AIB A HB23 1 
ATOM   70   N N    . LEU A 1 6  ? -3.67578  -9.14282  0.32046   1.000 4.72406  ? 6   LEU A N    1 
ATOM   71   C CA   . LEU A 1 6  ? -2.42013  -9.89584  0.24465   1.000 5.19282  ? 6   LEU A CA   1 
ATOM   72   C C    . LEU A 1 6  ? -1.84430  -9.91281  -1.17148  1.000 5.68053  ? 6   LEU A C    1 
ATOM   73   O O    . LEU A 1 6  ? -0.63051  -9.79412  -1.32962  1.000 5.45121  ? 6   LEU A O    1 
ATOM   74   C CB   . LEU A 1 6  ? -2.61288  -11.32379 0.76690   1.000 4.97942  ? 6   LEU A CB   1 
ATOM   75   C CG   . LEU A 1 6  ? -2.60496  -11.43775 2.29319   1.000 5.64990  ? 6   LEU A CG   1 
ATOM   76   C CD1  . LEU A 1 6  ? -3.23170  -12.76794 2.69375   1.000 6.59349  ? 6   LEU A CD1  1 
ATOM   77   C CD2  . LEU A 1 6  ? -1.21346  -11.31367 2.86317   1.000 5.56221  ? 6   LEU A CD2  1 
ATOM   78   H H    . LEU A 1 6  ? -4.37646  -9.63176  0.41837   1.000 5.66887  ? 6   LEU A H    1 
ATOM   79   H HA   . LEU A 1 6  ? -1.76620  -9.45655  0.81060   1.000 6.23139  ? 6   LEU A HA   1 
ATOM   80   H HB2  . LEU A 1 6  ? -3.46721  -11.65672 0.45038   1.000 5.97531  ? 6   LEU A HB2  1 
ATOM   81   H HB3  . LEU A 1 6  ? -1.89375  -11.87815 0.42568   1.000 5.97531  ? 6   LEU A HB3  1 
ATOM   82   H HG   . LEU A 1 6  ? -3.12151  -10.70715 2.66777   1.000 6.77988  ? 6   LEU A HG   1 
ATOM   83   H HD11 . LEU A 1 6  ? -3.18813  -12.85980 3.65841   1.000 7.91219  ? 6   LEU A HD11 1 
ATOM   84   H HD12 . LEU A 1 6  ? -4.15656  -12.78198 2.40158   1.000 7.91219  ? 6   LEU A HD12 1 
ATOM   85   H HD13 . LEU A 1 6  ? -2.74005  -13.48894 2.27027   1.000 7.91219  ? 6   LEU A HD13 1 
ATOM   86   H HD21 . LEU A 1 6  ? -1.26565  -11.33641 3.83150   1.000 6.67465  ? 6   LEU A HD21 1 
ATOM   87   H HD22 . LEU A 1 6  ? -0.67410  -12.05381 2.54351   1.000 6.67465  ? 6   LEU A HD22 1 
ATOM   88   H HD23 . LEU A 1 6  ? -0.82690  -10.47288 2.57240   1.000 6.67465  ? 6   LEU A HD23 1 
HETATM 89   N N    . AIB A 1 7  ? -2.69108  -10.04173 -2.19236  1.000 5.78379  ? 7   AIB A N    1 
HETATM 90   C CA   . AIB A 1 7  ? -2.24191  -9.95650  -3.57371  1.000 6.16884  ? 7   AIB A CA   1 
HETATM 91   C C    . AIB A 1 7  ? -1.40798  -8.67968  -3.79460  1.000 6.05915  ? 7   AIB A C    1 
HETATM 92   O O    . AIB A 1 7  ? -0.32990  -8.65878  -4.38109  1.000 6.59210  ? 7   AIB A O    1 
HETATM 93   C CB1  . AIB A 1 7  ? -1.36402  -11.16699 -3.96392  1.000 7.14554  ? 7   AIB A CB1  1 
HETATM 94   C CB2  . AIB A 1 7  ? -3.41403  -9.88784  -4.57621  1.000 6.83998  ? 7   AIB A CB2  1 
HETATM 95   H H    . AIB A 1 7  ? -3.56664  -10.52422 -2.14153  1.000 6.94055  ? 7   AIB A H    1 
HETATM 96   H HB11 . AIB A 1 7  ? -0.47371  -11.21812 -3.29296  1.000 8.57465  ? 7   AIB A HB11 1 
HETATM 97   H HB12 . AIB A 1 7  ? -1.95479  -12.10842 -3.86320  1.000 8.57465  ? 7   AIB A HB12 1 
HETATM 98   H HB13 . AIB A 1 7  ? -1.02212  -11.05886 -5.02075  1.000 8.57465  ? 7   AIB A HB13 1 
HETATM 99   H HB21 . AIB A 1 7  ? -4.04595  -10.80176 -4.46171  1.000 8.20797  ? 7   AIB A HB21 1 
HETATM 100  H HB22 . AIB A 1 7  ? -4.02299  -8.97591  -4.36350  1.000 8.20797  ? 7   AIB A HB22 1 
HETATM 101  H HB23 . AIB A 1 7  ? -3.00394  -9.83718  -5.61397  1.000 8.20797  ? 7   AIB A HB23 1 
ATOM   102  N N    . ALA A 1 8  ? -1.94627  -7.57678  -3.27780  1.000 5.59354  ? 8   ALA A N    1 
ATOM   103  C CA   . ALA A 1 8  ? -1.35022  -6.25274  -3.40071  1.000 5.68557  ? 8   ALA A CA   1 
ATOM   104  C C    . ALA A 1 8  ? -0.09082  -6.12040  -2.54765  1.000 5.63944  ? 8   ALA A C    1 
ATOM   105  O O    . ALA A 1 8  ? 0.91115   -5.55591  -2.98901  1.000 6.39505  ? 8   ALA A O    1 
ATOM   106  C CB   . ALA A 1 8  ? -2.37631  -5.22054  -2.98122  1.000 6.71638  ? 8   ALA A CB   1 
ATOM   107  H H    . ALA A 1 8  ? -2.68374  -7.57049  -2.83542  1.000 6.71225  ? 8   ALA A H    1 
ATOM   108  H HA   . ALA A 1 8  ? -1.08891  -6.09813  -4.32196  1.000 6.82268  ? 8   ALA A HA   1 
ATOM   109  H HB1  . ALA A 1 8  ? -1.98834  -4.33584  -3.06883  1.000 8.05965  ? 8   ALA A HB1  1 
ATOM   110  H HB2  . ALA A 1 8  ? -3.15510  -5.29843  -3.55421  1.000 8.05965  ? 8   ALA A HB2  1 
ATOM   111  H HB3  . ALA A 1 8  ? -2.62730  -5.38173  -2.05822  1.000 8.05965  ? 8   ALA A HB3  1 
HETATM 112  N N    . AIB A 1 9  ? -0.14015  -6.65514  -1.33241  1.000 5.63883  ? 9   AIB A N    1 
HETATM 113  C CA   . AIB A 1 9  ? 1.01856   -6.67550  -0.44941  1.000 5.54784  ? 9   AIB A CA   1 
HETATM 114  C C    . AIB A 1 9  ? 2.23168   -7.30808  -1.17144  1.000 5.48918  ? 9   AIB A C    1 
HETATM 115  O O    . AIB A 1 9  ? 3.36689   -6.81485  -1.21223  1.000 5.46062  ? 9   AIB A O    1 
HETATM 116  C CB1  . AIB A 1 9  ? 1.39357   -5.25115  -0.01705  1.000 5.42499  ? 9   AIB A CB1  1 
HETATM 117  C CB2  . AIB A 1 9  ? 0.74657   -7.49554  0.84453   1.000 5.24819  ? 9   AIB A CB2  1 
HETATM 118  H H    . AIB A 1 9  ? -0.79671  -7.35731  -1.05337  1.000 6.76659  ? 9   AIB A H    1 
HETATM 119  H HB11 . AIB A 1 9  ? 1.69928   -4.65506  -0.90962  1.000 6.50999  ? 9   AIB A HB11 1 
HETATM 120  H HB12 . AIB A 1 9  ? 0.51599   -4.76191  0.46870   1.000 6.50999  ? 9   AIB A HB12 1 
HETATM 121  H HB13 . AIB A 1 9  ? 2.24129   -5.28874  0.70779   1.000 6.50999  ? 9   AIB A HB13 1 
HETATM 122  H HB21 . AIB A 1 9  ? -0.08233  -7.01141  1.41571   1.000 6.29783  ? 9   AIB A HB21 1 
HETATM 123  H HB22 . AIB A 1 9  ? 0.45596   -8.53651  0.56234   1.000 6.29783  ? 9   AIB A HB22 1 
HETATM 124  H HB23 . AIB A 1 9  ? 1.67475   -7.51546  1.46561   1.000 6.29783  ? 9   AIB A HB23 1 
ATOM   125  N N    . LEU A 1 10 ? 1.93325   -8.45007  -1.78815  1.000 5.50199  ? 10  LEU A N    1 
ATOM   126  C CA   . LEU A 1 10 ? 2.91179   -9.23234  -2.53885  1.000 5.41401  ? 10  LEU A CA   1 
ATOM   127  C C    . LEU A 1 10 ? 3.43265   -8.45212  -3.72346  1.000 5.32151  ? 10  LEU A C    1 
ATOM   128  O O    . LEU A 1 10 ? 4.64321   -8.41207  -3.96561  1.000 5.92752  ? 10  LEU A O    1 
ATOM   129  C CB   . LEU A 1 10 ? 2.28325   -10.53479 -3.03262  1.000 5.57446  ? 10  LEU A CB   1 
ATOM   130  C CG   . LEU A 1 10 ? 3.23307   -11.49775 -3.74665  1.000 5.80390  ? 10  LEU A CG   1 
ATOM   131  C CD1  . LEU A 1 10 ? 4.38207   -11.94436 -2.84345  1.000 6.52104  ? 10  LEU A CD1  1 
ATOM   132  C CD2  . LEU A 1 10 ? 2.47839   -12.71172 -4.28577  1.000 6.43010  ? 10  LEU A CD2  1 
ATOM   133  H H    . LEU A 1 10 ? 1.14889   -8.80274  -1.78652  1.000 6.60239  ? 10  LEU A H    1 
ATOM   134  H HA   . LEU A 1 10 ? 3.65684   -9.44579  -1.95555  1.000 6.49681  ? 10  LEU A HA   1 
ATOM   135  H HB2  . LEU A 1 10 ? 1.91687   -11.00477 -2.26725  1.000 6.68936  ? 10  LEU A HB2  1 
ATOM   136  H HB3  . LEU A 1 10 ? 1.57420   -10.31286 -3.65622  1.000 6.68936  ? 10  LEU A HB3  1 
ATOM   137  H HG   . LEU A 1 10 ? 3.62330   -11.02157 -4.49624  1.000 6.96468  ? 10  LEU A HG   1 
ATOM   138  H HD11 . LEU A 1 10 ? 4.91598   -12.60333 -3.31417  1.000 7.82524  ? 10  LEU A HD11 1 
ATOM   139  H HD12 . LEU A 1 10 ? 4.92769   -11.17352 -2.62207  1.000 7.82524  ? 10  LEU A HD12 1 
ATOM   140  H HD13 . LEU A 1 10 ? 4.01483   -12.33308 -2.03417  1.000 7.82524  ? 10  LEU A HD13 1 
ATOM   141  H HD21 . LEU A 1 10 ? 3.10815   -13.30725 -4.72126  1.000 7.71612  ? 10  LEU A HD21 1 
ATOM   142  H HD22 . LEU A 1 10 ? 2.04718   -13.16915 -3.54704  1.000 7.71612  ? 10  LEU A HD22 1 
ATOM   143  H HD23 . LEU A 1 10 ? 1.81182   -12.41161 -4.92336  1.000 7.71612  ? 10  LEU A HD23 1 
HETATM 144  N N    . AIB A 1 11 ? 2.52742   -7.84532  -4.47532  1.000 5.83357  ? 11  AIB A N    1 
HETATM 145  C CA   . AIB A 1 11 ? 2.91304   -7.02581  -5.59638  1.000 5.52721  ? 11  AIB A CA   1 
HETATM 146  C C    . AIB A 1 11 ? 3.99577   -5.98837  -5.20371  1.000 5.99352  ? 11  AIB A C    1 
HETATM 147  O O    . AIB A 1 11 ? 5.00841   -5.76110  -5.88083  1.000 6.08805  ? 11  AIB A O    1 
HETATM 148  C CB1  . AIB A 1 11 ? 3.48917   -7.89183  -6.73882  1.000 5.39059  ? 11  AIB A CB1  1 
HETATM 149  C CB2  . AIB A 1 11 ? 1.70073   -6.26985  -6.16725  1.000 6.12523  ? 11  AIB A CB2  1 
HETATM 150  H H    . AIB A 1 11 ? 1.57684   -8.14453  -4.56964  1.000 7.00028  ? 11  AIB A H    1 
HETATM 151  H HB11 . AIB A 1 11 ? 4.33720   -8.50681  -6.35398  1.000 6.46871  ? 11  AIB A HB11 1 
HETATM 152  H HB12 . AIB A 1 11 ? 2.69506   -8.56813  -7.13564  1.000 6.46871  ? 11  AIB A HB12 1 
HETATM 153  H HB13 . AIB A 1 11 ? 3.85630   -7.23347  -7.56175  1.000 6.46871  ? 11  AIB A HB13 1 
HETATM 154  H HB21 . AIB A 1 11 ? 0.97611   -7.00797  -6.58891  1.000 7.35027  ? 11  AIB A HB21 1 
HETATM 155  H HB22 . AIB A 1 11 ? 1.21530   -5.68686  -5.34740  1.000 7.35027  ? 11  AIB A HB22 1 
HETATM 156  H HB23 . AIB A 1 11 ? 2.04851   -5.57706  -6.97147  1.000 7.35027  ? 11  AIB A HB23 1 
ATOM   157  N N    . GLN A 1 12 ? 3.75832   -5.33050  -4.06896  1.000 5.77352  ? 12  GLN A N    1 
ATOM   158  C CA   . GLN A 1 12 ? 4.68905   -4.33182  -3.55490  1.000 5.93008  ? 12  GLN A CA   1 
ATOM   159  C C    . GLN A 1 12 ? 6.01188   -4.97214  -3.11993  1.000 5.30203  ? 12  GLN A C    1 
ATOM   160  O O    . GLN A 1 12 ? 7.08850   -4.48620  -3.48451  1.000 5.60734  ? 12  GLN A O    1 
ATOM   161  C CB   . GLN A 1 12 ? 4.05564   -3.55176  -2.40341  1.000 6.54739  ? 12  GLN A CB   1 
ATOM   162  C CG   . GLN A 1 12 ? 4.85152   -2.36064  -1.91138  1.000 7.43004  ? 12  GLN A CG   1 
ATOM   163  C CD   . GLN A 1 12 ? 5.33463   -2.51714  -0.48093  1.000 10.40936 ? 12  GLN A CD   1 
ATOM   164  O OE1  . GLN A 1 12 ? 6.39794   -3.07765  -0.21685  1.000 11.49594 ? 12  GLN A OE1  1 
ATOM   165  N NE2  . GLN A 1 12 ? 4.52226   -2.05619  0.45786   1.000 11.64439 ? 12  GLN A NE2  1 
ATOM   166  H H    . GLN A 1 12 ? 3.06194   -5.44629  -3.57779  1.000 6.92823  ? 12  GLN A H    1 
ATOM   167  H HA   . GLN A 1 12 ? 4.89490   -3.69844  -4.26014  1.000 7.11609  ? 12  GLN A HA   1 
ATOM   168  H HB2  . GLN A 1 12 ? 3.19206   -3.22144  -2.69670  1.000 7.85687  ? 12  GLN A HB2  1 
ATOM   169  H HB3  . GLN A 1 12 ? 3.94251   -4.15446  -1.65184  1.000 7.85687  ? 12  GLN A HB3  1 
ATOM   170  H HG2  . GLN A 1 12 ? 5.63006   -2.24624  -2.47855  1.000 8.91604  ? 12  GLN A HG2  1 
ATOM   171  H HG3  . GLN A 1 12 ? 4.29191   -1.56941  -1.95256  1.000 8.91604  ? 12  GLN A HG3  1 
ATOM   172  H HE21 . GLN A 1 12 ? 3.77303   -1.69523  0.23887   1.000 13.97327 ? 12  GLN A HE21 1 
ATOM   173  H HE22 . GLN A 1 12 ? 4.74394   -2.11782  1.28652   1.000 13.97327 ? 12  GLN A HE22 1 
HETATM 174  N N    . AIB A 1 13 ? 5.91111   -6.05820  -2.34978  1.000 5.69053  ? 13  AIB A N    1 
HETATM 175  C CA   . AIB A 1 13 ? 7.06951   -6.76185  -1.82954  1.000 5.57253  ? 13  AIB A CA   1 
HETATM 176  C C    . AIB A 1 13 ? 8.06648   -7.19097  -2.92458  1.000 5.62073  ? 13  AIB A C    1 
HETATM 177  O O    . AIB A 1 13 ? 9.28923   -7.25144  -2.76313  1.000 5.38952  ? 13  AIB A O    1 
HETATM 178  C CB1  . AIB A 1 13 ? 7.84517   -5.89508  -0.80682  1.000 6.22470  ? 13  AIB A CB1  1 
HETATM 179  C CB2  . AIB A 1 13 ? 6.62370   -8.05926  -1.11727  1.000 5.89460  ? 13  AIB A CB2  1 
HETATM 180  H H    . AIB A 1 13 ? 5.10830   -6.27509  -1.79259  1.000 6.82863  ? 13  AIB A H    1 
HETATM 181  H HB11 . AIB A 1 13 ? 8.22836   -4.97438  -1.30776  1.000 7.46964  ? 13  AIB A HB11 1 
HETATM 182  H HB12 . AIB A 1 13 ? 7.16703   -5.60310  0.03003   1.000 7.46964  ? 13  AIB A HB12 1 
HETATM 183  H HB13 . AIB A 1 13 ? 8.70558   -6.47587  -0.39717  1.000 7.46964  ? 13  AIB A HB13 1 
HETATM 184  H HB21 . AIB A 1 13 ? 5.96278   -7.79427  -0.25665  1.000 7.07352  ? 13  AIB A HB21 1 
HETATM 185  H HB22 . AIB A 1 13 ? 6.06504   -8.69979  -1.84205  1.000 7.07352  ? 13  AIB A HB22 1 
HETATM 186  H HB23 . AIB A 1 13 ? 7.52767   -8.60221  -0.74886  1.000 7.07352  ? 13  AIB A HB23 1 
ATOM   187  N N    . LEU A 1 14 ? 7.50047   -7.50229  -4.08972  1.000 5.92056  ? 14  LEU A N    1 
ATOM   188  C CA   . LEU A 1 14 ? 8.28565   -7.97137  -5.24256  1.000 6.45014  ? 14  LEU A CA   1 
ATOM   189  C C    . LEU A 1 14 ? 8.72277   -6.84180  -6.17033  1.000 7.06720  ? 14  LEU A C    1 
ATOM   190  O O    . LEU A 1 14 ? 9.27370   -7.04029  -7.26070  1.000 7.80631  ? 14  LEU A O    1 
ATOM   191  C CB   . LEU A 1 14 ? 7.47391   -8.99233  -6.03835  1.000 6.54553  ? 14  LEU A CB   1 
ATOM   192  C CG   . LEU A 1 14 ? 7.17430   -10.29861 -5.29633  1.000 6.77119  ? 14  LEU A CG   1 
ATOM   193  C CD1  . LEU A 1 14 ? 6.24516   -11.18739 -6.09642  1.000 7.14644  ? 14  LEU A CD1  1 
ATOM   194  C CD2  . LEU A 1 14 ? 8.46714   -11.04637 -4.94181  1.000 7.37087  ? 14  LEU A CD2  1 
ATOM   195  H H    . LEU A 1 14 ? 6.65602   -7.45151  -4.24436  1.000 7.10467  ? 14  LEU A H    1 
ATOM   196  H HA   . LEU A 1 14 ? 9.09450   -8.38441  -4.90188  1.000 7.74017  ? 14  LEU A HA   1 
ATOM   197  H HB2  . LEU A 1 14 ? 6.62382   -8.59009  -6.27596  1.000 7.85463  ? 14  LEU A HB2  1 
ATOM   198  H HB3  . LEU A 1 14 ? 7.96925   -9.21954  -6.84080  1.000 7.85463  ? 14  LEU A HB3  1 
ATOM   199  H HG   . LEU A 1 14 ? 6.72469   -10.07435 -4.46659  1.000 8.12543  ? 14  LEU A HG   1 
ATOM   200  H HD11 . LEU A 1 14 ? 6.07821   -12.00140 -5.59601  1.000 8.57573  ? 14  LEU A HD11 1 
ATOM   201  H HD12 . LEU A 1 14 ? 5.41123   -10.71611 -6.24922  1.000 8.57573  ? 14  LEU A HD12 1 
ATOM   202  H HD13 . LEU A 1 14 ? 6.66479   -11.40066 -6.94454  1.000 8.57573  ? 14  LEU A HD13 1 
ATOM   203  H HD21 . LEU A 1 14 ? 8.23868   -11.89440 -4.53002  1.000 8.84504  ? 14  LEU A HD21 1 
ATOM   204  H HD22 . LEU A 1 14 ? 8.97623   -11.19916 -5.75321  1.000 8.84504  ? 14  LEU A HD22 1 
ATOM   205  H HD23 . LEU A 1 14 ? 8.98442   -10.50707 -4.32336  1.000 8.84504  ? 14  LEU A HD23 1 
HETATM 206  C C11  A I77 A 1 15 ? 8.76129   -1.80450  -7.84308  0.880 9.41506  ? 15  I77 A C11  1 
HETATM 207  C C11  B I77 A 1 15 ? 8.99106   -1.64153  -7.84066  0.120 11.89943 ? 15  I77 A C11  1 
HETATM 208  C C12  A I77 A 1 15 ? 9.85022   -2.51304  -7.36095  0.880 8.20008  ? 15  I77 A C12  1 
HETATM 209  C C12  B I77 A 1 15 ? 10.03544  -2.38605  -7.31220  0.120 11.33422 ? 15  I77 A C12  1 
HETATM 210  C C13  A I77 A 1 15 ? 9.70516   -3.83240  -6.63294  0.880 7.52215  ? 15  I77 A C13  1 
HETATM 211  C C13  B I77 A 1 15 ? 9.80499   -3.73234  -6.62835  0.120 10.17494 ? 15  I77 A C13  1 
HETATM 212  C C17  A I77 A 1 15 ? 11.12613  -1.97577  -7.45075  0.880 9.04956  ? 15  I77 A C17  1 
HETATM 213  C C17  B I77 A 1 15 ? 11.32857  -1.88003  -7.37122  0.120 11.81738 ? 15  I77 A C17  1 
HETATM 214  C C18  A I77 A 1 15 ? 11.29446  -0.75326  -8.06118  0.880 10.07866 ? 15  I77 A C18  1 
HETATM 215  C C18  B I77 A 1 15 ? 11.53203  -0.65501  -7.97229  0.120 12.18402 ? 15  I77 A C18  1 
HETATM 216  C C02  A I77 A 1 15 ? 10.82699  5.11833   -10.85446 0.880 16.16667 ? 15  I77 A C02  1 
HETATM 217  C C02  B I77 A 1 15 ? 11.51639  5.23767   -10.79778 0.120 13.73633 ? 15  I77 A C02  1 
HETATM 218  C C03  A I77 A 1 15 ? 10.63085  3.71656   -10.24909 0.880 14.75901 ? 15  I77 A C03  1 
HETATM 219  C C03  B I77 A 1 15 ? 11.19091  3.84767   -10.19714 0.120 13.51718 ? 15  I77 A C03  1 
HETATM 220  C C04  A I77 A 1 15 ? 9.34509   3.21553   -10.11981 0.880 13.84952 ? 15  I77 A C04  1 
HETATM 221  C C04  B I77 A 1 15 ? 9.87275   3.41527   -10.13002 0.120 13.54928 ? 15  I77 A C04  1 
HETATM 222  C C05  A I77 A 1 15 ? 9.20518   1.95606   -9.56736  0.880 13.14164 ? 15  I77 A C05  1 
HETATM 223  C C05  B I77 A 1 15 ? 9.62506   2.16401   -9.57972  0.120 13.40552 ? 15  I77 A C05  1 
HETATM 224  C C06  A I77 A 1 15 ? 11.72834  2.98232   -9.82999  0.880 14.34904 ? 15  I77 A C06  1 
HETATM 225  C C06  B I77 A 1 15 ? 12.20665  3.03740   -9.71937  0.120 13.35871 ? 15  I77 A C06  1 
HETATM 226  C C08  A I77 A 1 15 ? 10.33885  1.25709   -9.19126  0.880 12.59340 ? 15  I77 A C08  1 
HETATM 227  C C08  B I77 A 1 15 ? 10.68696  1.39299   -9.13338  0.120 13.11822 ? 15  I77 A C08  1 
HETATM 228  C C09  A I77 A 1 15 ? 10.17454  -0.10339  -8.55383  0.880 10.74027 ? 15  I77 A C09  1 
HETATM 229  C C09  B I77 A 1 15 ? 10.44844  0.03278   -8.50118  0.120 12.55560 ? 15  I77 A C09  1 
HETATM 230  N N01  A I77 A 1 15 ? 9.71870   5.79527   -11.51850 0.880 16.87473 ? 15  I77 A N01  1 
HETATM 231  N N01  B I77 A 1 15 ? 10.46117  6.03488   -11.41851 0.120 13.69735 ? 15  I77 A N01  1 
HETATM 232  N N07  A I77 A 1 15 ? 11.54161  1.78607   -9.31101  0.880 13.76658 ? 15  I77 A N07  1 
HETATM 233  N N07  B I77 A 1 15 ? 11.92012  1.85593   -9.20598  0.120 13.33928 ? 15  I77 A N07  1 
HETATM 234  N N10  A I77 A 1 15 ? 8.96411   -0.63506  -8.42322  0.880 10.52504 ? 15  I77 A N10  1 
HETATM 235  N N10  B I77 A 1 15 ? 9.22777   -0.47196  -8.40738  0.120 12.30081 ? 15  I77 A N10  1 
HETATM 236  N N14  A I77 A 1 15 ? 8.36271   -4.40409  -6.52846  0.880 7.34616  ? 15  I77 A N14  1 
HETATM 237  N N14  B I77 A 1 15 ? 8.45202   -4.29256  -6.58714  0.120 9.04678  ? 15  I77 A N14  1 
HETATM 238  N N15  A I77 A 1 15 ? 8.15298   -5.59158  -5.79873  0.880 6.91714  ? 15  I77 A N15  1 
HETATM 239  N N15  B I77 A 1 15 ? 8.22909   -5.52557  -5.92641  0.120 7.93257  ? 15  I77 A N15  1 
HETATM 240  O O16  A I77 A 1 15 ? 10.66239  -4.30234  -6.10393  0.880 7.56450  ? 15  I77 A O16  1 
HETATM 241  O O16  B I77 A 1 15 ? 10.71243  -4.29638  -6.10544  0.120 10.21212 ? 15  I77 A O16  1 
HETATM 242  O O19  A I77 A 1 15 ? 11.87474  5.64643   -10.75733 0.880 16.37325 ? 15  I77 A O19  1 
HETATM 243  O O19  B I77 A 1 15 ? 12.61867  5.66198   -10.74111 0.120 14.05910 ? 15  I77 A O19  1 
HETATM 244  H H111 A I77 A 1 15 ? 7.76281   -2.20184  -7.74618  0.880 11.29807 ? 15  I77 A H111 1 
HETATM 245  H H111 B I77 A 1 15 ? 7.98160   -2.01905  -7.78867  0.120 14.27932 ? 15  I77 A H111 1 
HETATM 246  H H171 A I77 A 1 15 ? 11.98260  -2.51353  -7.04408  0.880 10.85947 ? 15  I77 A H171 1 
HETATM 247  H H171 B I77 A 1 15 ? 12.16457  -2.43941  -6.95136  0.120 14.18086 ? 15  I77 A H171 1 
HETATM 248  H H181 A I77 A 1 15 ? 12.28291  -0.30828  -8.15444  0.880 12.09439 ? 15  I77 A H181 1 
HETATM 249  H H181 B I77 A 1 15 ? 12.53260  -0.23179  -8.03127  0.120 14.62082 ? 15  I77 A H181 1 
HETATM 250  H H041 A I77 A 1 15 ? 8.49060   3.78383   -10.43658 0.880 16.61942 ? 15  I77 A H041 1 
HETATM 251  H H041 B I77 A 1 15 ? 9.06970   4.02946   -10.49246 0.120 16.25914 ? 15  I77 A H041 1 
HETATM 252  H H051 A I77 A 1 15 ? 8.22230   1.52229   -9.43073  0.880 15.76997 ? 15  I77 A H051 1 
HETATM 253  H H051 B I77 A 1 15 ? 8.61046   1.79374   -9.50000  0.120 16.08662 ? 15  I77 A H051 1 
HETATM 254  H H061 A I77 A 1 15 ? 12.72623  3.38633   -9.92770  0.880 17.21885 ? 15  I77 A H061 1 
HETATM 255  H H061 B I77 A 1 15 ? 13.23342  3.37215   -9.76679  0.120 16.03045 ? 15  I77 A H061 1 
HETATM 256  H H011 A I77 A 1 15 ? 9.85645   6.70526   -11.90450 0.880 20.24968 ? 15  I77 A H011 1 
HETATM 257  H H011 B I77 A 1 15 ? 10.67272  6.93213   -11.80206 0.120 16.43682 ? 15  I77 A H011 1 
HETATM 258  H H012 A I77 A 1 15 ? 8.82210   5.34554   -11.59642 0.880 20.24968 ? 15  I77 A H012 1 
HETATM 259  H H012 B I77 A 1 15 ? 9.52006   5.67959   -11.46631 0.120 16.43682 ? 15  I77 A H012 1 
HETATM 260  H H141 A I77 A 1 15 ? 7.58686   -3.94862  -6.97862  0.880 8.81539  ? 15  I77 A H141 1 
HETATM 261  H H141 B I77 A 1 15 ? 7.68767   -3.80600  -7.02425  0.120 10.85614 ? 15  I77 A H141 1 
HETATM 262  H H1   A I77 A 1 15 ? 7.18105   -5.64125  -5.55729  0.880 8.30057  ? 15  I77 A H1   1 
HETATM 263  H H1   B I77 A 1 15 ? 7.27456   -5.55900  -5.61157  0.120 9.51909  ? 15  I77 A H1   1 
HETATM 264  C C1   . Z7Z B 1 1  ? 5.71239   9.17657   -5.89193  1.000 4.98577  ? 1   Z7Z B C1   1 
HETATM 265  O O2   . Z7Z B 1 1  ? 4.81623   8.32450   -5.73332  1.000 5.92252  ? 1   Z7Z B O2   1 
HETATM 266  C C2   . Z7Z B 1 1  ? 7.16130   8.85859   -5.56923  1.000 4.89514  ? 1   Z7Z B C2   1 
HETATM 267  C C3   . Z7Z B 1 1  ? 7.41887   7.72077   -4.85095  1.000 5.38696  ? 1   Z7Z B C3   1 
HETATM 268  C C4   . Z7Z B 1 1  ? 8.72059   7.38342   -4.52110  1.000 5.42367  ? 1   Z7Z B C4   1 
HETATM 269  C C5   . Z7Z B 1 1  ? 8.19916   9.66934   -5.95381  1.000 4.98496  ? 1   Z7Z B C5   1 
HETATM 270  C C6   . Z7Z B 1 1  ? 9.50421   9.33305   -5.62922  1.000 5.47328  ? 1   Z7Z B C6   1 
HETATM 271  C C7   . Z7Z B 1 1  ? 9.77341   8.19347   -4.90669  1.000 5.17598  ? 1   Z7Z B C7   1 
HETATM 272  C C8   . Z7Z B 1 1  ? 11.23011  7.85834   -4.57562  1.000 5.78064  ? 1   Z7Z B C8   1 
HETATM 273  C C9   . Z7Z B 1 1  ? 11.62423  6.53817   -4.45304  1.000 6.21869  ? 1   Z7Z B C9   1 
HETATM 274  C C10  . Z7Z B 1 1  ? 12.16409  8.86968   -4.40582  1.000 6.29259  ? 1   Z7Z B C10  1 
HETATM 275  C C11  . Z7Z B 1 1  ? 12.94549  6.23822   -4.17034  1.000 6.33397  ? 1   Z7Z B C11  1 
HETATM 276  C C12  . Z7Z B 1 1  ? 13.48560  8.56423   -4.11875  1.000 6.35081  ? 1   Z7Z B C12  1 
HETATM 277  C C13  . Z7Z B 1 1  ? 13.87463  7.24474   -3.99953  1.000 6.32914  ? 1   Z7Z B C13  1 
HETATM 278  H H31  . Z7Z B 1 1  ? 6.60100   7.08261   -4.53990  1.000 6.46435  ? 1   Z7Z B H31  1 
HETATM 279  H H41  . Z7Z B 1 1  ? 8.91572   6.47944   -3.95751  1.000 6.50840  ? 1   Z7Z B H41  1 
HETATM 280  H H51  . Z7Z B 1 1  ? 7.99819   10.57491  -6.51275  1.000 5.98196  ? 1   Z7Z B H51  1 
HETATM 281  H H61  . Z7Z B 1 1  ? 10.31851  9.97248   -5.94691  1.000 6.56794  ? 1   Z7Z B H61  1 
HETATM 282  H H91  . Z7Z B 1 1  ? 10.90115  5.74164   -4.57789  1.000 7.46243  ? 1   Z7Z B H91  1 
HETATM 283  H H101 . Z7Z B 1 1  ? 11.85901  9.90472   -4.49810  1.000 7.55111  ? 1   Z7Z B H101 1 
HETATM 284  H H111 . Z7Z B 1 1  ? 13.25344  5.20366   -4.08227  1.000 7.60076  ? 1   Z7Z B H111 1 
HETATM 285  H H121 . Z7Z B 1 1  ? 14.21060  9.35814   -3.98841  1.000 7.62098  ? 1   Z7Z B H121 1 
HETATM 286  H H131 . Z7Z B 1 1  ? 14.90504  7.00035   -3.77282  1.000 7.59496  ? 1   Z7Z B H131 1 
ATOM   287  N N    . ALA B 1 2  ? 5.43100   10.48827  -6.36715  1.000 4.85221  ? 2   ALA B N    1 
ATOM   288  C CA   . ALA B 1 2  ? 4.03599   10.84813  -6.57640  1.000 5.11197  ? 2   ALA B CA   1 
ATOM   289  C C    . ALA B 1 2  ? 3.37360   9.93090   -7.58921  1.000 4.80793  ? 2   ALA B C    1 
ATOM   290  O O    . ALA B 1 2  ? 2.22159   9.54151   -7.41962  1.000 5.18685  ? 2   ALA B O    1 
ATOM   291  C CB   . ALA B 1 2  ? 3.93772   12.28323  -7.03125  1.000 5.58761  ? 2   ALA B CB   1 
ATOM   292  H H    . ALA B 1 2  ? 5.99127   11.06651  -6.66870  1.000 5.82265  ? 2   ALA B H    1 
ATOM   293  H HA   . ALA B 1 2  ? 3.55898   10.75544  -5.73689  1.000 6.13436  ? 2   ALA B HA   1 
ATOM   294  H HB1  . ALA B 1 2  ? 3.00243   12.51778  -7.13662  1.000 6.70513  ? 2   ALA B HB1  1 
ATOM   295  H HB2  . ALA B 1 2  ? 4.34897   12.85483  -6.36413  1.000 6.70513  ? 2   ALA B HB2  1 
ATOM   296  H HB3  . ALA B 1 2  ? 4.40008   12.37828  -7.87866  1.000 6.70513  ? 2   ALA B HB3  1 
HETATM 297  N N    . AIB B 1 3  ? 4.10214   9.62502   -8.65772  1.000 5.04053  ? 3   AIB B N    1 
HETATM 298  C CA   . AIB B 1 3  ? 3.59143   8.76401   -9.69373  1.000 4.77372  ? 3   AIB B CA   1 
HETATM 299  C C    . AIB B 1 3  ? 2.98525   7.45880   -9.14319  1.000 5.87181  ? 3   AIB B C    1 
HETATM 300  O O    . AIB B 1 3  ? 1.87574   7.02768   -9.46416  1.000 5.98789  ? 3   AIB B O    1 
HETATM 301  C CB1  . AIB B 1 3  ? 2.48668   9.46443   -10.51442 1.000 5.79820  ? 3   AIB B CB1  1 
HETATM 302  C CB2  . AIB B 1 3  ? 4.71564   8.34386   -10.65465 1.000 5.80213  ? 3   AIB B CB2  1 
HETATM 303  H H    . AIB B 1 3  ? 4.85586   10.18344  -9.00713  1.000 6.04863  ? 3   AIB B H    1 
HETATM 304  H HB11 . AIB B 1 3  ? 1.68700   9.83505   -9.82986  1.000 6.95784  ? 3   AIB B HB11 1 
HETATM 305  H HB12 . AIB B 1 3  ? 2.92209   10.32740  -11.07224 1.000 6.95784  ? 3   AIB B HB12 1 
HETATM 306  H HB13 . AIB B 1 3  ? 2.04314   8.74302   -11.24125 1.000 6.95784  ? 3   AIB B HB13 1 
HETATM 307  H HB21 . AIB B 1 3  ? 5.10813   9.25064   -11.17557 1.000 6.96256  ? 3   AIB B HB21 1 
HETATM 308  H HB22 . AIB B 1 3  ? 5.53359   7.85835   -10.06904 1.000 6.96256  ? 3   AIB B HB22 1 
HETATM 309  H HB23 . AIB B 1 3  ? 4.30536   7.62350   -11.40329 1.000 6.96256  ? 3   AIB B HB23 1 
ATOM   310  N N    . ALA B 1 4  ? 3.73431   6.81786   -8.24777  1.000 5.29810  ? 4   ALA B N    1 
ATOM   311  C CA   . ALA B 1 4  ? 3.33842   5.53825   -7.68739  1.000 5.49971  ? 4   ALA B CA   1 
ATOM   312  C C    . ALA B 1 4  ? 2.23916   5.70183   -6.64314  1.000 5.60278  ? 4   ALA B C    1 
ATOM   313  O O    . ALA B 1 4  ? 1.29449   4.91751   -6.60871  1.000 5.39922  ? 4   ALA B O    1 
ATOM   314  C CB   . ALA B 1 4  ? 4.54229   4.86339   -7.09346  1.000 6.65123  ? 4   ALA B CB   1 
ATOM   315  H H    . ALA B 1 4  ? 4.48513   7.11084   -7.94770  1.000 6.35772  ? 4   ALA B H    1 
ATOM   316  H HA   . ALA B 1 4  ? 2.98048   4.97432   -8.39080  1.000 6.59965  ? 4   ALA B HA   1 
ATOM   317  H HB1  . ALA B 1 4  ? 4.26649   4.02811   -6.68463  1.000 7.98147  ? 4   ALA B HB1  1 
ATOM   318  H HB2  . ALA B 1 4  ? 5.18666   4.69015   -7.79750  1.000 7.98147  ? 4   ALA B HB2  1 
ATOM   319  H HB3  . ALA B 1 4  ? 4.93282   5.44636   -6.42374  1.000 7.98147  ? 4   ALA B HB3  1 
HETATM 320  N N    . AIB B 1 5  ? 2.38265   6.69932   -5.77791  1.000 5.38170  ? 5   AIB B N    1 
HETATM 321  C CA   . AIB B 1 5  ? 1.37887   6.99110   -4.77259  1.000 5.57367  ? 5   AIB B CA   1 
HETATM 322  C C    . AIB B 1 5  ? -0.01671  7.14385   -5.39542  1.000 4.93945  ? 5   AIB B C    1 
HETATM 323  O O    . AIB B 1 5  ? -1.00823  6.55687   -4.97116  1.000 4.97708  ? 5   AIB B O    1 
HETATM 324  C CB1  . AIB B 1 5  ? 1.33011   5.88824   -3.70126  1.000 5.64670  ? 5   AIB B CB1  1 
HETATM 325  C CB2  . AIB B 1 5  ? 1.66309   8.31255   -4.04037  1.000 5.86670  ? 5   AIB B CB2  1 
HETATM 326  H H    . AIB B 1 5  ? 3.26461   7.08826   -5.50800  1.000 6.45804  ? 5   AIB B H    1 
HETATM 327  H HB11 . AIB B 1 5  ? 1.08243   4.91040   -4.17870  1.000 6.77604  ? 5   AIB B HB11 1 
HETATM 328  H HB12 . AIB B 1 5  ? 2.32225   5.80991   -3.19629  1.000 6.77604  ? 5   AIB B HB12 1 
HETATM 329  H HB13 . AIB B 1 5  ? 0.54988   6.13489   -2.94241  1.000 6.77604  ? 5   AIB B HB13 1 
HETATM 330  H HB21 . AIB B 1 5  ? 2.65626   8.24269   -3.53398  1.000 7.04004  ? 5   AIB B HB21 1 
HETATM 331  H HB22 . AIB B 1 5  ? 1.67347   9.14643   -4.78350  1.000 7.04004  ? 5   AIB B HB22 1 
HETATM 332  H HB23 . AIB B 1 5  ? 0.86187   8.48923   -3.28241  1.000 7.04004  ? 5   AIB B HB23 1 
ATOM   333  N N    . LEU B 1 6  ? -0.08052  7.92005   -6.47412  1.000 5.22951  ? 6   LEU B N    1 
ATOM   334  C CA   . LEU B 1 6  ? -1.35183  8.21109   -7.12317  1.000 4.89077  ? 6   LEU B CA   1 
ATOM   335  C C    . LEU B 1 6  ? -1.84942  7.02239   -7.94773  1.000 4.47020  ? 6   LEU B C    1 
ATOM   336  O O    . LEU B 1 6  ? -3.04617  6.73909   -7.94399  1.000 5.09266  ? 6   LEU B O    1 
ATOM   337  C CB   . LEU B 1 6  ? -1.23306  9.47956   -7.97118  1.000 4.90976  ? 6   LEU B CB   1 
ATOM   338  C CG   . LEU B 1 6  ? -1.07149  10.77325  -7.16049  1.000 5.57356  ? 6   LEU B CG   1 
ATOM   339  C CD1  . LEU B 1 6  ? -0.74999  11.89669  -8.10441  1.000 6.50354  ? 6   LEU B CD1  1 
ATOM   340  C CD2  . LEU B 1 6  ? -2.31540  11.10938  -6.33388  1.000 5.85935  ? 6   LEU B CD2  1 
ATOM   341  H H    . LEU B 1 6  ? 0.59977   8.28970   -6.84850  1.000 6.27541  ? 6   LEU B H    1 
ATOM   342  H HA   . LEU B 1 6  ? -2.02829  8.37665   -6.44796  1.000 5.86892  ? 6   LEU B HA   1 
ATOM   343  H HB2  . LEU B 1 6  ? -0.45672  9.39442   -8.54645  1.000 5.89172  ? 6   LEU B HB2  1 
ATOM   344  H HB3  . LEU B 1 6  ? -2.03593  9.56777   -8.50833  1.000 5.89172  ? 6   LEU B HB3  1 
ATOM   345  H HG   . LEU B 1 6  ? -0.34962  10.65424  -6.52359  1.000 6.68827  ? 6   LEU B HG   1 
ATOM   346  H HD11 . LEU B 1 6  ? -0.61992  12.71095  -7.59356  1.000 7.80424  ? 6   LEU B HD11 1 
ATOM   347  H HD12 . LEU B 1 6  ? 0.06034   11.67836  -8.59082  1.000 7.80424  ? 6   LEU B HD12 1 
ATOM   348  H HD13 . LEU B 1 6  ? -1.48762  12.00930  -8.72418  1.000 7.80424  ? 6   LEU B HD13 1 
ATOM   349  H HD21 . LEU B 1 6  ? -2.16003  11.93648  -5.85153  1.000 7.03122  ? 6   LEU B HD21 1 
ATOM   350  H HD22 . LEU B 1 6  ? -3.07304  11.21193  -6.93085  1.000 7.03122  ? 6   LEU B HD22 1 
ATOM   351  H HD23 . LEU B 1 6  ? -2.48296  10.38776  -5.70771  1.000 7.03122  ? 6   LEU B HD23 1 
HETATM 352  N N    . AIB B 1 7  ? -0.94243  6.33716   -8.64109  1.000 4.91398  ? 7   AIB B N    1 
HETATM 353  C CA   . AIB B 1 7  ? -1.28636  5.12344   -9.35408  1.000 5.54241  ? 7   AIB B CA   1 
HETATM 354  C C    . AIB B 1 7  ? -2.05394  4.17373   -8.42675  1.000 5.53116  ? 7   AIB B C    1 
HETATM 355  O O    . AIB B 1 7  ? -3.10084  3.62753   -8.73662  1.000 5.50307  ? 7   AIB B O    1 
HETATM 356  C CB1  . AIB B 1 7  ? -2.21188  5.44040   -10.54311 1.000 6.07074  ? 7   AIB B CB1  1 
HETATM 357  C CB2  . AIB B 1 7  ? -0.03452  4.37953   -9.85132  1.000 5.94583  ? 7   AIB B CB2  1 
HETATM 358  H H    . AIB B 1 7  ? -0.10120  6.73156   -9.01365  1.000 5.89678  ? 7   AIB B H    1 
HETATM 359  H HB11 . AIB B 1 7  ? -3.11372  5.98978   -10.18209 1.000 7.28489  ? 7   AIB B HB11 1 
HETATM 360  H HB12 . AIB B 1 7  ? -1.66856  6.07296   -11.28479 1.000 7.28489  ? 7   AIB B HB12 1 
HETATM 361  H HB13 . AIB B 1 7  ? -2.53208  4.49088   -11.03437 1.000 7.28489  ? 7   AIB B HB13 1 
HETATM 362  H HB21 . AIB B 1 7  ? 0.52386   5.03824   -10.55984 1.000 7.13499  ? 7   AIB B HB21 1 
HETATM 363  H HB22 . AIB B 1 7  ? 0.61242   4.12857   -8.97600  1.000 7.13499  ? 7   AIB B HB22 1 
HETATM 364  H HB23 . AIB B 1 7  ? -0.34955  3.44273   -10.37175 1.000 7.13499  ? 7   AIB B HB23 1 
ATOM   365  N N    . ALA B 1 8  ? -1.49256  3.97047   -7.23936  1.000 5.91355  ? 8   ALA B N    1 
ATOM   366  C CA   . ALA B 1 8  ? -2.07861  3.08483   -6.23546  1.000 5.57696  ? 8   ALA B CA   1 
ATOM   367  C C    . ALA B 1 8  ? -3.39898  3.63249   -5.70008  1.000 4.92636  ? 8   ALA B C    1 
ATOM   368  O O    . ALA B 1 8  ? -4.37396  2.89035   -5.57106  1.000 5.33385  ? 8   ALA B O    1 
ATOM   369  C CB   . ALA B 1 8  ? -1.09426  2.89545   -5.10198  1.000 6.09292  ? 8   ALA B CB   1 
ATOM   370  H H    . ALA B 1 8  ? -0.75875  4.33975   -6.98490  1.000 7.09626  ? 8   ALA B H    1 
ATOM   371  H HA   . ALA B 1 8  ? -2.26721  2.22489   -6.64266  1.000 6.69236  ? 8   ALA B HA   1 
ATOM   372  H HB1  . ALA B 1 8  ? -1.48741  2.30885   -4.43699  1.000 7.31150  ? 8   ALA B HB1  1 
ATOM   373  H HB2  . ALA B 1 8  ? -0.28105  2.49977   -5.45274  1.000 7.31150  ? 8   ALA B HB2  1 
ATOM   374  H HB3  . ALA B 1 8  ? -0.89799  3.75916   -4.70654  1.000 7.31150  ? 8   ALA B HB3  1 
HETATM 375  N N    . AIB B 1 9  ? -3.42726  4.92078   -5.37275  1.000 4.89630  ? 9   AIB B N    1 
HETATM 376  C CA   . AIB B 1 9  ? -4.63577  5.54235   -4.85239  1.000 4.70585  ? 9   AIB B CA   1 
HETATM 377  C C    . AIB B 1 9  ? -5.82643  5.28606   -5.78310  1.000 4.66889  ? 9   AIB B C    1 
HETATM 378  O O    . AIB B 1 9  ? -6.95093  4.98167   -5.38712  1.000 5.06152  ? 9   AIB B O    1 
HETATM 379  C CB1  . AIB B 1 9  ? -4.96694  5.02414   -3.44790  1.000 5.14582  ? 9   AIB B CB1  1 
HETATM 380  C CB2  . AIB B 1 9  ? -4.43613  7.07165   -4.74269  1.000 5.22418  ? 9   AIB B CB2  1 
HETATM 381  H H    . AIB B 1 9  ? -2.62095  5.46018   -5.12595  1.000 5.87555  ? 9   AIB B H    1 
HETATM 382  H HB11 . AIB B 1 9  ? -5.04211  3.91081   -3.46552  1.000 6.17498  ? 9   AIB B HB11 1 
HETATM 383  H HB12 . AIB B 1 9  ? -4.16295  5.32706   -2.73567  1.000 6.17498  ? 9   AIB B HB12 1 
HETATM 384  H HB13 . AIB B 1 9  ? -5.93967  5.45291   -3.10818  1.000 6.17498  ? 9   AIB B HB13 1 
HETATM 385  H HB21 . AIB B 1 9  ? -3.59689  7.28016   -4.03567  1.000 6.26902  ? 9   AIB B HB21 1 
HETATM 386  H HB22 . AIB B 1 9  ? -4.19230  7.48107   -5.75294  1.000 6.26902  ? 9   AIB B HB22 1 
HETATM 387  H HB23 . AIB B 1 9  ? -5.37792  7.53605   -4.36182  1.000 6.26902  ? 9   AIB B HB23 1 
ATOM   388  N N    . LEU B 1 10 ? -5.53864  5.43745   -7.08018  1.000 4.82769  ? 10  LEU B N    1 
ATOM   389  C CA   . LEU B 1 10 ? -6.52859  5.23720   -8.13528  1.000 4.46900  ? 10  LEU B CA   1 
ATOM   390  C C    . LEU B 1 10 ? -6.96019  3.76749   -8.22620  1.000 4.47296  ? 10  LEU B C    1 
ATOM   391  O O    . LEU B 1 10 ? -8.14893  3.45586   -8.21812  1.000 5.53743  ? 10  LEU B O    1 
ATOM   392  C CB   . LEU B 1 10 ? -5.97441  5.70080   -9.48150  1.000 5.16716  ? 10  LEU B CB   1 
ATOM   393  C CG   . LEU B 1 10 ? -6.86749  5.50590   -10.70760 1.000 5.52013  ? 10  LEU B CG   1 
ATOM   394  C CD1  . LEU B 1 10 ? -8.14286  6.33438   -10.59760 1.000 5.95360  ? 10  LEU B CD1  1 
ATOM   395  C CD2  . LEU B 1 10 ? -6.12690  5.85756   -11.97740 1.000 6.29760  ? 10  LEU B CD2  1 
ATOM   396  H H    . LEU B 1 10 ? -4.76267  5.65969   -7.37698  1.000 5.79322  ? 10  LEU B H    1 
ATOM   397  H HA   . LEU B 1 10 ? -7.31479  5.76667   -7.92923  1.000 5.36280  ? 10  LEU B HA   1 
ATOM   398  H HB2  . LEU B 1 10 ? -5.78818  6.65050   -9.41597  1.000 6.20060  ? 10  LEU B HB2  1 
ATOM   399  H HB3  . LEU B 1 10 ? -5.15332  5.21256   -9.64981  1.000 6.20060  ? 10  LEU B HB3  1 
ATOM   400  H HG   . LEU B 1 10 ? -7.11931  4.57016   -10.75095 1.000 6.62415  ? 10  LEU B HG   1 
ATOM   401  H HD11 . LEU B 1 10 ? -8.66441  6.22025   -11.40745 1.000 7.14432  ? 10  LEU B HD11 1 
ATOM   402  H HD12 . LEU B 1 10 ? -8.65223  6.02961   -9.83042  1.000 7.14432  ? 10  LEU B HD12 1 
ATOM   403  H HD13 . LEU B 1 10 ? -7.90436  7.26802   -10.48659 1.000 7.14432  ? 10  LEU B HD13 1 
ATOM   404  H HD21 . LEU B 1 10 ? -6.72280  5.73938   -12.73359 1.000 7.55712  ? 10  LEU B HD21 1 
ATOM   405  H HD22 . LEU B 1 10 ? -5.83519  6.78130   -11.92735 1.000 7.55712  ? 10  LEU B HD22 1 
ATOM   406  H HD23 . LEU B 1 10 ? -5.35848  5.27242   -12.06719 1.000 7.55712  ? 10  LEU B HD23 1 
HETATM 407  N N    . AIB B 1 11 ? -5.98663  2.86906   -8.31596  1.000 4.62850  ? 11  AIB B N    1 
HETATM 408  C CA   . AIB B 1 11 ? -6.25333  1.44645   -8.37467  1.000 5.25537  ? 11  AIB B CA   1 
HETATM 409  C C    . AIB B 1 11 ? -7.20080  1.00804   -7.25513  1.000 5.71699  ? 11  AIB B C    1 
HETATM 410  O O    . AIB B 1 11 ? -8.16253  0.27048   -7.44044  1.000 6.47434  ? 11  AIB B O    1 
HETATM 411  C CB1  . AIB B 1 11 ? -6.90398  1.06410   -9.71656  1.000 5.99768  ? 11  AIB B CB1  1 
HETATM 412  C CB2  . AIB B 1 11 ? -4.94248  0.65856   -8.22590  1.000 5.35408  ? 11  AIB B CB2  1 
HETATM 413  H H    . AIB B 1 11 ? -5.07686  3.06195   -8.68626  1.000 5.55419  ? 11  AIB B H    1 
HETATM 414  H HB11 . AIB B 1 11 ? -7.88323  1.58867   -9.82304  1.000 7.19721  ? 11  AIB B HB11 1 
HETATM 415  H HB12 . AIB B 1 11 ? -6.23408  1.36181   -10.55803 1.000 7.19721  ? 11  AIB B HB12 1 
HETATM 416  H HB13 . AIB B 1 11 ? -7.07183  -0.03861  -9.75280  1.000 7.19721  ? 11  AIB B HB13 1 
HETATM 417  H HB21 . AIB B 1 11 ? -4.27812  0.88860   -9.09389  1.000 6.42489  ? 11  AIB B HB21 1 
HETATM 418  H HB22 . AIB B 1 11 ? -4.44177  0.95995   -7.27399  1.000 6.42489  ? 11  AIB B HB22 1 
HETATM 419  H HB23 . AIB B 1 11 ? -5.17404  -0.43395  -8.20390  1.000 6.42489  ? 11  AIB B HB23 1 
ATOM   420  N N    . GLN B 1 12 ? -6.91065  1.50749   -6.05314  1.000 5.41831  ? 12  GLN B N    1 
ATOM   421  C CA   . GLN B 1 12 ? -7.67438  1.15830   -4.85827  1.000 5.33868  ? 12  GLN B CA   1 
ATOM   422  C C    . GLN B 1 12 ? -9.05158  1.83064   -4.82655  1.000 5.12679  ? 12  GLN B C    1 
ATOM   423  O O    . GLN B 1 12 ? -10.04493 1.19803   -4.47045  1.000 5.62291  ? 12  GLN B O    1 
ATOM   424  C CB   . GLN B 1 12 ? -6.86743  1.50405   -3.60761  1.000 5.65020  ? 12  GLN B CB   1 
ATOM   425  C CG   . GLN B 1 12 ? -5.60709  0.67223   -3.47054  1.000 5.78396  ? 12  GLN B CG   1 
ATOM   426  C CD   . GLN B 1 12 ? -4.85784  0.96841   -2.20651  1.000 6.52217  ? 12  GLN B CD   1 
ATOM   427  O OE1  . GLN B 1 12 ? -5.46486  1.23885   -1.17206  1.000 7.77659  ? 12  GLN B OE1  1 
ATOM   428  N NE2  . GLN B 1 12 ? -3.53603  0.88788   -2.26387  1.000 7.83683  ? 12  GLN B NE2  1 
ATOM   429  H H    . GLN B 1 12 ? -6.26726  2.05794   -5.90265  1.000 6.50197  ? 12  GLN B H    1 
ATOM   430  H HA   . GLN B 1 12 ? -7.84054  0.20264   -4.86154  1.000 6.40642  ? 12  GLN B HA   1 
ATOM   431  H HB2  . GLN B 1 12 ? -6.60755  2.43770   -3.64831  1.000 6.78023  ? 12  GLN B HB2  1 
ATOM   432  H HB3  . GLN B 1 12 ? -7.41731  1.34658   -2.82420  1.000 6.78023  ? 12  GLN B HB3  1 
ATOM   433  H HG2  . GLN B 1 12 ? -5.84672  -0.26769  -3.46505  1.000 6.94075  ? 12  GLN B HG2  1 
ATOM   434  H HG3  . GLN B 1 12 ? -5.02004  0.86056   -4.21941  1.000 6.94075  ? 12  GLN B HG3  1 
ATOM   435  H HE21 . GLN B 1 12 ? -3.14988  0.67418   -3.00198  1.000 9.40420  ? 12  GLN B HE21 1 
ATOM   436  H HE22 . GLN B 1 12 ? -3.06458  1.04935   -1.56297  1.000 9.40420  ? 12  GLN B HE22 1 
HETATM 437  N N    . AIB B 1 13 ? -9.10537  3.09833   -5.22148  1.000 4.69554  ? 13  AIB B N    1 
HETATM 438  C CA   . AIB B 1 13 ? -10.36906 3.79352   -5.31692  1.000 5.41833  ? 13  AIB B CA   1 
HETATM 439  C C    . AIB B 1 13 ? -11.38514 2.98197   -6.13314  1.000 5.55049  ? 13  AIB B C    1 
HETATM 440  O O    . AIB B 1 13 ? -12.57421 2.89147   -5.81090  1.000 5.46662  ? 13  AIB B O    1 
HETATM 441  C CB1  . AIB B 1 13 ? -10.97546 4.07079   -3.93084  1.000 5.48391  ? 13  AIB B CB1  1 
HETATM 442  C CB2  . AIB B 1 13 ? -10.23975 5.13504   -6.04412  1.000 5.93100  ? 13  AIB B CB2  1 
HETATM 443  H H    . AIB B 1 13 ? -8.45495  3.66105   -4.79235  1.000 5.63465  ? 13  AIB B H    1 
HETATM 444  H HB11 . AIB B 1 13 ? -11.20105 3.10523   -3.41872  1.000 6.58069  ? 13  AIB B HB11 1 
HETATM 445  H HB12 . AIB B 1 13 ? -10.25175 4.65413   -3.31325  1.000 6.58069  ? 13  AIB B HB12 1 
HETATM 446  H HB13 . AIB B 1 13 ? -11.91872 4.65656   -4.04302  1.000 6.58069  ? 13  AIB B HB13 1 
HETATM 447  H HB21 . AIB B 1 13 ? -9.50739  5.77722   -5.49737  1.000 7.11720  ? 13  AIB B HB21 1 
HETATM 448  H HB22 . AIB B 1 13 ? -9.88085  4.95210   -7.08596  1.000 7.11720  ? 13  AIB B HB22 1 
HETATM 449  H HB23 . AIB B 1 13 ? -11.23860 5.63441   -6.06867  1.000 7.11720  ? 13  AIB B HB23 1 
ATOM   450  N N    . LEU B 1 14 ? -10.87675 2.38559   -7.21478  1.000 5.21252  ? 14  LEU B N    1 
ATOM   451  C CA   . LEU B 1 14 ? -11.69480 1.63697   -8.17833  1.000 5.88079  ? 14  LEU B CA   1 
ATOM   452  C C    . LEU B 1 14 ? -11.71651 0.14522   -7.88371  1.000 6.72013  ? 14  LEU B C    1 
ATOM   453  O O    . LEU B 1 14 ? -12.11218 -0.67788  -8.70716  1.000 6.53083  ? 14  LEU B O    1 
ATOM   454  C CB   . LEU B 1 14 ? -11.16699 1.86039   -9.59822  1.000 5.69703  ? 14  LEU B CB   1 
ATOM   455  C CG   . LEU B 1 14 ? -11.12992 3.32412   -10.05710 1.000 6.70572  ? 14  LEU B CG   1 
ATOM   456  C CD1  . LEU B 1 14 ? -10.58092 3.44695   -11.47304 1.000 7.22584  ? 14  LEU B CD1  1 
ATOM   457  C CD2  . LEU B 1 14 ? -12.51787 3.94295   -9.96888  1.000 7.43250  ? 14  LEU B CD2  1 
ATOM   458  H H    . LEU B 1 14 ? -10.04156 2.39913   -7.41945  1.000 6.25503  ? 14  LEU B H    1 
ATOM   459  H HA   . LEU B 1 14 ? -12.60667 1.96168   -8.11548  1.000 7.05695  ? 14  LEU B HA   1 
ATOM   460  H HB2  . LEU B 1 14 ? -10.26069 1.51785   -9.64496  1.000 6.83643  ? 14  LEU B HB2  1 
ATOM   461  H HB3  . LEU B 1 14 ? -11.73692 1.37621   -10.21601 1.000 6.83643  ? 14  LEU B HB3  1 
ATOM   462  H HG   . LEU B 1 14 ? -10.53539 3.81607   -9.46937  1.000 8.04687  ? 14  LEU B HG   1 
ATOM   463  H HD11 . LEU B 1 14 ? -10.56868 4.38305   -11.72691 1.000 8.67101  ? 14  LEU B HD11 1 
ATOM   464  H HD12 . LEU B 1 14 ? -9.68068  3.08644   -11.49507 1.000 8.67101  ? 14  LEU B HD12 1 
ATOM   465  H HD13 . LEU B 1 14 ? -11.15204 2.94772   -12.07760 1.000 8.67101  ? 14  LEU B HD13 1 
ATOM   466  H HD21 . LEU B 1 14 ? -12.48472 4.84483   -10.32442 1.000 8.91899  ? 14  LEU B HD21 1 
ATOM   467  H HD22 . LEU B 1 14 ? -13.13682 3.40549   -10.48749 1.000 8.91899  ? 14  LEU B HD22 1 
ATOM   468  H HD23 . LEU B 1 14 ? -12.79594 3.96366   -9.03982  1.000 8.91899  ? 14  LEU B HD23 1 
HETATM 469  C C11  . I77 B 1 15 ? -11.21754 -4.03657  -4.61076  1.000 6.01263  ? 15  I77 B C11  1 
HETATM 470  C C12  . I77 B 1 15 ? -12.37551 -3.50905  -5.15907  1.000 5.31258  ? 15  I77 B C12  1 
HETATM 471  C C13  . I77 B 1 15 ? -12.46421 -2.14802  -5.80948  1.000 5.79130  ? 15  I77 B C13  1 
HETATM 472  C C17  . I77 B 1 15 ? -13.56036 -4.19957  -5.06345  1.000 6.68185  ? 15  I77 B C17  1 
HETATM 473  C C18  . I77 B 1 15 ? -13.58262 -5.42144  -4.45333  1.000 6.38006  ? 15  I77 B C18  1 
HETATM 474  C C02  . I77 B 1 15 ? -12.68044 -11.04613 -1.44234  1.000 5.87658  ? 15  I77 B C02  1 
HETATM 475  C C03  . I77 B 1 15 ? -12.67138 -9.67675  -2.11250  1.000 5.27965  ? 15  I77 B C03  1 
HETATM 476  C C04  . I77 B 1 15 ? -11.45953 -9.02122  -2.22158  1.000 5.72116  ? 15  I77 B C04  1 
HETATM 477  C C05  . I77 B 1 15 ? -11.40036 -7.79496  -2.81824  1.000 4.34042  ? 15  I77 B C05  1 
HETATM 478  C C06  . I77 B 1 15 ? -13.82495 -9.10678  -2.59606  1.000 6.27249  ? 15  I77 B C06  1 
HETATM 479  C C08  . I77 B 1 15 ? -12.55372 -7.26855  -3.28221  1.000 5.75121  ? 15  I77 B C08  1 
HETATM 480  C C09  . I77 B 1 15 ? -12.43031 -5.92350  -3.93109  1.000 6.18105  ? 15  I77 B C09  1 
HETATM 481  N N01  . I77 B 1 15 ? -11.43176 -11.46624 -0.86356  1.000 4.99138  ? 15  I77 B N01  1 
HETATM 482  N N07  . I77 B 1 15 ? -13.71282 -7.91525  -3.16749  1.000 6.78143  ? 15  I77 B N07  1 
HETATM 483  N N10  . I77 B 1 15 ? -11.28327 -5.23289  -4.03157  1.000 6.32507  ? 15  I77 B N10  1 
HETATM 484  N N14  . I77 B 1 15 ? -11.21028 -1.49345  -6.05688  1.000 6.27287  ? 15  I77 B N14  1 
HETATM 485  N N15  . I77 B 1 15 ? -11.22089 -0.21068  -6.60001  1.000 6.28819  ? 15  I77 B N15  1 
HETATM 486  O O16  . I77 B 1 15 ? -13.51501 -1.63378  -6.04001  1.000 6.08846  ? 15  I77 B O16  1 
HETATM 487  O O19  . I77 B 1 15 ? -13.64206 -11.75029 -1.38615  1.000 7.54582  ? 15  I77 B O19  1 
HETATM 488  H H111 . I77 B 1 15 ? -10.28705 -3.49188  -4.65226  1.000 7.21515  ? 15  I77 B H111 1 
HETATM 489  H H171 . I77 B 1 15 ? -14.47698 -3.77438  -5.47226  1.000 8.01822  ? 15  I77 B H171 1 
HETATM 490  H H181 . I77 B 1 15 ? -14.50992 -5.98647  -4.38557  1.000 7.65607  ? 15  I77 B H181 1 
HETATM 491  H H041 . I77 B 1 15 ? -10.56568 -9.47611  -1.83742  1.000 6.86539  ? 15  I77 B H041 1 
HETATM 492  H H051 . I77 B 1 15 ? -10.46195 -7.26324  -2.91600  1.000 5.20850  ? 15  I77 B H051 1 
HETATM 493  H H061 . I77 B 1 15 ? -14.77984 -9.60686  -2.51430  1.000 7.52698  ? 15  I77 B H061 1 
HETATM 494  H H011 . I77 B 1 15 ? -11.38797 -12.35519 -0.41371  1.000 5.98966  ? 15  I77 B H011 1 
HETATM 495  H H012 . I77 B 1 15 ? -10.60973 -10.88974 -0.89801  1.000 5.98966  ? 15  I77 B H012 1 
HETATM 496  H H141 . I77 B 1 15 ? -10.34099 -1.95206  -5.84225  1.000 7.52745  ? 15  I77 B H141 1 
HETATM 497  H H1   . I77 B 1 15 ? -10.27604 0.13276   -6.61509  1.000 7.54582  ? 15  I77 B H1   1 
HETATM 498  O O1   . Z7Z C 1 1  ? 4.63642   10.61944  -1.73344  1.000 6.39644  ? 1   Z7Z C O1   1 
HETATM 499  C C1   . Z7Z C 1 1  ? 4.70344   11.59337  -2.51306  1.000 5.81143  ? 1   Z7Z C C1   1 
HETATM 500  C C2   . Z7Z C 1 1  ? 3.46695   12.27588  -3.06686  1.000 6.23363  ? 1   Z7Z C C2   1 
HETATM 501  C C3   . Z7Z C 1 1  ? 3.56983   13.50569  -3.69049  1.000 6.20042  ? 1   Z7Z C C3   1 
HETATM 502  C C4   . Z7Z C 1 1  ? 2.44393   14.12250  -4.20365  1.000 7.13479  ? 1   Z7Z C C4   1 
HETATM 503  C C5   . Z7Z C 1 1  ? 2.23844   11.65703  -2.94647  1.000 6.69551  ? 1   Z7Z C C5   1 
HETATM 504  C C6   . Z7Z C 1 1  ? 1.10872   12.27563  -3.46656  1.000 7.42608  ? 1   Z7Z C C6   1 
HETATM 505  C C7   . Z7Z C 1 1  ? 1.21055   13.51291  -4.09047  1.000 7.34988  ? 1   Z7Z C C7   1 
HETATM 506  C C8   . Z7Z C 1 1  ? -0.00860  14.22707  -4.66695  1.000 7.84150  ? 1   Z7Z C C8   1 
HETATM 507  C C9   . Z7Z C 1 1  ? -1.24147  14.09648  -4.05267  1.000 7.51150  ? 1   Z7Z C C9   1 
HETATM 508  C C10  . Z7Z C 1 1  ? 0.10393   15.00174  -5.81183  1.000 8.36471  ? 1   Z7Z C C10  1 
HETATM 509  C C11  . Z7Z C 1 1  ? -2.35438  14.73928  -4.56953  1.000 9.06876  ? 1   Z7Z C C11  1 
HETATM 510  C C12  . Z7Z C 1 1  ? -1.00963  15.64700  -6.32615  1.000 8.91488  ? 1   Z7Z C C12  1 
HETATM 511  C C13  . Z7Z C 1 1  ? -2.24331  15.51797  -5.70775  1.000 9.35267  ? 1   Z7Z C C13  1 
HETATM 512  H H31  . Z7Z C 1 1  ? 4.53586   13.98750  -3.77727  1.000 7.44051  ? 1   Z7Z C H31  1 
HETATM 513  H H41  . Z7Z C 1 1  ? 2.52960   15.08406  -4.69450  1.000 8.56175  ? 1   Z7Z C H41  1 
HETATM 514  H H51  . Z7Z C 1 1  ? 2.15643   10.69761  -2.45081  1.000 8.03462  ? 1   Z7Z C H51  1 
HETATM 515  H H61  . Z7Z C 1 1  ? 0.14360   11.79105  -3.38532  1.000 8.91130  ? 1   Z7Z C H61  1 
HETATM 516  H H91  . Z7Z C 1 1  ? -1.33701  13.48779  -3.16202  1.000 9.01380  ? 1   Z7Z C H91  1 
HETATM 517  H H101 . Z7Z C 1 1  ? 1.06307   15.10256  -6.30452  1.000 10.03766 ? 1   Z7Z C H101 1 
HETATM 518  H H111 . Z7Z C 1 1  ? -3.31489  14.63192  -4.08088  1.000 10.88251 ? 1   Z7Z C H111 1 
HETATM 519  H H121 . Z7Z C 1 1  ? -0.91521  16.25584  -7.21681  1.000 10.69786 ? 1   Z7Z C H121 1 
HETATM 520  H H131 . Z7Z C 1 1  ? -3.11248  16.02210  -6.11185  1.000 11.22320 ? 1   Z7Z C H131 1 
ATOM   521  N N    . ALA C 1 2  ? 5.97764   12.01032  -2.99951  1.000 5.85293  ? 2   ALA C N    1 
ATOM   522  C CA   . ALA C 1 2  ? 7.19202   11.28652  -2.63973  1.000 5.94556  ? 2   ALA C CA   1 
ATOM   523  C C    . ALA C 1 2  ? 7.36314   11.18661  -1.11411  1.000 5.43481  ? 2   ALA C C    1 
ATOM   524  O O    . ALA C 1 2  ? 7.72240   10.13415  -0.58955  1.000 5.32351  ? 2   ALA C O    1 
ATOM   525  C CB   . ALA C 1 2  ? 8.39706   11.95985  -3.27068  1.000 7.14722  ? 2   ALA C CB   1 
ATOM   526  H H    . ALA C 1 2  ? 6.09811   12.62560  -3.58878  1.000 7.02351  ? 2   ALA C H    1 
ATOM   527  H HA   . ALA C 1 2  ? 7.13112   10.38055  -2.98088  1.000 7.13467  ? 2   ALA C HA   1 
ATOM   528  H HB1  . ALA C 1 2  ? 9.19943   11.48284  -3.00695  1.000 8.57666  ? 2   ALA C HB1  1 
ATOM   529  H HB2  . ALA C 1 2  ? 8.30157   11.93830  -4.23572  1.000 8.57666  ? 2   ALA C HB2  1 
ATOM   530  H HB3  . ALA C 1 2  ? 8.44239   12.87871  -2.96321  1.000 8.57666  ? 2   ALA C HB3  1 
HETATM 531  N N    . AIB C 1 3  ? 7.08551   12.27599  -0.40896  1.000 5.45533  ? 3   AIB C N    1 
HETATM 532  C CA   . AIB C 1 3  ? 7.23458   12.33215  1.03393   1.000 6.39017  ? 3   AIB C CA   1 
HETATM 533  C C    . AIB C 1 3  ? 6.49439   11.20335  1.76150   1.000 6.37890  ? 3   AIB C C    1 
HETATM 534  O O    . AIB C 1 3  ? 6.99522   10.52955  2.65408   1.000 6.83538  ? 3   AIB C O    1 
HETATM 535  C CB1  . AIB C 1 3  ? 8.71596   12.26184  1.45559   1.000 7.13194  ? 3   AIB C CB1  1 
HETATM 536  C CB2  . AIB C 1 3  ? 6.63631   13.62624  1.60489   1.000 6.66508  ? 3   AIB C CB2  1 
HETATM 537  H H    . AIB C 1 3  ? 7.09496   13.20341  -0.78553  1.000 6.54639  ? 3   AIB C H    1 
HETATM 538  H HB11 . AIB C 1 3  ? 9.15981   11.29738  1.11169   1.000 8.55832  ? 3   AIB C HB11 1 
HETATM 539  H HB12 . AIB C 1 3  ? 9.27849   13.10959  0.99696   1.000 8.55832  ? 3   AIB C HB12 1 
HETATM 540  H HB13 . AIB C 1 3  ? 8.79448   12.32706  2.56691   1.000 8.55832  ? 3   AIB C HB13 1 
HETATM 541  H HB21 . AIB C 1 3  ? 7.18113   14.50106  1.17414   1.000 7.99810  ? 3   AIB C HB21 1 
HETATM 542  H HB22 . AIB C 1 3  ? 5.55475   13.67998  1.33096   1.000 7.99810  ? 3   AIB C HB22 1 
HETATM 543  H HB23 . AIB C 1 3  ? 6.74673   13.61979  2.71639   1.000 7.99810  ? 3   AIB C HB23 1 
ATOM   544  N N    . ALA C 1 4  ? 5.25617   10.99282  1.33195   1.000 6.06199  ? 4   ALA C N    1 
ATOM   545  C CA   . ALA C 1 4  ? 4.38742   10.00351  1.94796   1.000 5.66781  ? 4   ALA C CA   1 
ATOM   546  C C    . ALA C 1 4  ? 4.76676   8.59273   1.51906   1.000 5.52434  ? 4   ALA C C    1 
ATOM   547  O O    . ALA C 1 4  ? 4.77861   7.67836   2.33914   1.000 5.84860  ? 4   ALA C O    1 
ATOM   548  C CB   . ALA C 1 4  ? 2.94555   10.30112  1.59322   1.000 5.33726  ? 4   ALA C CB   1 
ATOM   549  H H    . ALA C 1 4  ? 4.89278   11.41594  0.67733   1.000 7.27439  ? 4   ALA C H    1 
ATOM   550  H HA   . ALA C 1 4  ? 4.48219   10.04893  2.91225   1.000 6.80137  ? 4   ALA C HA   1 
ATOM   551  H HB1  . ALA C 1 4  ? 2.37823   9.61196   1.97285   1.000 6.40471  ? 4   ALA C HB1  1 
ATOM   552  H HB2  . ALA C 1 4  ? 2.70301   11.16689  1.95723   1.000 6.40471  ? 4   ALA C HB2  1 
ATOM   553  H HB3  . ALA C 1 4  ? 2.85339   10.31066  0.62766   1.000 6.40471  ? 4   ALA C HB3  1 
HETATM 554  N N    . AIB C 1 5  ? 5.04377   8.41047   0.23052   1.000 5.64302  ? 5   AIB C N    1 
HETATM 555  C CA   . AIB C 1 5  ? 5.52381   7.14423   -0.27733  1.000 5.88906  ? 5   AIB C CA   1 
HETATM 556  C C    . AIB C 1 5  ? 6.71611   6.61858   0.53468   1.000 5.37713  ? 5   AIB C C    1 
HETATM 557  O O    . AIB C 1 5  ? 6.79119   5.47083   0.97504   1.000 5.58138  ? 5   AIB C O    1 
HETATM 558  C CB1  . AIB C 1 5  ? 4.43216   6.06706   -0.24477  1.000 5.78820  ? 5   AIB C CB1  1 
HETATM 559  C CB2  . AIB C 1 5  ? 6.01942   7.29974   -1.72257  1.000 5.95129  ? 5   AIB C CB2  1 
HETATM 560  H H    . AIB C 1 5  ? 4.64634   8.95091   -0.51244  1.000 6.77163  ? 5   AIB C H    1 
HETATM 561  H HB11 . AIB C 1 5  ? 4.05855   5.94124   0.79927   1.000 6.94584  ? 5   AIB C HB11 1 
HETATM 562  H HB12 . AIB C 1 5  ? 3.58457   6.37012   -0.90448  1.000 6.94584  ? 5   AIB C HB12 1 
HETATM 563  H HB13 . AIB C 1 5  ? 4.84979   5.09693   -0.60517  1.000 6.94584  ? 5   AIB C HB13 1 
HETATM 564  H HB21 . AIB C 1 5  ? 5.16976   7.63509   -2.36546  1.000 7.14155  ? 5   AIB C HB21 1 
HETATM 565  H HB22 . AIB C 1 5  ? 6.83776   8.05960   -1.74780  1.000 7.14155  ? 5   AIB C HB22 1 
HETATM 566  H HB23 . AIB C 1 5  ? 6.40389   6.31532   -2.08426  1.000 7.14155  ? 5   AIB C HB23 1 
ATOM   567  N N    . LEU C 1 6  ? 7.68129   7.51084   0.73346   1.000 5.33928  ? 6   LEU C N    1 
ATOM   568  C CA   . LEU C 1 6  ? 8.91474   7.15326   1.42302   1.000 4.87465  ? 6   LEU C CA   1 
ATOM   569  C C    . LEU C 1 6  ? 8.70488   6.97664   2.92221   1.000 4.90052  ? 6   LEU C C    1 
ATOM   570  O O    . LEU C 1 6  ? 9.27126   6.06158   3.51733   1.000 5.04477  ? 6   LEU C O    1 
ATOM   571  C CB   . LEU C 1 6  ? 10.00402  8.18336   1.14893   1.000 4.71633  ? 6   LEU C CB   1 
ATOM   572  C CG   . LEU C 1 6  ? 10.55213  8.17817   -0.28339  1.000 5.50420  ? 6   LEU C CG   1 
ATOM   573  C CD1  . LEU C 1 6  ? 11.53129  9.29312   -0.44959  1.000 5.84002  ? 6   LEU C CD1  1 
ATOM   574  C CD2  . LEU C 1 6  ? 11.20950  6.87714   -0.64684  1.000 6.76689  ? 6   LEU C CD2  1 
ATOM   575  H H    . LEU C 1 6  ? 7.64534   8.33119   0.47786   1.000 6.40714  ? 6   LEU C H    1 
ATOM   576  H HA   . LEU C 1 6  ? 9.21918   6.29903   1.07875   1.000 5.84958  ? 6   LEU C HA   1 
ATOM   577  H HB2  . LEU C 1 6  ? 9.64081   9.06651   1.31928   1.000 5.65960  ? 6   LEU C HB2  1 
ATOM   578  H HB3  . LEU C 1 6  ? 10.74787  8.00958   1.74675   1.000 5.65960  ? 6   LEU C HB3  1 
ATOM   579  H HG   . LEU C 1 6  ? 9.80255   8.29680   -0.88752  1.000 6.60504  ? 6   LEU C HG   1 
ATOM   580  H HD11 . LEU C 1 6  ? 11.86837  9.28444   -1.35909  1.000 7.00802  ? 6   LEU C HD11 1 
ATOM   581  H HD12 . LEU C 1 6  ? 11.08441  10.13520  -0.27046  1.000 7.00802  ? 6   LEU C HD12 1 
ATOM   582  H HD13 . LEU C 1 6  ? 12.26237  9.16714   0.17535   1.000 7.00802  ? 6   LEU C HD13 1 
ATOM   583  H HD21 . LEU C 1 6  ? 11.58691  6.95193   -1.53727  1.000 8.12026  ? 6   LEU C HD21 1 
ATOM   584  H HD22 . LEU C 1 6  ? 11.91156  6.68786   -0.00483  1.000 8.12026  ? 6   LEU C HD22 1 
ATOM   585  H HD23 . LEU C 1 6  ? 10.54458  6.17115   -0.62762  1.000 8.12026  ? 6   LEU C HD23 1 
HETATM 586  N N    . AIB C 1 7  ? 7.89135   7.82879   3.54220   1.000 5.29051  ? 7   AIB C N    1 
HETATM 587  C CA   . AIB C 1 7  ? 7.51567   7.64129   4.94086   1.000 6.07470  ? 7   AIB C CA   1 
HETATM 588  C C    . AIB C 1 7  ? 7.03673   6.20037   5.20341   1.000 5.73776  ? 7   AIB C C    1 
HETATM 589  O O    . AIB C 1 7  ? 7.44230   5.48524   6.12722   1.000 5.89655  ? 7   AIB C O    1 
HETATM 590  C CB1  . AIB C 1 7  ? 8.66456   7.88965   5.92846   1.000 6.74155  ? 7   AIB C CB1  1 
HETATM 591  C CB2  . AIB C 1 7  ? 6.34626   8.57009   5.32666   1.000 6.62293  ? 7   AIB C CB2  1 
HETATM 592  H H    . AIB C 1 7  ? 7.75461   8.78170   3.26785   1.000 6.34862  ? 7   AIB C H    1 
HETATM 593  H HB11 . AIB C 1 7  ? 9.50206   7.18303   5.71695   1.000 8.08986  ? 7   AIB C HB11 1 
HETATM 594  H HB12 . AIB C 1 7  ? 9.03233   8.93793   5.82210   1.000 8.08986  ? 7   AIB C HB12 1 
HETATM 595  H HB13 . AIB C 1 7  ? 8.30427   7.73065   6.97266   1.000 8.08986  ? 7   AIB C HB13 1 
HETATM 596  H HB21 . AIB C 1 7  ? 6.64605   9.63010   5.14174   1.000 7.94752  ? 7   AIB C HB21 1 
HETATM 597  H HB22 . AIB C 1 7  ? 5.45548   8.31309   4.70365   1.000 7.94752  ? 7   AIB C HB22 1 
HETATM 598  H HB23 . AIB C 1 7  ? 6.10759   8.42604   6.40832   1.000 7.94752  ? 7   AIB C HB23 1 
ATOM   599  N N    . ALA C 1 8  ? 6.14648   5.76256   4.31907   1.000 5.17821  ? 8   ALA C N    1 
ATOM   600  C CA   . ALA C 1 8  ? 5.54403   4.43822   4.40203   1.000 5.09087  ? 8   ALA C CA   1 
ATOM   601  C C    . ALA C 1 8  ? 6.54119   3.32734   4.09030   1.000 5.30868  ? 8   ALA C C    1 
ATOM   602  O O    . ALA C 1 8  ? 6.59817   2.33101   4.80668   1.000 5.26489  ? 8   ALA C O    1 
ATOM   603  C CB   . ALA C 1 8  ? 4.36902   4.37659   3.45689   1.000 6.11378  ? 8   ALA C CB   1 
ATOM   604  H H    . ALA C 1 8  ? 5.86935   6.22346   3.64798   1.000 6.21385  ? 8   ALA C H    1 
ATOM   605  H HA   . ALA C 1 8  ? 5.23750   4.28567   5.30959   1.000 6.10904  ? 8   ALA C HA   1 
ATOM   606  H HB1  . ALA C 1 8  ? 3.95075   3.50442   3.52948   1.000 7.33653  ? 8   ALA C HB1  1 
ATOM   607  H HB2  . ALA C 1 8  ? 3.73377   5.06912   3.69721   1.000 7.33653  ? 8   ALA C HB2  1 
ATOM   608  H HB3  . ALA C 1 8  ? 4.68494   4.51753   2.55067   1.000 7.33653  ? 8   ALA C HB3  1 
HETATM 609  N N    . AIB C 1 9  ? 7.32058   3.49931   3.02902   1.000 5.31371  ? 9   AIB C N    1 
HETATM 610  C CA   . AIB C 1 9  ? 8.33804   2.53976   2.65178   1.000 4.82521  ? 9   AIB C CA   1 
HETATM 611  C C    . AIB C 1 9  ? 9.30252   2.26078   3.82009   1.000 4.65849  ? 9   AIB C C    1 
HETATM 612  O O    . AIB C 1 9  ? 9.68464   1.13415   4.14714   1.000 5.04997  ? 9   AIB C O    1 
HETATM 613  C CB1  . AIB C 1 9  ? 7.67631   1.21154   2.20448   1.000 5.15570  ? 9   AIB C CB1  1 
HETATM 614  C CB2  . AIB C 1 9  ? 9.17073   3.11546   1.48631   1.000 5.03221  ? 9   AIB C CB2  1 
HETATM 615  H H    . AIB C 1 9  ? 7.07624   4.06419   2.23957   1.000 6.37645  ? 9   AIB C H    1 
HETATM 616  H HB11 . AIB C 1 9  ? 7.08984   0.77975   3.05010   1.000 6.18684  ? 9   AIB C HB11 1 
HETATM 617  H HB12 . AIB C 1 9  ? 6.99298   1.40285   1.34314   1.000 6.18684  ? 9   AIB C HB12 1 
HETATM 618  H HB13 . AIB C 1 9  ? 8.46400   0.48435   1.89434   1.000 6.18684  ? 9   AIB C HB13 1 
HETATM 619  H HB21 . AIB C 1 9  ? 8.49961   3.29256   0.61115   1.000 6.03866  ? 9   AIB C HB21 1 
HETATM 620  H HB22 . AIB C 1 9  ? 9.63457   4.07856   1.81030   1.000 6.03866  ? 9   AIB C HB22 1 
HETATM 621  H HB23 . AIB C 1 9  ? 9.96826   2.38333   1.21133   1.000 6.03866  ? 9   AIB C HB23 1 
ATOM   622  N N    . LEU C 1 10 ? 9.67653   3.35746   4.47784   1.000 4.94249  ? 10  LEU C N    1 
ATOM   623  C CA   . LEU C 1 10 ? 10.58577  3.32525   5.61464   1.000 5.20080  ? 10  LEU C CA   1 
ATOM   624  C C    . LEU C 1 10 ? 9.94143   2.64233   6.80711   1.000 5.49531  ? 10  LEU C C    1 
ATOM   625  O O    . LEU C 1 10 ? 10.57791  1.82045   7.46804   1.000 5.64883  ? 10  LEU C O    1 
ATOM   626  C CB   . LEU C 1 10 ? 10.99255  4.73744   6.01790   1.000 5.60523  ? 10  LEU C CB   1 
ATOM   627  C CG   . LEU C 1 10 ? 11.97755  4.84640   7.17909   1.000 5.92029  ? 10  LEU C CG   1 
ATOM   628  C CD1  . LEU C 1 10 ? 13.34376  4.24473   6.81756   1.000 5.97711  ? 10  LEU C CD1  1 
ATOM   629  C CD2  . LEU C 1 10 ? 12.12284  6.30172   7.62476   1.000 6.13904  ? 10  LEU C CD2  1 
ATOM   630  H H    . LEU C 1 10 ? 9.40952   4.15020   4.27818   1.000 5.93098  ? 10  LEU C H    1 
ATOM   631  H HA   . LEU C 1 10 ? 11.38030  2.83118   5.35869   1.000 6.24096  ? 10  LEU C HA   1 
ATOM   632  H HB2  . LEU C 1 10 ? 11.40546  5.16360   5.25057   1.000 6.72627  ? 10  LEU C HB2  1 
ATOM   633  H HB3  . LEU C 1 10 ? 10.19173  5.22074   6.27477   1.000 6.72627  ? 10  LEU C HB3  1 
ATOM   634  H HG   . LEU C 1 10 ? 11.62878  4.33481   7.92577   1.000 7.10434  ? 10  LEU C HG   1 
ATOM   635  H HD11 . LEU C 1 10 ? 13.94774  4.35911   7.56791   1.000 7.17253  ? 10  LEU C HD11 1 
ATOM   636  H HD12 . LEU C 1 10 ? 13.23188  3.30087   6.62389   1.000 7.17253  ? 10  LEU C HD12 1 
ATOM   637  H HD13 . LEU C 1 10 ? 13.69434  4.70309   6.03788   1.000 7.17253  ? 10  LEU C HD13 1 
ATOM   638  H HD21 . LEU C 1 10 ? 12.76166  6.34661   8.35331   1.000 7.36685  ? 10  LEU C HD21 1 
ATOM   639  H HD22 . LEU C 1 10 ? 12.43767  6.83146   6.87565   1.000 7.36685  ? 10  LEU C HD22 1 
ATOM   640  H HD23 . LEU C 1 10 ? 11.25921  6.62885   7.92145   1.000 7.36685  ? 10  LEU C HD23 1 
HETATM 641  N N    . AIB C 1 11 ? 8.70222   3.01827   7.11651   1.000 5.24156  ? 11  AIB C N    1 
HETATM 642  C CA   . AIB C 1 11 ? 7.94932   2.38398   8.18068   1.000 6.13979  ? 11  AIB C CA   1 
HETATM 643  C C    . AIB C 1 11 ? 8.00943   0.84637   8.08298   1.000 6.16739  ? 11  AIB C C    1 
HETATM 644  O O    . AIB C 1 11 ? 8.23200   0.09380   9.04099   1.000 6.20285  ? 11  AIB C O    1 
HETATM 645  C CB1  . AIB C 1 11 ? 8.50225   2.78905   9.56032   1.000 6.31292  ? 11  AIB C CB1  1 
HETATM 646  C CB2  . AIB C 1 11 ? 6.46419   2.79345   8.14522   1.000 6.00415  ? 11  AIB C CB2  1 
HETATM 647  H H    . AIB C 1 11 ? 8.32450   3.92461   6.92187   1.000 6.28987  ? 11  AIB C H    1 
HETATM 648  H HB11 . AIB C 1 11 ? 9.58948   2.54371   9.61689   1.000 7.57551  ? 11  AIB C HB11 1 
HETATM 649  H HB12 . AIB C 1 11 ? 8.36443   3.88583   9.71380   1.000 7.57551  ? 11  AIB C HB12 1 
HETATM 650  H HB13 . AIB C 1 11 ? 7.95810   2.23454   10.36148  1.000 7.57551  ? 11  AIB C HB13 1 
HETATM 651  H HB21 . AIB C 1 11 ? 6.37973   3.88072   8.38690   1.000 7.20498  ? 11  AIB C HB21 1 
HETATM 652  H HB22 . AIB C 1 11 ? 6.05639   2.59861   7.12374   1.000 7.20498  ? 11  AIB C HB22 1 
HETATM 653  H HB23 . AIB C 1 11 ? 5.90181   2.19182   8.89984   1.000 7.20498  ? 11  AIB C HB23 1 
ATOM   654  N N    . GLN C 1 12 ? 7.81091   0.36991   6.85662   1.000 6.28659  ? 12  GLN C N    1 
ATOM   655  C CA   . GLN C 1 12 ? 7.88864   -1.05883  6.56937   1.000 6.43279  ? 12  GLN C CA   1 
ATOM   656  C C    . GLN C 1 12 ? 9.31499   -1.59634  6.76089   1.000 5.46738  ? 12  GLN C C    1 
ATOM   657  O O    . GLN C 1 12 ? 9.52177   -2.61858  7.42371   1.000 6.40606  ? 12  GLN C O    1 
ATOM   658  C CB   . GLN C 1 12 ? 7.41837   -1.32856  5.14114   1.000 8.05605  ? 12  GLN C CB   1 
ATOM   659  C CG   . GLN C 1 12 ? 7.27199   -2.78787  4.77663   1.000 9.97513  ? 12  GLN C CG   1 
ATOM   660  C CD   . GLN C 1 12 ? 6.66885   -2.94986  3.39924   1.000 11.76794 ? 12  GLN C CD   1 
ATOM   661  O OE1  . GLN C 1 12 ? 5.60180   -2.40473  3.10248   1.000 12.78339 ? 12  GLN C OE1  1 
ATOM   662  N NE2  . GLN C 1 12 ? 7.36102   -3.68104  2.53937   1.000 12.34762 ? 12  GLN C NE2  1 
ATOM   663  H H    . GLN C 1 12 ? 7.62893   0.85599   6.17091   1.000 7.54390  ? 12  GLN C H    1 
ATOM   664  H HA   . GLN C 1 12 ? 7.31021   -1.53614  7.18458   1.000 7.71934  ? 12  GLN C HA   1 
ATOM   665  H HB2  . GLN C 1 12 ? 6.55115   -0.91113  5.02037   1.000 9.66726  ? 12  GLN C HB2  1 
ATOM   666  H HB3  . GLN C 1 12 ? 8.06194   -0.93976  4.52832   1.000 9.66726  ? 12  GLN C HB3  1 
ATOM   667  H HG2  . GLN C 1 12 ? 8.14536   -3.20990  4.78033   1.000 11.97016 ? 12  GLN C HG2  1 
ATOM   668  H HG3  . GLN C 1 12 ? 6.69028   -3.22349  5.41909   1.000 11.97016 ? 12  GLN C HG3  1 
ATOM   669  H HE21 . GLN C 1 12 ? 8.10887   -4.03230  2.77795   1.000 14.81715 ? 12  GLN C HE21 1 
ATOM   670  H HE22 . GLN C 1 12 ? 7.06274   -3.80469  1.74229   1.000 14.81715 ? 12  GLN C HE22 1 
HETATM 671  N N    . AIB C 1 13 ? 10.29487  -0.91921  6.16837   1.000 5.73275  ? 13  AIB C N    1 
HETATM 672  C CA   . AIB C 1 13 ? 11.67843  -1.35035  6.23927   1.000 5.80479  ? 13  AIB C CA   1 
HETATM 673  C C    . AIB C 1 13 ? 12.20341  -1.51051  7.68149   1.000 5.38583  ? 13  AIB C C    1 
HETATM 674  O O    . AIB C 1 13 ? 13.10280  -2.30222  7.98439   1.000 6.19470  ? 13  AIB C O    1 
HETATM 675  C CB1  . AIB C 1 13 ? 11.91331  -2.68105  5.49646   1.000 6.53237  ? 13  AIB C CB1  1 
HETATM 676  C CB2  . AIB C 1 13 ? 12.59358  -0.29507  5.58052   1.000 5.86196  ? 13  AIB C CB2  1 
HETATM 677  H H    . AIB C 1 13 ? 10.16405  -0.31019  5.38479   1.000 6.87929  ? 13  AIB C H    1 
HETATM 678  H HB11 . AIB C 1 13 ? 11.28144  -3.48163  5.94953   1.000 7.83884  ? 13  AIB C HB11 1 
HETATM 679  H HB12 . AIB C 1 13 ? 11.64264  -2.56415  4.42012   1.000 7.83884  ? 13  AIB C HB12 1 
HETATM 680  H HB13 . AIB C 1 13 ? 12.98784  -2.97182  5.57580   1.000 7.83884  ? 13  AIB C HB13 1 
HETATM 681  H HB21 . AIB C 1 13 ? 12.26382  -0.13383  4.52555   1.000 7.03435  ? 13  AIB C HB21 1 
HETATM 682  H HB22 . AIB C 1 13 ? 12.51795  0.66139   6.15249   1.000 7.03435  ? 13  AIB C HB22 1 
HETATM 683  H HB23 . AIB C 1 13 ? 13.64741  -0.66502  5.59673   1.000 7.03435  ? 13  AIB C HB23 1 
ATOM   684  N N    . LEU C 1 14 ? 11.60078  -0.73910  8.59111   1.000 5.30532  ? 14  LEU C N    1 
ATOM   685  C CA   . LEU C 1 14 ? 11.97423  -0.75333  10.01303  1.000 5.54748  ? 14  LEU C CA   1 
ATOM   686  C C    . LEU C 1 14 ? 11.06794  -1.60149  10.89879  1.000 6.10664  ? 14  LEU C C    1 
ATOM   687  O O    . LEU C 1 14 ? 11.19904  -1.61986  12.12648  1.000 7.38331  ? 14  LEU C O    1 
ATOM   688  C CB   . LEU C 1 14 ? 11.98937  0.66539   10.56897  1.000 5.69885  ? 14  LEU C CB   1 
ATOM   689  C CG   . LEU C 1 14 ? 12.98312  1.62847   9.93420   1.000 5.83250  ? 14  LEU C CG   1 
ATOM   690  C CD1  . LEU C 1 14 ? 12.82113  2.99852   10.55663  1.000 6.00404  ? 14  LEU C CD1  1 
ATOM   691  C CD2  . LEU C 1 14 ? 14.41190  1.12792   10.09813  1.000 6.78354  ? 14  LEU C CD2  1 
ATOM   692  H H    . LEU C 1 14 ? 10.96374  -0.19061  8.40966   1.000 6.36639  ? 14  LEU C H    1 
ATOM   693  H HA   . LEU C 1 14 ? 12.85809  -1.15084  10.05388  1.000 6.65698  ? 14  LEU C HA   1 
ATOM   694  H HB2  . LEU C 1 14 ? 11.10535  1.04579   10.44775  1.000 6.83862  ? 14  LEU C HB2  1 
ATOM   695  H HB3  . LEU C 1 14 ? 12.20267  0.61627   11.51396  1.000 6.83862  ? 14  LEU C HB3  1 
ATOM   696  H HG   . LEU C 1 14 ? 12.80901  1.69176   8.98206   1.000 6.99900  ? 14  LEU C HG   1 
ATOM   697  H HD11 . LEU C 1 14 ? 13.46056  3.60624   10.15325  1.000 7.20484  ? 14  LEU C HD11 1 
ATOM   698  H HD12 . LEU C 1 14 ? 11.91806  3.31381   10.39553  1.000 7.20484  ? 14  LEU C HD12 1 
ATOM   699  H HD13 . LEU C 1 14 ? 12.98340  2.93313   11.51073  1.000 7.20484  ? 14  LEU C HD13 1 
ATOM   700  H HD21 . LEU C 1 14 ? 15.02385  1.80927   9.77849   1.000 8.14025  ? 14  LEU C HD21 1 
ATOM   701  H HD22 . LEU C 1 14 ? 14.57786  0.94832   11.03681  1.000 8.14025  ? 14  LEU C HD22 1 
ATOM   702  H HD23 . LEU C 1 14 ? 14.52292  0.31475   9.58110   1.000 8.14025  ? 14  LEU C HD23 1 
HETATM 703  C C11  . I77 C 1 15 ? 6.91737   -4.89464  11.60753  1.000 8.71352  ? 15  I77 C C11  1 
HETATM 704  C C12  . I77 C 1 15 ? 8.25587   -5.20611  11.82105  1.000 8.84601  ? 15  I77 C C12  1 
HETATM 705  C C13  . I77 C 1 15 ? 9.39733   -4.34447  11.34899  1.000 8.24637  ? 15  I77 C C13  1 
HETATM 706  C C17  . I77 C 1 15 ? 8.61459   -6.40491  12.40006  1.000 9.93924  ? 15  I77 C C17  1 
HETATM 707  C C18  . I77 C 1 15 ? 7.61440   -7.25957  12.79977  1.000 10.22008 ? 15  I77 C C18  1 
HETATM 708  C C02  . I77 C 1 15 ? 2.22643   -10.69230 14.09708  1.000 14.81461 ? 15  I77 C C02  1 
HETATM 709  C C03  . I77 C 1 15 ? 3.30570   -9.66448  13.69818  1.000 13.10568 ? 15  I77 C C03  1 
HETATM 710  C C04  . I77 C 1 15 ? 2.90017   -8.45608  13.16167  1.000 12.58863 ? 15  I77 C C04  1 
HETATM 711  C C05  . I77 C 1 15 ? 3.88398   -7.55147  12.80121  1.000 11.79835 ? 15  I77 C C05  1 
HETATM 712  C C06  . I77 C 1 15 ? 4.65477   -9.94138  13.86009  1.000 11.70112 ? 15  I77 C C06  1 
HETATM 713  C C08  . I77 C 1 15 ? 5.21209   -7.86815  13.01329  1.000 11.46822 ? 15  I77 C C08  1 
HETATM 714  C C09  . I77 C 1 15 ? 6.29456   -6.89365  12.59556  1.000 10.44977 ? 15  I77 C C09  1 
HETATM 715  N N01  . I77 C 1 15 ? 2.61462   -12.05196 14.43858  1.000 14.88734 ? 15  I77 C N01  1 
HETATM 716  N N07  . I77 C 1 15 ? 5.55215   -9.04371  13.50784  1.000 11.88498 ? 15  I77 C N07  1 
HETATM 717  N N10  . I77 C 1 15 ? 5.98874   -5.74452  11.99961  1.000 9.92792  ? 15  I77 C N10  1 
HETATM 718  N N14  . I77 C 1 15 ? 9.04329   -3.09198  10.71429  1.000 7.56434  ? 15  I77 C N14  1 
HETATM 719  N N15  . I77 C 1 15 ? 10.05010  -2.29322  10.18261  1.000 6.48644  ? 15  I77 C N15  1 
HETATM 720  O O16  . I77 C 1 15 ? 10.52095  -4.75835  11.39226  1.000 8.54607  ? 15  I77 C O16  1 
HETATM 721  O O19  . I77 C 1 15 ? 1.08803   -10.37664 14.12315  1.000 16.34762 ? 15  I77 C O19  1 
HETATM 722  H H111 . I77 C 1 15 ? 6.64210   -3.96869  11.12681  1.000 10.45623 ? 15  I77 C H111 1 
HETATM 723  H H171 . I77 C 1 15 ? 9.66338   -6.66815  12.53732  1.000 11.92709 ? 15  I77 C H171 1 
HETATM 724  H H181 . I77 C 1 15 ? 7.85654   -8.21032  13.27006  1.000 12.26409 ? 15  I77 C H181 1 
HETATM 725  H H041 . I77 C 1 15 ? 1.85908   -8.22775  13.02944  1.000 15.10636 ? 15  I77 C H041 1 
HETATM 726  H H051 . I77 C 1 15 ? 3.61466   -6.60172  12.35588  1.000 14.15802 ? 15  I77 C H051 1 
HETATM 727  H H061 . I77 C 1 15 ? 4.96862   -10.88962 14.27349  1.000 14.04135 ? 15  I77 C H061 1 
HETATM 728  H H011 . I77 C 1 15 ? 1.91751   -12.71968 14.69415  1.000 17.86481 ? 15  I77 C H011 1 
HETATM 729  H H012 . I77 C 1 15 ? 3.58432   -12.32193 14.41289  1.000 17.86481 ? 15  I77 C H012 1 
HETATM 730  H H141 . I77 C 1 15 ? 8.08129   -2.80303  10.65851  1.000 9.07721  ? 15  I77 C H141 1 
HETATM 731  H H1   . I77 C 1 15 ? 9.68662   -1.36175  10.05516  1.000 7.78373  ? 15  I77 C H1   1 
HETATM 732  O O1   . Z7Z D 1 1  ? -1.15311  -9.71464  6.54041   1.000 5.26154  ? 1   Z7Z D O1   1 
HETATM 733  C C1   . Z7Z D 1 1  ? -1.25442  -10.95729 6.75206   1.000 4.83018  ? 1   Z7Z D C1   1 
HETATM 734  C C2   . Z7Z D 1 1  ? -0.02192  -11.76195 7.18131   1.000 4.93427  ? 1   Z7Z D C2   1 
HETATM 735  C C3   . Z7Z D 1 1  ? -0.14141  -12.94508 7.90046   1.000 5.29485  ? 1   Z7Z D C3   1 
HETATM 736  C C4   . Z7Z D 1 1  ? 0.99772   -13.64118 8.26915   1.000 4.88004  ? 1   Z7Z D C4   1 
HETATM 737  C C5   . Z7Z D 1 1  ? 1.22564   -11.28916 6.83970   1.000 4.67115  ? 1   Z7Z D C5   1 
HETATM 738  C C6   . Z7Z D 1 1  ? 2.35788   -11.98762 7.21847   1.000 4.30651  ? 1   Z7Z D C6   1 
HETATM 739  C C7   . Z7Z D 1 1  ? 2.24930   -13.17445 7.92426   1.000 5.11039  ? 1   Z7Z D C7   1 
HETATM 740  C C8   . Z7Z D 1 1  ? 3.50384   -13.94344 8.36942   1.000 5.77440  ? 1   Z7Z D C8   1 
HETATM 741  C C9   . Z7Z D 1 1  ? 3.45673   -15.32532 8.51934   1.000 6.44369  ? 1   Z7Z D C9   1 
HETATM 742  C C10  . Z7Z D 1 1  ? 4.68156   -13.26748 8.65595   1.000 6.54037  ? 1   Z7Z D C10  1 
HETATM 743  C C11  . Z7Z D 1 1  ? 4.58287   -16.00510 8.94707   1.000 7.38513  ? 1   Z7Z D C11  1 
HETATM 744  C C12  . Z7Z D 1 1  ? 5.80736   -13.96040 9.08346   1.000 7.54703  ? 1   Z7Z D C12  1 
HETATM 745  C C13  . Z7Z D 1 1  ? 5.75509   -15.33493 9.23859   1.000 7.75032  ? 1   Z7Z D C13  1 
HETATM 746  H H31  . Z7Z D 1 1  ? -1.12036  -13.32087 8.17124   1.000 6.35381  ? 1   Z7Z D H31  1 
HETATM 747  H H41  . Z7Z D 1 1  ? 0.90508   -14.56077 8.83366   1.000 5.85604  ? 1   Z7Z D H41  1 
HETATM 748  H H51  . Z7Z D 1 1  ? 1.32024   -10.37028 6.27438   1.000 5.60537  ? 1   Z7Z D H51  1 
HETATM 749  H H61  . Z7Z D 1 1  ? 3.33717   -11.60341 6.96111   1.000 5.16781  ? 1   Z7Z D H61  1 
HETATM 750  H H91  . Z7Z D 1 1  ? 2.54372   -15.86595 8.30247   1.000 7.73242  ? 1   Z7Z D H91  1 
HETATM 751  H H101 . Z7Z D 1 1  ? 4.72339   -12.19095 8.54540   1.000 7.84844  ? 1   Z7Z D H101 1 
HETATM 752  H H111 . Z7Z D 1 1  ? 4.54490   -17.08201 9.05536   1.000 8.86216  ? 1   Z7Z D H111 1 
HETATM 753  H H121 . Z7Z D 1 1  ? 6.72500   -13.42560 9.29514   1.000 9.05644  ? 1   Z7Z D H121 1 
HETATM 754  H H131 . Z7Z D 1 1  ? 6.62468   -15.87957 9.58512   1.000 9.30038  ? 1   Z7Z D H131 1 
ATOM   755  N N    . ALA D 1 2  ? -2.49971  -11.65185 6.75995   1.000 5.17165  ? 2   ALA D N    1 
ATOM   756  C CA   . ALA D 1 2  ? -3.66492  -10.90931 6.28790   1.000 5.30827  ? 2   ALA D CA   1 
ATOM   757  C C    . ALA D 1 2  ? -3.95016  -9.69277  7.16735   1.000 5.01940  ? 2   ALA D C    1 
ATOM   758  O O    . ALA D 1 2  ? -4.35702  -8.65200  6.66746   1.000 5.15528  ? 2   ALA D O    1 
ATOM   759  C CB   . ALA D 1 2  ? -4.86165  -11.81826 6.24695   1.000 5.79261  ? 2   ALA D CB   1 
ATOM   760  H H    . ALA D 1 2  ? -2.61167  -12.50385 6.79350   1.000 6.20598  ? 2   ALA D H    1 
ATOM   761  H HA   . ALA D 1 2  ? -3.48946  -10.58392 5.39111   1.000 6.36993  ? 2   ALA D HA   1 
ATOM   762  H HB1  . ALA D 1 2  ? -5.62997  -11.31495 5.93509   1.000 6.95113  ? 2   ALA D HB1  1 
ATOM   763  H HB2  . ALA D 1 2  ? -4.67941  -12.55321 5.64069   1.000 6.95113  ? 2   ALA D HB2  1 
ATOM   764  H HB3  . ALA D 1 2  ? -5.02975  -12.15945 7.13927   1.000 6.95113  ? 2   ALA D HB3  1 
HETATM 765  N N    . AIB D 1 3  ? -3.78052  -9.84099  8.47491   1.000 4.71988  ? 3   AIB D N    1 
HETATM 766  C CA   . AIB D 1 3  ? -4.01252  -8.75366  9.40454   1.000 5.03082  ? 3   AIB D CA   1 
HETATM 767  C C    . AIB D 1 3  ? -3.29167  -7.45697  8.99377   1.000 5.41867  ? 3   AIB D C    1 
HETATM 768  O O    . AIB D 1 3  ? -3.83794  -6.36009  8.99987   1.000 5.43570  ? 3   AIB D O    1 
HETATM 769  C CB1  . AIB D 1 3  ? -5.52138  -8.46278  9.55811   1.000 5.65687  ? 3   AIB D CB1  1 
HETATM 770  C CB2  . AIB D 1 3  ? -3.44519  -9.09939  10.78812  1.000 5.73107  ? 3   AIB D CB2  1 
HETATM 771  H H    . AIB D 1 3  ? -3.82655  -10.71934 8.95281   1.000 5.66385  ? 3   AIB D H    1 
HETATM 772  H HB11 . AIB D 1 3  ? -5.95501  -8.19039  8.56654   1.000 6.78824  ? 3   AIB D HB11 1 
HETATM 773  H HB12 . AIB D 1 3  ? -6.04139  -9.36900  9.95029   1.000 6.78824  ? 3   AIB D HB12 1 
HETATM 774  H HB13 . AIB D 1 3  ? -5.67097  -7.61626  10.26979  1.000 6.78824  ? 3   AIB D HB13 1 
HETATM 775  H HB21 . AIB D 1 3  ? -3.93626  -10.03061 11.16144  1.000 6.87729  ? 3   AIB D HB21 1 
HETATM 776  H HB22 . AIB D 1 3  ? -2.34323  -9.25992  10.70080  1.000 6.87729  ? 3   AIB D HB22 1 
HETATM 777  H HB23 . AIB D 1 3  ? -3.65155  -8.25415  11.48860  1.000 6.87729  ? 3   AIB D HB23 1 
ATOM   778  N N    . ALA D 1 4  ? -2.01765  -7.61734  8.63656   1.000 5.14802  ? 4   ALA D N    1 
ATOM   779  C CA   . ALA D 1 4  ? -1.16672  -6.49028  8.22875   1.000 5.22260  ? 4   ALA D CA   1 
ATOM   780  C C    . ALA D 1 4  ? -1.50721  -5.98962  6.82599   1.000 4.83118  ? 4   ALA D C    1 
ATOM   781  O O    . ALA D 1 4  ? -1.52882  -4.78731  6.58881   1.000 5.17113  ? 4   ALA D O    1 
ATOM   782  C CB   . ALA D 1 4  ? 0.29206   -6.87885  8.31051   1.000 6.01520  ? 4   ALA D CB   1 
ATOM   783  H H    . ALA D 1 4  ? -1.61415  -8.37665  8.62058   1.000 6.17762  ? 4   ALA D H    1 
ATOM   784  H HA   . ALA D 1 4  ? -1.32448  -5.75488  8.84127   1.000 6.26712  ? 4   ALA D HA   1 
ATOM   785  H HB1  . ALA D 1 4  ? 0.83195   -6.15546  7.95534   1.000 7.21824  ? 4   ALA D HB1  1 
ATOM   786  H HB2  . ALA D 1 4  ? 0.52437   -7.04022  9.23835   1.000 7.21824  ? 4   ALA D HB2  1 
ATOM   787  H HB3  . ALA D 1 4  ? 0.43403   -7.68436  7.78907   1.000 7.21824  ? 4   ALA D HB3  1 
HETATM 788  N N    . AIB D 1 5  ? -1.73723  -6.90999  5.89141   1.000 4.53747  ? 5   AIB D N    1 
HETATM 789  C CA   . AIB D 1 5  ? -2.11952  -6.56239  4.53501   1.000 5.09196  ? 5   AIB D CA   1 
HETATM 790  C C    . AIB D 1 5  ? -3.36584  -5.65969  4.51774   1.000 5.00819  ? 5   AIB D C    1 
HETATM 791  O O    . AIB D 1 5  ? -3.45691  -4.66791  3.80680   1.000 4.75860  ? 5   AIB D O    1 
HETATM 792  C CB1  . AIB D 1 5  ? -0.98495  -5.83297  3.78665   1.000 5.77389  ? 5   AIB D CB1  1 
HETATM 793  C CB2  . AIB D 1 5  ? -2.43871  -7.81671  3.70149   1.000 4.92391  ? 5   AIB D CB2  1 
HETATM 794  H H    . AIB D 1 5  ? -1.35464  -7.83480  5.90973   1.000 5.44496  ? 5   AIB D H    1 
HETATM 795  H HB11 . AIB D 1 5  ? -0.70011  -4.90874  4.34355   1.000 6.92867  ? 5   AIB D HB11 1 
HETATM 796  H HB12 . AIB D 1 5  ? -0.09573  -6.50252  3.70637   1.000 6.92867  ? 5   AIB D HB12 1 
HETATM 797  H HB13 . AIB D 1 5  ? -1.32850  -5.55369  2.76223   1.000 6.92867  ? 5   AIB D HB13 1 
HETATM 798  H HB21 . AIB D 1 5  ? -1.53142  -8.46685  3.65870   1.000 5.90869  ? 5   AIB D HB21 1 
HETATM 799  H HB22 . AIB D 1 5  ? -3.28046  -8.37056  4.18357   1.000 5.90869  ? 5   AIB D HB22 1 
HETATM 800  H HB23 . AIB D 1 5  ? -2.73114  -7.50434  2.66970   1.000 5.90869  ? 5   AIB D HB23 1 
ATOM   801  N N    . LEU D 1 6  ? -4.35052  -6.03814  5.33046   1.000 4.65455  ? 6   LEU D N    1 
ATOM   802  C CA   . LEU D 1 6  ? -5.62772  -5.31072  5.42837   1.000 4.48863  ? 6   LEU D CA   1 
ATOM   803  C C    . LEU D 1 6  ? -5.46089  -3.98529  6.17506   1.000 4.65138  ? 6   LEU D C    1 
ATOM   804  O O    . LEU D 1 6  ? -6.05034  -2.98974  5.77127   1.000 5.08239  ? 6   LEU D O    1 
ATOM   805  C CB   . LEU D 1 6  ? -6.71483  -6.16951  6.07770   1.000 5.27226  ? 6   LEU D CB   1 
ATOM   806  C CG   . LEU D 1 6  ? -7.37843  -7.13477  5.09487   1.000 5.21384  ? 6   LEU D CG   1 
ATOM   807  C CD1  . LEU D 1 6  ? -8.10979  -8.22979  5.84997   1.000 6.29677  ? 6   LEU D CD1  1 
ATOM   808  C CD2  . LEU D 1 6  ? -8.33808  -6.42542  4.16199   1.000 5.61091  ? 6   LEU D CD2  1 
ATOM   809  H H    . LEU D 1 6  ? -4.30864  -6.72435  5.84715   1.000 5.58546  ? 6   LEU D H    1 
ATOM   810  H HA   . LEU D 1 6  ? -5.93018  -5.10450  4.53010   1.000 5.38635  ? 6   LEU D HA   1 
ATOM   811  H HB2  . LEU D 1 6  ? -6.31743  -6.69330  6.79087   1.000 6.32671  ? 6   LEU D HB2  1 
ATOM   812  H HB3  . LEU D 1 6  ? -7.40238  -5.58731  6.43719   1.000 6.32671  ? 6   LEU D HB3  1 
ATOM   813  H HG   . LEU D 1 6  ? -6.68161  -7.53067  4.54843   1.000 6.25660  ? 6   LEU D HG   1 
ATOM   814  H HD11 . LEU D 1 6  ? -8.54140  -8.81927  5.21191   1.000 7.55613  ? 6   LEU D HD11 1 
ATOM   815  H HD12 . LEU D 1 6  ? -7.46965  -8.72895  6.38096   1.000 7.55613  ? 6   LEU D HD12 1 
ATOM   816  H HD13 . LEU D 1 6  ? -8.77478  -7.82460  6.42832   1.000 7.55613  ? 6   LEU D HD13 1 
ATOM   817  H HD21 . LEU D 1 6  ? -8.76565  -7.08182  3.58995   1.000 6.73310  ? 6   LEU D HD21 1 
ATOM   818  H HD22 . LEU D 1 6  ? -9.00650  -5.96120  4.68982   1.000 6.73310  ? 6   LEU D HD22 1 
ATOM   819  H HD23 . LEU D 1 6  ? -7.84231  -5.78958  3.62272   1.000 6.73310  ? 6   LEU D HD23 1 
HETATM 820  N N    . AIB D 1 7  ? -4.69593  -3.97834  7.26305   1.000 4.86194  ? 7   AIB D N    1 
HETATM 821  C CA   . AIB D 1 7  ? -4.38585  -2.76165  7.96955   1.000 4.82775  ? 7   AIB D CA   1 
HETATM 822  C C    . AIB D 1 7  ? -3.83874  -1.70574  6.99727   1.000 4.92009  ? 7   AIB D C    1 
HETATM 823  O O    . AIB D 1 7  ? -4.23559  -0.54419  6.96880   1.000 5.29880  ? 7   AIB D O    1 
HETATM 824  C CB1  . AIB D 1 7  ? -5.63790  -2.19858  8.67120   1.000 5.48277  ? 7   AIB D CB1  1 
HETATM 825  C CB2  . AIB D 1 7  ? -3.28391  -3.00028  9.00997   1.000 5.85896  ? 7   AIB D CB2  1 
HETATM 826  H H    . AIB D 1 7  ? -4.56556  -4.76801  7.86424   1.000 5.83433  ? 7   AIB D H    1 
HETATM 827  H HB11 . AIB D 1 7  ? -6.45687  -2.06024  7.92582   1.000 6.57932  ? 7   AIB D HB11 1 
HETATM 828  H HB12 . AIB D 1 7  ? -5.97718  -2.90856  9.46258   1.000 6.57932  ? 7   AIB D HB12 1 
HETATM 829  H HB13 . AIB D 1 7  ? -5.39662  -1.21454  9.13910   1.000 6.57932  ? 7   AIB D HB13 1 
HETATM 830  H HB21 . AIB D 1 7  ? -3.63920  -3.75729  9.75052   1.000 7.03076  ? 7   AIB D HB21 1 
HETATM 831  H HB22 . AIB D 1 7  ? -2.36843  -3.37621  8.49201   1.000 7.03076  ? 7   AIB D HB22 1 
HETATM 832  H HB23 . AIB D 1 7  ? -3.05810  -2.03759  9.52949   1.000 7.03076  ? 7   AIB D HB23 1 
ATOM   833  N N    . ALA D 1 8  ? -2.91753  -2.15296  6.14132   1.000 5.17072  ? 8   ALA D N    1 
ATOM   834  C CA   . ALA D 1 8  ? -2.28131  -1.28422  5.16258   1.000 4.97852  ? 8   ALA D CA   1 
ATOM   835  C C    . ALA D 1 8  ? -3.26607  -0.86402  4.08851   1.000 5.12109  ? 8   ALA D C    1 
ATOM   836  O O    . ALA D 1 8  ? -3.26992  0.29696   3.68667   1.000 5.53142  ? 8   ALA D O    1 
ATOM   837  C CB   . ALA D 1 8  ? -1.05226  -1.96530  4.53289   1.000 5.34517  ? 8   ALA D CB   1 
ATOM   838  H H    . ALA D 1 8  ? -2.64308  -2.96740  6.11050   1.000 6.20486  ? 8   ALA D H    1 
ATOM   839  H HA   . ALA D 1 8  ? -1.96977  -0.48579  5.61684   1.000 5.97422  ? 8   ALA D HA   1 
ATOM   840  H HB1  . ALA D 1 8  ? -0.64914  -1.35911  3.89184   1.000 6.41420  ? 8   ALA D HB1  1 
ATOM   841  H HB2  . ALA D 1 8  ? -0.41547  -2.17754  5.23314   1.000 6.41420  ? 8   ALA D HB2  1 
ATOM   842  H HB3  . ALA D 1 8  ? -1.33594  -2.77827  4.08626   1.000 6.41420  ? 8   ALA D HB3  1 
HETATM 843  N N    . AIB D 1 9  ? -4.09812  -1.79104  3.61706   1.000 5.09567  ? 9   AIB D N    1 
HETATM 844  C CA   . AIB D 1 9  ? -5.11435  -1.47287  2.62806   1.000 5.31646  ? 9   AIB D CA   1 
HETATM 845  C C    . AIB D 1 9  ? -5.96503  -0.27848  3.10297   1.000 5.46992  ? 9   AIB D C    1 
HETATM 846  O O    . AIB D 1 9  ? -6.23128  0.69647   2.39766   1.000 5.57634  ? 9   AIB D O    1 
HETATM 847  C CB1  . AIB D 1 9  ? -4.47661  -1.11860  1.26032   1.000 5.72880  ? 9   AIB D CB1  1 
HETATM 848  C CB2  . AIB D 1 9  ? -6.09259  -2.65098  2.46253   1.000 6.00022  ? 9   AIB D CB2  1 
HETATM 849  H H    . AIB D 1 9  ? -4.33789  -2.63311  4.10227   1.000 6.11481  ? 9   AIB D H    1 
HETATM 850  H HB11 . AIB D 1 9  ? -3.72781  -0.30203  1.39439   1.000 6.87456  ? 9   AIB D HB11 1 
HETATM 851  H HB12 . AIB D 1 9  ? -3.96824  -2.01780  0.83788   1.000 6.87456  ? 9   AIB D HB12 1 
HETATM 852  H HB13 . AIB D 1 9  ? -5.26923  -0.77792  0.55241   1.000 6.87456  ? 9   AIB D HB13 1 
HETATM 853  H HB21 . AIB D 1 9  ? -5.51951  -3.56152  2.16223   1.000 7.20026  ? 9   AIB D HB21 1 
HETATM 854  H HB22 . AIB D 1 9  ? -6.61246  -2.83274  3.43432   1.000 7.20026  ? 9   AIB D HB22 1 
HETATM 855  H HB23 . AIB D 1 9  ? -6.84082  -2.39571  1.67343   1.000 7.20026  ? 9   AIB D HB23 1 
ATOM   856  N N    . LEU D 1 10 ? -6.35911  -0.35323  4.37119   1.000 5.24061  ? 10  LEU D N    1 
ATOM   857  C CA   . LEU D 1 10 ? -7.18740  0.67587   4.99562   1.000 5.70422  ? 10  LEU D CA   1 
ATOM   858  C C    . LEU D 1 10 ? -6.43624  1.99676   5.09358   1.000 5.69389  ? 10  LEU D C    1 
ATOM   859  O O    . LEU D 1 10 ? -6.95318  3.05734   4.71245   1.000 5.45171  ? 10  LEU D O    1 
ATOM   860  C CB   . LEU D 1 10 ? -7.64269  0.21614   6.38761   1.000 5.47466  ? 10  LEU D CB   1 
ATOM   861  C CG   . LEU D 1 10 ? -8.54628  1.16602   7.18723   1.000 5.71537  ? 10  LEU D CG   1 
ATOM   862  C CD1  . LEU D 1 10 ? -9.87604  1.38519   6.48241   1.000 6.67284  ? 10  LEU D CD1  1 
ATOM   863  C CD2  . LEU D 1 10 ? -8.76630  0.65993   8.60852   1.000 5.95592  ? 10  LEU D CD2  1 
ATOM   864  H H    . LEU D 1 10 ? -6.15716  -1.00025  4.90052   1.000 6.28873  ? 10  LEU D H    1 
ATOM   865  H HA   . LEU D 1 10 ? -7.97768  0.82444   4.45316   1.000 6.84507  ? 10  LEU D HA   1 
ATOM   866  H HB2  . LEU D 1 10 ? -8.13311  -0.61382  6.28012   1.000 6.56959  ? 10  LEU D HB2  1 
ATOM   867  H HB3  . LEU D 1 10 ? -6.84898  0.06534   6.92444   1.000 6.56959  ? 10  LEU D HB3  1 
ATOM   868  H HG   . LEU D 1 10 ? -8.09829  2.02424   7.24768   1.000 6.85844  ? 10  LEU D HG   1 
ATOM   869  H HD11 . LEU D 1 10 ? -10.43105 1.96406   7.02810   1.000 8.00740  ? 10  LEU D HD11 1 
ATOM   870  H HD12 . LEU D 1 10 ? -9.71228  1.79995   5.62098   1.000 8.00740  ? 10  LEU D HD12 1 
ATOM   871  H HD13 . LEU D 1 10 ? -10.31314 0.52809   6.35909   1.000 8.00740  ? 10  LEU D HD13 1 
ATOM   872  H HD21 . LEU D 1 10 ? -9.35352  1.27486   9.07535   1.000 7.14711  ? 10  LEU D HD21 1 
ATOM   873  H HD22 . LEU D 1 10 ? -9.17167  -0.22051  8.57104   1.000 7.14711  ? 10  LEU D HD22 1 
ATOM   874  H HD23 . LEU D 1 10 ? -7.91041  0.61097   9.06235   1.000 7.14711  ? 10  LEU D HD23 1 
HETATM 875  N N    . AIB D 1 11 ? -5.22451  1.93545   5.62945   1.000 5.08671  ? 11  AIB D N    1 
HETATM 876  C CA   . AIB D 1 11 ? -4.38159  3.10006   5.74033   1.000 4.85749  ? 11  AIB D CA   1 
HETATM 877  C C    . AIB D 1 11 ? -4.23150  3.88433   4.41526   1.000 5.24411  ? 11  AIB D C    1 
HETATM 878  O O    . AIB D 1 11 ? -4.29863  5.11194   4.33900   1.000 6.03839  ? 11  AIB D O    1 
HETATM 879  C CB1  . AIB D 1 11 ? -4.94097  4.05650   6.80869   1.000 5.68593  ? 11  AIB D CB1  1 
HETATM 880  C CB2  . AIB D 1 11 ? -2.97775  2.66201   6.19251   1.000 5.23260  ? 11  AIB D CB2  1 
HETATM 881  H H    . AIB D 1 11 ? -4.93155  1.23409   6.28082   1.000 6.10405  ? 11  AIB D H    1 
HETATM 882  H HB11 . AIB D 1 11 ? -5.97562  4.36840   6.52998   1.000 6.82312  ? 11  AIB D HB11 1 
HETATM 883  H HB12 . AIB D 1 11 ? -4.96630  3.54172   7.79854   1.000 6.82312  ? 11  AIB D HB12 1 
HETATM 884  H HB13 . AIB D 1 11 ? -4.29136  4.96105   6.88129   1.000 6.82312  ? 11  AIB D HB13 1 
HETATM 885  H HB21 . AIB D 1 11 ? -3.05653  2.14983   7.18202   1.000 6.27911  ? 11  AIB D HB21 1 
HETATM 886  H HB22 . AIB D 1 11 ? -2.55274  1.96036   5.43440   1.000 6.27911  ? 11  AIB D HB22 1 
HETATM 887  H HB23 . AIB D 1 11 ? -2.32550  3.56430   6.28271   1.000 6.27911  ? 11  AIB D HB23 1 
ATOM   888  N N    . GLN D 1 12 ? -4.03366  3.12640   3.33714   1.000 5.26351  ? 12  GLN D N    1 
ATOM   889  C CA   . GLN D 1 12 ? -3.78904  3.68475   2.00597   1.000 5.26938  ? 12  GLN D CA   1 
ATOM   890  C C    . GLN D 1 12 ? -5.07540  4.20578   1.37308   1.000 4.55663  ? 12  GLN D C    1 
ATOM   891  O O    . GLN D 1 12 ? -5.11194  5.29010   0.81435   1.000 5.57495  ? 12  GLN D O    1 
ATOM   892  C CB   . GLN D 1 12 ? -3.14375  2.62217   1.12458   1.000 5.64480  ? 12  GLN D CB   1 
ATOM   893  C CG   . GLN D 1 12 ? -1.71758  2.32204   1.57087   1.000 6.62827  ? 12  GLN D CG   1 
ATOM   894  C CD   . GLN D 1 12 ? -1.12465  1.11818   0.88887   1.000 8.66620  ? 12  GLN D CD   1 
ATOM   895  O OE1  . GLN D 1 12 ? -1.39827  0.85868   -0.27820  1.000 10.11003 ? 12  GLN D OE1  1 
ATOM   896  N NE2  . GLN D 1 12 ? -0.25680  0.40441   1.59681   1.000 9.66762  ? 12  GLN D NE2  1 
ATOM   897  H H    . GLN D 1 12 ? -4.03613  2.26649   3.34954   1.000 6.31621  ? 12  GLN D H    1 
ATOM   898  H HA   . GLN D 1 12 ? -3.18382  4.43975   2.07364   1.000 6.32326  ? 12  GLN D HA   1 
ATOM   899  H HB2  . GLN D 1 12 ? -3.66044  1.80303   1.17875   1.000 6.77375  ? 12  GLN D HB2  1 
ATOM   900  H HB3  . GLN D 1 12 ? -3.11775  2.93800   0.20780   1.000 6.77375  ? 12  GLN D HB3  1 
ATOM   901  H HG2  . GLN D 1 12 ? -1.15669  3.08670   1.36692   1.000 7.95392  ? 12  GLN D HG2  1 
ATOM   902  H HG3  . GLN D 1 12 ? -1.71565  2.15460   2.52631   1.000 7.95392  ? 12  GLN D HG3  1 
ATOM   903  H HE21 . GLN D 1 12 ? -0.06122  0.63938   2.40063   1.000 11.60115 ? 12  GLN D HE21 1 
ATOM   904  H HE22 . GLN D 1 12 ? 0.10958   -0.29277  1.25141   1.000 11.60115 ? 12  GLN D HE22 1 
HETATM 905  N N    . AIB D 1 13 ? -6.13961  3.43875   1.48077   1.000 4.65928  ? 13  AIB D N    1 
HETATM 906  C CA   . AIB D 1 13 ? -7.45014  3.87324   1.03051   1.000 5.27525  ? 13  AIB D CA   1 
HETATM 907  C C    . AIB D 1 13 ? -7.86337  5.24552   1.56991   1.000 4.65403  ? 13  AIB D C    1 
HETATM 908  O O    . AIB D 1 13 ? -8.44033  6.10242   0.88800   1.000 4.91152  ? 13  AIB D O    1 
HETATM 909  C CB1  . AIB D 1 13 ? -7.55591  3.87044   -0.50003  1.000 5.34267  ? 13  AIB D CB1  1 
HETATM 910  C CB2  . AIB D 1 13 ? -8.51994  2.92167   1.56974   1.000 6.21088  ? 13  AIB D CB2  1 
HETATM 911  H H    . AIB D 1 13 ? -6.23346  2.69732   2.14671   1.000 5.59114  ? 13  AIB D H    1 
HETATM 912  H HB11 . AIB D 1 13 ? -6.78617  4.55351   -0.93175  1.000 6.41120  ? 13  AIB D HB11 1 
HETATM 913  H HB12 . AIB D 1 13 ? -7.38889  2.83709   -0.88697  1.000 6.41120  ? 13  AIB D HB12 1 
HETATM 914  H HB13 . AIB D 1 13 ? -8.57053  4.21869   -0.80782  1.000 6.41120  ? 13  AIB D HB13 1 
HETATM 915  H HB21 . AIB D 1 13 ? -8.31761  1.89152   1.18823   1.000 7.45306  ? 13  AIB D HB21 1 
HETATM 916  H HB22 . AIB D 1 13 ? -8.48377  2.92716   2.68613   1.000 7.45306  ? 13  AIB D HB22 1 
HETATM 917  H HB23 . AIB D 1 13 ? -9.52362  3.26570   1.22053   1.000 7.45306  ? 13  AIB D HB23 1 
ATOM   918  N N    . LEU D 1 14 ? -7.47721  5.47382   2.82428   1.000 4.96203  ? 14  LEU D N    1 
ATOM   919  C CA   . LEU D 1 14 ? -7.79235  6.70991   3.54774   1.000 5.57190  ? 14  LEU D CA   1 
ATOM   920  C C    . LEU D 1 14 ? -6.66284  7.73049   3.50554   1.000 5.89265  ? 14  LEU D C    1 
ATOM   921  O O    . LEU D 1 14 ? -6.67696  8.73817   4.20457   1.000 7.69080  ? 14  LEU D O    1 
ATOM   922  C CB   . LEU D 1 14 ? -8.12486  6.41785   5.00458   1.000 5.39140  ? 14  LEU D CB   1 
ATOM   923  C CG   . LEU D 1 14 ? -9.31635  5.48426   5.15585   1.000 6.09976  ? 14  LEU D CG   1 
ATOM   924  C CD1  . LEU D 1 14 ? -9.58397  5.22883   6.62635   1.000 7.19926  ? 14  LEU D CD1  1 
ATOM   925  C CD2  . LEU D 1 14 ? -10.56152 6.03679   4.46439   1.000 7.02633  ? 14  LEU D CD2  1 
ATOM   926  H H    . LEU D 1 14 ? -7.01987  4.91578   3.29228   1.000 5.95443  ? 14  LEU D H    1 
ATOM   927  H HA   . LEU D 1 14 ? -8.56408  7.10112   3.10925   1.000 6.68628  ? 14  LEU D HA   1 
ATOM   928  H HB2  . LEU D 1 14 ? -7.35793  5.99902   5.42566   1.000 6.46968  ? 14  LEU D HB2  1 
ATOM   929  H HB3  . LEU D 1 14 ? -8.33573  7.25143   5.45355   1.000 6.46968  ? 14  LEU D HB3  1 
ATOM   930  H HG   . LEU D 1 14 ? -9.10862  4.64103   4.72375   1.000 7.31971  ? 14  LEU D HG   1 
ATOM   931  H HD11 . LEU D 1 14 ? -10.36835 4.66451   6.71122   1.000 8.63912  ? 14  LEU D HD11 1 
ATOM   932  H HD12 . LEU D 1 14 ? -8.81383  4.78541   7.01514   1.000 8.63912  ? 14  LEU D HD12 1 
ATOM   933  H HD13 . LEU D 1 14 ? -9.73697  6.07698   7.07147   1.000 8.63912  ? 14  LEU D HD13 1 
ATOM   934  H HD21 . LEU D 1 14 ? -11.32156 5.47718   4.68814   1.000 8.43160  ? 14  LEU D HD21 1 
ATOM   935  H HD22 . LEU D 1 14 ? -10.71686 6.94379   4.77118   1.000 8.43160  ? 14  LEU D HD22 1 
ATOM   936  H HD23 . LEU D 1 14 ? -10.41832 6.03207   3.50503   1.000 8.43160  ? 14  LEU D HD23 1 
HETATM 937  C C11  . I77 D 1 15 ? -2.26869  9.92222   1.53376   1.000 5.04743  ? 15  I77 D C11  1 
HETATM 938  C C12  . I77 D 1 15 ? -3.57107  10.34148  1.30355   1.000 5.64275  ? 15  I77 D C12  1 
HETATM 939  C C13  . I77 D 1 15 ? -4.80446  9.52944   1.60408   1.000 4.97003  ? 15  I77 D C13  1 
HETATM 940  C C17  . I77 D 1 15 ? -3.82055  11.53985  0.68348   1.000 6.37930  ? 15  I77 D C17  1 
HETATM 941  C C18  . I77 D 1 15 ? -2.77743  12.32838  0.33328   1.000 5.04283  ? 15  I77 D C18  1 
HETATM 942  C C02  . I77 D 1 15 ? 2.80434   15.32880  -0.90738  1.000 5.82417  ? 15  I77 D C02  1 
HETATM 943  C C03  . I77 D 1 15 ? 1.58460   14.46773  -0.53504  1.000 5.47750  ? 15  I77 D C03  1 
HETATM 944  C C04  . I77 D 1 15 ? 1.87704   13.23911  0.01177   1.000 5.56478  ? 15  I77 D C04  1 
HETATM 945  C C05  . I77 D 1 15 ? 0.84522   12.42401  0.36123   1.000 4.28079  ? 15  I77 D C05  1 
HETATM 946  C C06  . I77 D 1 15 ? 0.26129   14.87495  -0.71234  1.000 5.55849  ? 15  I77 D C06  1 
HETATM 947  C C08  . I77 D 1 15 ? -0.43695  12.86133  0.17607   1.000 5.14947  ? 15  I77 D C08  1 
HETATM 948  C C09  . I77 D 1 15 ? -1.50162  11.90539  0.59638   1.000 5.35022  ? 15  I77 D C09  1 
HETATM 949  N N01  . I77 D 1 15 ? 2.57649   16.64594  -1.43402  1.000 6.43671  ? 15  I77 D N01  1 
HETATM 950  N N07  . I77 D 1 15 ? -0.71370  14.05107  -0.35030  1.000 5.83179  ? 15  I77 D N07  1 
HETATM 951  N N10  . I77 D 1 15 ? -1.27442  10.72759  1.18216   1.000 5.40719  ? 15  I77 D N10  1 
HETATM 952  N N14  . I77 D 1 15 ? -4.55848  8.29817   2.29473   1.000 5.01775  ? 15  I77 D N14  1 
HETATM 953  N N15  . I77 D 1 15 ? -5.65945  7.46164   2.53188   1.000 5.36532  ? 15  I77 D N15  1 
HETATM 954  O O16  . I77 D 1 15 ? -5.89100  9.88297   1.24755   1.000 5.53271  ? 15  I77 D O16  1 
HETATM 955  O O19  . I77 D 1 15 ? 3.90631   14.89678  -0.74052  1.000 7.15816  ? 15  I77 D O19  1 
HETATM 956  H H111 . I77 D 1 15 ? -2.06896  8.96404   1.98791   1.000 6.05691  ? 15  I77 D H111 1 
HETATM 957  H H171 . I77 D 1 15 ? -4.84394  11.85238  0.47586   1.000 7.65516  ? 15  I77 D H171 1 
HETATM 958  H H181 . I77 D 1 15 ? -2.95042  13.28694  -0.15150  1.000 6.05139  ? 15  I77 D H181 1 
HETATM 959  H H041 . I77 D 1 15 ? 2.89535   12.93119  0.15909   1.000 6.67773  ? 15  I77 D H041 1 
HETATM 960  H H051 . I77 D 1 15 ? 1.03640   11.44359  0.77971   1.000 5.13695  ? 15  I77 D H051 1 
HETATM 961  H H061 . I77 D 1 15 ? 0.03513   15.84317  -1.13657  1.000 6.67019  ? 15  I77 D H061 1 
HETATM 962  H H011 . I77 D 1 15 ? 3.35259   17.22676  -1.67993  1.000 7.72405  ? 15  I77 D H011 1 
HETATM 963  H H012 . I77 D 1 15 ? 1.63666   16.98699  -1.56057  1.000 7.72405  ? 15  I77 D H012 1 
HETATM 964  H H141 . I77 D 1 15 ? -3.63350  8.04364   2.59747   1.000 6.02131  ? 15  I77 D H141 1 
HETATM 965  H H1   . I77 D 1 15 ? -5.30286  6.56748   2.82644   1.000 6.43838  ? 15  I77 D H1   1 
HETATM 966  O O    . HOH E 2 .  ? 8.91407   -3.09988  0.36059   1.000 36.78931 ? 101 HOH A O    1 
HETATM 967  O O    . HOH E 2 .  ? 11.00926  -5.23531  -3.37225  1.000 7.85772  ? 102 HOH A O    1 
HETATM 968  O O    . HOH E 2 .  ? 5.97051   -4.16064  -7.88923  1.000 8.38359  ? 103 HOH A O    1 
HETATM 969  O O    . HOH E 2 .  ? 10.83214  -9.59212  -2.52547  1.000 9.38362  ? 104 HOH A O    1 
HETATM 970  O O    . HOH E 2 .  ? -5.48262  -12.86313 -4.24640  1.000 18.76533 ? 105 HOH A O    1 
HETATM 971  O O    . HOH E 2 .  ? 15.01697  7.02833   -11.55972 1.000 19.06526 ? 106 HOH A O    1 
HETATM 972  O O    . HOH E 2 .  ? 12.41458  8.20767   -12.12925 1.000 13.55871 ? 107 HOH A O    1 
HETATM 973  O O    . HOH E 2 .  ? -0.89652  -8.94659  -7.39426  1.000 22.45936 ? 108 HOH A O    1 
HETATM 974  O O    . HOH E 2 .  ? 4.64738   -1.64108  -5.96023  1.000 22.25739 ? 109 HOH A O    1 
HETATM 975  O O    . HOH E 2 .  ? 12.07620  -11.42001 -4.08640  1.000 16.10221 ? 110 HOH A O    1 
HETATM 976  O O    . HOH E 2 .  ? 1.10341   -2.05099  -8.81775  1.000 29.13812 ? 111 HOH A O    1 
HETATM 977  O O    . HOH F 2 .  ? -10.56466 -12.98245 1.12131   1.000 7.15588  ? 101 HOH B O    1 
HETATM 978  O O    . HOH F 2 .  ? 2.31870   2.43845   -6.83907  1.000 18.95104 ? 102 HOH B O    1 
HETATM 979  O O    . HOH F 2 .  ? -14.58267 0.87851   -6.33532  1.000 5.58984  ? 103 HOH B O    1 
HETATM 980  O O    . HOH F 2 .  ? -8.53091  -2.27622  -5.75215  1.000 13.97348 ? 104 HOH B O    1 
HETATM 981  O O    . HOH F 2 .  ? -14.20584 2.80858   -3.46437  1.000 6.11737  ? 105 HOH B O    1 
HETATM 982  O O    . HOH F 2 .  ? -7.96804  6.88479   -3.31181  1.000 8.67557  ? 106 HOH B O    1 
HETATM 983  O O    . HOH F 2 .  ? 1.73818   5.68423   -13.10610 1.000 21.92586 ? 107 HOH B O    1 
HETATM 984  O O    . HOH F 2 .  ? -5.89141  -2.69292  -4.83516  1.000 28.57269 ? 108 HOH B O    1 
HETATM 985  O O    . HOH F 2 .  ? -14.52721 4.68523   -1.38794  1.000 7.55505  ? 109 HOH B O    1 
HETATM 986  O O    . HOH G 2 .  ? 4.28849   1.65247   5.87388   1.000 29.12354 ? 101 HOH C O    1 
HETATM 987  O O    . HOH G 2 .  ? 1.21048   -14.14784 15.31589  1.000 15.14624 ? 102 HOH C O    1 
HETATM 988  O O    . HOH G 2 .  ? 6.79980   -1.44580  10.81754  1.000 10.35847 ? 103 HOH C O    1 
HETATM 989  O O    . HOH G 2 .  ? 13.25327  -0.80369  13.88152  1.000 21.44377 ? 104 HOH C O    1 
HETATM 990  O O    . HOH G 2 .  ? 15.82714  -1.84609  8.66554   1.000 9.54375  ? 105 HOH C O    1 
HETATM 991  O O    . HOH G 2 .  ? 10.64045  -0.71857  2.04462   1.000 6.37735  ? 106 HOH C O    1 
HETATM 992  O O    . HOH G 2 .  ? 7.56066   12.29821  5.14173   1.000 19.42693 ? 107 HOH C O    1 
HETATM 993  O O    . HOH G 2 .  ? 2.79658   8.00626   4.78899   1.000 31.68362 ? 108 HOH C O    1 
HETATM 994  O O    . HOH G 2 .  ? 10.20036  -5.32557  2.51013   1.000 18.32012 ? 109 HOH C O    1 
HETATM 995  O O    . HOH G 2 .  ? 3.63822   -15.15750 15.80199  1.000 16.84403 ? 110 HOH C O    1 
HETATM 996  O O    . HOH G 2 .  ? 2.99650   5.80054   6.50111   1.000 26.09944 ? 111 HOH C O    1 
HETATM 997  O O    . HOH G 2 .  ? 2.37150   10.39506  5.02999   1.000 29.87935 ? 112 HOH C O    1 
HETATM 998  O O    . HOH G 2 .  ? 17.05438  -1.33656  11.10790  1.000 12.93680 ? 113 HOH C O    1 
HETATM 999  O O    . HOH G 2 .  ? 20.81391  2.43330   9.54163   1.000 18.03250 ? 114 HOH C O    1 
HETATM 1000 O O    . HOH H 2 .  ? 6.49084   14.93530  -1.60205  1.000 6.20832  ? 101 HOH D O    1 
HETATM 1001 O O    . HOH H 2 .  ? -8.37291  8.86651   0.58150   1.000 5.52391  ? 102 HOH D O    1 
HETATM 1002 O O    . HOH H 2 .  ? -2.27563  6.85370   3.03441   1.000 12.69766 ? 103 HOH D O    1 
HETATM 1003 O O    . HOH H 2 .  ? -10.77996 6.34686   -1.12787  1.000 19.66281 ? 104 HOH D O    1 
HETATM 1004 O O    . HOH H 2 .  ? -11.74624 5.71504   0.64269   1.000 16.90055 ? 105 HOH D O    1 
HETATM 1005 O O    . HOH H 2 .  ? 0.42122   1.21423   4.81930   1.000 30.14260 ? 106 HOH D O    1 
HETATM 1006 O O    . HOH H 2 .  ? 0.56812   19.40138  -0.63838  1.000 30.81704 ? 107 HOH D O    1 
HETATM 1007 O O    . HOH H 2 .  ? 0.56897   5.30187   3.97133   1.000 34.56327 ? 108 HOH D O    1 
HETATM 1008 O O    . HOH H 2 .  ? -13.72189 6.59268   3.07713   1.000 6.73314  ? 109 HOH D O    1 
# 
loop_
_atom_site_anisotrop.id 
_atom_site_anisotrop.type_symbol 
_atom_site_anisotrop.pdbx_label_atom_id 
_atom_site_anisotrop.pdbx_label_alt_id 
_atom_site_anisotrop.pdbx_label_comp_id 
_atom_site_anisotrop.pdbx_label_asym_id 
_atom_site_anisotrop.pdbx_label_seq_id 
_atom_site_anisotrop.pdbx_PDB_ins_code 
_atom_site_anisotrop.U[1][1] 
_atom_site_anisotrop.U[2][2] 
_atom_site_anisotrop.U[3][3] 
_atom_site_anisotrop.U[1][2] 
_atom_site_anisotrop.U[1][3] 
_atom_site_anisotrop.U[2][3] 
_atom_site_anisotrop.pdbx_auth_seq_id 
_atom_site_anisotrop.pdbx_auth_comp_id 
_atom_site_anisotrop.pdbx_auth_asym_id 
_atom_site_anisotrop.pdbx_auth_atom_id 
1    C C1  . Z7Z A 1  ? 0.07230 0.04346 0.08117 -0.01668 -0.02574 0.01106  1   Z7Z A C1  
2    O O2  . Z7Z A 1  ? 0.07983 0.06668 0.10291 -0.00481 -0.02423 0.00755  1   Z7Z A O2  
3    C C2  . Z7Z A 1  ? 0.08447 0.04266 0.07548 -0.01744 -0.01726 0.02492  1   Z7Z A C2  
4    C C3  . Z7Z A 1  ? 0.07013 0.03965 0.08012 -0.01495 -0.02407 0.01867  1   Z7Z A C3  
5    C C4  . Z7Z A 1  ? 0.07917 0.05411 0.10283 -0.00432 -0.03942 0.02519  1   Z7Z A C4  
6    C C5  . Z7Z A 1  ? 0.09025 0.05459 0.08917 -0.01796 -0.03031 0.03356  1   Z7Z A C5  
7    C C6  . Z7Z A 1  ? 0.09650 0.05748 0.10152 -0.01216 -0.03828 0.03415  1   Z7Z A C6  
8    C C7  . Z7Z A 1  ? 0.09862 0.06438 0.11348 -0.00439 -0.05066 0.02932  1   Z7Z A C7  
9    C C8  . Z7Z A 1  ? 0.11591 0.08214 0.17180 0.00569  -0.05916 0.03602  1   Z7Z A C8  
10   C C9  . Z7Z A 1  ? 0.13750 0.09926 0.20817 0.00858  -0.05722 0.03919  1   Z7Z A C9  
11   C C10 . Z7Z A 1  ? 0.13230 0.09333 0.19530 0.02030  -0.05067 0.04248  1   Z7Z A C10 
12   C C11 . Z7Z A 1  ? 0.13684 0.11097 0.22893 0.01251  -0.05458 0.04303  1   Z7Z A C11 
13   C C12 . Z7Z A 1  ? 0.13960 0.09789 0.21530 0.02021  -0.05414 0.04460  1   Z7Z A C12 
14   C C13 . Z7Z A 1  ? 0.14180 0.11012 0.23599 0.01620  -0.05571 0.04735  1   Z7Z A C13 
24   N N   . ALA A 2  ? 0.07301 0.06177 0.08501 -0.01067 -0.03275 0.00611  2   ALA A N   
25   C CA  . ALA A 2  ? 0.06737 0.06581 0.09287 -0.00462 -0.03233 0.00107  2   ALA A CA  
26   C C   . ALA A 2  ? 0.06590 0.05127 0.08243 -0.02152 -0.02932 -0.00489 2   ALA A C   
27   O O   . ALA A 2  ? 0.06669 0.05135 0.10846 -0.01781 -0.02518 -0.00003 2   ALA A O   
28   C CB  . ALA A 2  ? 0.06446 0.09047 0.10954 0.00052  -0.03495 -0.00578 2   ALA A CB  
34   N N   . AIB A 3  ? 0.08034 0.05479 0.09641 -0.01748 -0.00800 0.00221  3   AIB A N   
35   C CA  . AIB A 3  ? 0.06709 0.06191 0.09776 -0.03184 -0.00610 -0.00069 3   AIB A CA  
36   C C   . AIB A 3  ? 0.07250 0.08139 0.08356 -0.02405 -0.02288 0.00520  3   AIB A C   
37   O O   . AIB A 3  ? 0.07671 0.07730 0.09151 -0.03057 -0.01220 0.01846  3   AIB A O   
38   C CB1 . AIB A 3  ? 0.04590 0.06468 0.11134 -0.01933 -0.01995 -0.00436 3   AIB A CB1 
39   C CB2 . AIB A 3  ? 0.06576 0.08252 0.11693 -0.02935 -0.02088 -0.01896 3   AIB A CB2 
47   N N   . ALA A 4  ? 0.06804 0.08387 0.07260 -0.02584 -0.03097 0.00126  4   ALA A N   
48   C CA  . ALA A 4  ? 0.06712 0.08364 0.08171 -0.02960 -0.03038 0.01470  4   ALA A CA  
49   C C   . ALA A 4  ? 0.06427 0.06367 0.08598 -0.02841 -0.03207 0.01115  4   ALA A C   
50   O O   . ALA A 4  ? 0.06678 0.07770 0.07408 -0.02742 -0.03667 0.02625  4   ALA A O   
51   C CB  . ALA A 4  ? 0.07443 0.08655 0.09132 -0.02310 -0.02749 0.03089  4   ALA A CB  
57   N N   . AIB A 5  ? 0.05585 0.05681 0.10326 -0.02000 -0.03227 0.00876  5   AIB A N   
58   C CA  . AIB A 5  ? 0.05676 0.05076 0.10379 -0.00925 -0.03392 0.00627  5   AIB A CA  
59   C C   . AIB A 5  ? 0.05139 0.04921 0.08465 -0.01336 -0.03519 0.01346  5   AIB A C   
60   O O   . AIB A 5  ? 0.06094 0.06220 0.08576 -0.00424 -0.03815 0.01287  5   AIB A O   
61   C CB1 . AIB A 5  ? 0.05921 0.04389 0.14078 -0.00975 -0.02474 -0.00355 5   AIB A CB1 
62   C CB2 . AIB A 5  ? 0.07432 0.05617 0.08410 -0.00238 -0.03980 -0.00607 5   AIB A CB2 
70   N N   . LEU A 6  ? 0.05855 0.04698 0.07397 -0.01596 -0.02922 0.01559  6   LEU A N   
71   C CA  . LEU A 6  ? 0.07249 0.04927 0.07554 -0.01294 -0.03976 0.00740  6   LEU A CA  
72   C C   . LEU A 6  ? 0.07396 0.05816 0.08371 -0.01837 -0.02477 0.01271  6   LEU A C   
73   O O   . LEU A 6  ? 0.05915 0.07491 0.07306 -0.02329 -0.02059 0.02124  6   LEU A O   
74   C CB  . LEU A 6  ? 0.06037 0.04989 0.07893 -0.01278 -0.03216 0.01288  6   LEU A CB  
75   C CG  . LEU A 6  ? 0.07324 0.05003 0.09141 -0.00753 -0.02788 0.00955  6   LEU A CG  
76   C CD1 . LEU A 6  ? 0.08583 0.05446 0.11023 -0.01473 -0.00852 0.01949  6   LEU A CD1 
77   C CD2 . LEU A 6  ? 0.05711 0.06451 0.08971 -0.00483 -0.03465 0.01476  6   LEU A CD2 
89   N N   . AIB A 7  ? 0.06825 0.06646 0.08504 -0.02301 -0.02253 0.01205  7   AIB A N   
90   C CA  . AIB A 7  ? 0.07672 0.08647 0.07121 -0.02965 -0.00924 0.01744  7   AIB A CA  
91   C C   . AIB A 7  ? 0.06890 0.09951 0.06181 -0.02335 -0.03146 0.01607  7   AIB A C   
92   O O   . AIB A 7  ? 0.07829 0.09804 0.07413 -0.02016 -0.03039 0.01963  7   AIB A O   
93   C CB1 . AIB A 7  ? 0.08936 0.09189 0.09024 -0.02625 0.00899  0.01158  7   AIB A CB1 
94   C CB2 . AIB A 7  ? 0.08440 0.09551 0.07997 -0.02676 0.01048  0.03899  7   AIB A CB2 
102  N N   . ALA A 8  ? 0.06106 0.07998 0.07149 -0.02579 -0.02322 0.02813  8   ALA A N   
103  C CA  . ALA A 8  ? 0.06795 0.07976 0.06832 -0.01779 -0.02687 0.02946  8   ALA A CA  
104  C C   . ALA A 8  ? 0.06464 0.06611 0.08353 -0.01441 -0.02230 0.01647  8   ALA A C   
105  O O   . ALA A 8  ? 0.06952 0.07774 0.09572 -0.01060 -0.02229 0.01087  8   ALA A O   
106  C CB  . ALA A 8  ? 0.07225 0.08406 0.09889 -0.00522 -0.03913 0.02350  8   ALA A CB  
112  N N   . AIB A 9  ? 0.07535 0.06687 0.07203 -0.00700 -0.01496 0.01318  9   AIB A N   
113  C CA  . AIB A 9  ? 0.06087 0.06221 0.08771 -0.01929 -0.01928 0.00325  9   AIB A CA  
114  C C   . AIB A 9  ? 0.07816 0.05521 0.07520 -0.00399 -0.01767 0.00890  9   AIB A C   
115  O O   . AIB A 9  ? 0.07003 0.06603 0.07142 -0.00629 -0.01995 0.00754  9   AIB A O   
116  C CB1 . AIB A 9  ? 0.05870 0.06536 0.08207 -0.03440 -0.01523 0.00756  9   AIB A CB1 
117  C CB2 . AIB A 9  ? 0.04925 0.06211 0.08804 -0.02801 -0.01072 0.01806  9   AIB A CB2 
125  N N   . LEU A 10 ? 0.06193 0.05766 0.08946 -0.00561 -0.02852 0.00628  10  LEU A N   
126  C CA  . LEU A 10 ? 0.05455 0.05700 0.09416 -0.01365 -0.03274 0.00246  10  LEU A CA  
127  C C   . LEU A 10 ? 0.07502 0.04258 0.08460 -0.01898 -0.02698 0.00502  10  LEU A C   
128  O O   . LEU A 10 ? 0.08036 0.03848 0.10637 -0.02191 -0.00921 0.01149  10  LEU A O   
129  C CB  . LEU A 10 ? 0.06057 0.06392 0.08730 -0.01042 -0.02251 0.00464  10  LEU A CB  
130  C CG  . LEU A 10 ? 0.08433 0.05920 0.07701 -0.01094 -0.01839 0.01000  10  LEU A CG  
131  C CD1 . LEU A 10 ? 0.09180 0.06926 0.08671 -0.00723 -0.02629 0.00023  10  LEU A CD1 
132  C CD2 . LEU A 10 ? 0.09311 0.06174 0.08946 -0.00757 -0.01478 0.02195  10  LEU A CD2 
144  N N   . AIB A 11 ? 0.06323 0.06203 0.09639 -0.01086 -0.03036 0.00358  11  AIB A N   
145  C CA  . AIB A 11 ? 0.06661 0.06787 0.07553 -0.01548 -0.01923 0.02745  11  AIB A CA  
146  C C   . AIB A 11 ? 0.08060 0.06288 0.08425 -0.01126 -0.01781 0.02955  11  AIB A C   
147  O O   . AIB A 11 ? 0.07774 0.05958 0.09399 -0.02129 -0.02199 0.02227  11  AIB A O   
148  C CB1 . AIB A 11 ? 0.06922 0.06480 0.07080 -0.02883 -0.03300 0.00955  11  AIB A CB1 
149  C CB2 . AIB A 11 ? 0.07033 0.08320 0.07920 -0.00666 -0.02894 0.02325  11  AIB A CB2 
157  N N   . GLN A 12 ? 0.08030 0.05854 0.08052 -0.01151 -0.03383 0.01738  12  GLN A N   
158  C CA  . GLN A 12 ? 0.07220 0.05854 0.09457 -0.00641 -0.03877 0.00980  12  GLN A CA  
159  C C   . GLN A 12 ? 0.07706 0.04635 0.07804 -0.01801 -0.03930 0.01836  12  GLN A C   
160  O O   . GLN A 12 ? 0.07581 0.04775 0.08949 -0.02063 -0.02651 0.02583  12  GLN A O   
161  C CB  . GLN A 12 ? 0.08442 0.04931 0.11504 -0.01592 -0.04089 -0.00478 12  GLN A CB  
162  C CG  . GLN A 12 ? 0.08525 0.08416 0.11290 -0.02470 -0.04553 0.00798  12  GLN A CG  
163  C CD  . GLN A 12 ? 0.11584 0.12093 0.15874 -0.01795 -0.02576 0.02228  12  GLN A CD  
164  O OE1 . GLN A 12 ? 0.13230 0.13843 0.16607 -0.01924 -0.01396 0.03233  12  GLN A OE1 
165  N NE2 . GLN A 12 ? 0.13868 0.13287 0.17088 -0.01066 -0.01549 0.02904  12  GLN A NE2 
174  N N   . AIB A 13 ? 0.08595 0.04706 0.08319 -0.01175 -0.03777 0.01851  13  AIB A N   
175  C CA  . AIB A 13 ? 0.08463 0.04835 0.07875 -0.01607 -0.04236 0.01558  13  AIB A CA  
176  C C   . AIB A 13 ? 0.07574 0.05180 0.08602 -0.01632 -0.04245 0.00869  13  AIB A C   
177  O O   . AIB A 13 ? 0.05354 0.06002 0.09122 -0.02465 -0.02859 0.02526  13  AIB A O   
178  C CB1 . AIB A 13 ? 0.09624 0.05157 0.08869 -0.01535 -0.04056 0.00790  13  AIB A CB1 
179  C CB2 . AIB A 13 ? 0.06962 0.05469 0.09965 -0.01974 -0.04244 0.01063  13  AIB A CB2 
187  N N   . LEU A 14 ? 0.07686 0.05702 0.09109 -0.00646 -0.03018 -0.00016 14  LEU A N   
188  C CA  . LEU A 14 ? 0.08892 0.06825 0.08791 -0.00874 -0.00818 0.00879  14  LEU A CA  
189  C C   . LEU A 14 ? 0.09049 0.09685 0.08118 -0.02077 -0.02067 0.00704  14  LEU A C   
190  O O   . LEU A 14 ? 0.09926 0.10215 0.09520 -0.02286 -0.01240 0.00464  14  LEU A O   
191  C CB  . LEU A 14 ? 0.09765 0.05616 0.09490 -0.01187 -0.00413 0.01105  14  LEU A CB  
192  C CG  . LEU A 14 ? 0.09927 0.07153 0.08647 -0.01590 -0.02517 -0.00352 14  LEU A CG  
193  C CD1 . LEU A 14 ? 0.10294 0.06609 0.10251 -0.02617 -0.02213 -0.00739 14  LEU A CD1 
194  C CD2 . LEU A 14 ? 0.09932 0.08350 0.09724 -0.00105 -0.02039 0.01033  14  LEU A CD2 
206  C C11 A I77 A 15 ? 0.17724 0.11568 0.06482 -0.08128 -0.02280 0.01533  15  I77 A C11 
207  C C11 B I77 A 15 ? 0.17054 0.15766 0.12393 -0.04375 0.01182  0.01130  15  I77 A C11 
208  C C12 A I77 A 15 ? 0.13556 0.11215 0.06386 -0.06892 -0.01954 0.02350  15  I77 A C12 
209  C C12 B I77 A 15 ? 0.15934 0.15122 0.12009 -0.04062 0.01160  0.01380  15  I77 A C12 
210  C C13 A I77 A 15 ? 0.10791 0.10736 0.07053 -0.06143 -0.02998 0.02997  15  I77 A C13 
211  C C13 B I77 A 15 ? 0.13919 0.13632 0.11108 -0.03267 0.00213  0.01300  15  I77 A C13 
212  C C17 A I77 A 15 ? 0.13691 0.12711 0.07983 -0.07584 -0.01253 0.02279  15  I77 A C17 
213  C C17 B I77 A 15 ? 0.16518 0.15904 0.12479 -0.04530 0.01599  0.01551  15  I77 A C17 
214  C C18 A I77 A 15 ? 0.17455 0.12509 0.08331 -0.08387 -0.01320 0.01849  15  I77 A C18 
215  C C18 B I77 A 15 ? 0.17436 0.16346 0.12512 -0.05003 0.01763  0.01538  15  I77 A C18 
216  C C02 A I77 A 15 ? 0.32216 0.17271 0.11939 -0.09300 0.01911  0.02596  15  I77 A C02 
217  C C02 B I77 A 15 ? 0.21198 0.19182 0.11811 -0.08041 0.01581  -0.00750 15  I77 A C02 
218  C C03 A I77 A 15 ? 0.30699 0.15454 0.09924 -0.09772 0.00238  0.01419  15  I77 A C03 
219  C C03 B I77 A 15 ? 0.21322 0.18571 0.11467 -0.07564 0.01348  -0.00390 15  I77 A C03 
220  C C04 A I77 A 15 ? 0.29084 0.14416 0.09121 -0.09819 -0.00206 0.00965  15  I77 A C04 
221  C C04 B I77 A 15 ? 0.21424 0.18216 0.11841 -0.07191 0.01355  -0.00183 15  I77 A C04 
222  C C05 A I77 A 15 ? 0.27798 0.13551 0.08582 -0.09764 -0.00939 0.00866  15  I77 A C05 
223  C C05 B I77 A 15 ? 0.21130 0.17721 0.12084 -0.06881 0.01521  0.00145  15  I77 A C05 
224  C C06 A I77 A 15 ? 0.30099 0.14814 0.09608 -0.10333 -0.00645 0.01159  15  I77 A C06 
225  C C06 B I77 A 15 ? 0.21085 0.18306 0.11367 -0.07331 0.01253  -0.00091 15  I77 A C06 
226  C C08 A I77 A 15 ? 0.26101 0.13586 0.08163 -0.09987 -0.01902 0.01075  15  I77 A C08 
227  C C08 B I77 A 15 ? 0.20236 0.17474 0.12132 -0.06503 0.01490  0.00488  15  I77 A C08 
228  C C09 A I77 A 15 ? 0.20155 0.12712 0.07940 -0.08719 -0.02648 0.01034  15  I77 A C09 
229  C C09 B I77 A 15 ? 0.18538 0.16654 0.12513 -0.05454 0.01517  0.01026  15  I77 A C09 
230  N N01 A I77 A 15 ? 0.32639 0.18392 0.13085 -0.08844 0.02417  0.03677  15  I77 A N01 
231  N N01 B I77 A 15 ? 0.21496 0.18831 0.11717 -0.08361 0.01870  -0.00609 15  I77 A N01 
232  N N07 A I77 A 15 ? 0.28492 0.14056 0.09759 -0.10394 -0.01270 0.01067  15  I77 A N07 
233  N N07 B I77 A 15 ? 0.20830 0.17842 0.12011 -0.06930 0.01514  0.00340  15  I77 A N07 
234  N N10 A I77 A 15 ? 0.19411 0.11961 0.08617 -0.08509 -0.02339 0.01143  15  I77 A N10 
235  N N10 B I77 A 15 ? 0.17912 0.16222 0.12604 -0.04856 0.01432  0.01097  15  I77 A N10 
236  N N14 A I77 A 15 ? 0.10890 0.09188 0.07833 -0.04170 -0.03239 0.02689  15  I77 A N14 
237  N N14 B I77 A 15 ? 0.12508 0.12017 0.09847 -0.02707 -0.00155 0.01598  15  I77 A N14 
238  N N15 A I77 A 15 ? 0.09338 0.09070 0.07874 -0.02852 -0.02826 0.01605  15  I77 A N15 
239  N N15 B I77 A 15 ? 0.10829 0.10768 0.08543 -0.02246 -0.01074 0.01241  15  I77 A N15 
240  O O16 A I77 A 15 ? 0.09790 0.10417 0.08533 -0.05101 -0.01095 0.03594  15  I77 A O16 
241  O O16 B I77 A 15 ? 0.13544 0.13713 0.11544 -0.03126 -0.00272 0.01139  15  I77 A O16 
242  O O19 A I77 A 15 ? 0.31870 0.17348 0.12991 -0.09231 0.03177  0.02630  15  I77 A O19 
243  O O19 B I77 A 15 ? 0.21142 0.19529 0.12747 -0.07921 0.01610  -0.01003 15  I77 A O19 
264  C C1  . Z7Z B 1  ? 0.05726 0.04943 0.08275 -0.01694 -0.01638 0.03126  1   Z7Z B C1  
265  O O2  . Z7Z B 1  ? 0.06784 0.06578 0.09140 -0.01616 -0.01561 0.03437  1   Z7Z B O2  
266  C C2  . Z7Z B 1  ? 0.06855 0.05472 0.06273 -0.01491 -0.01798 0.03204  1   Z7Z B C2  
267  C C3  . Z7Z B 1  ? 0.06678 0.06511 0.07278 -0.01581 -0.01373 0.03930  1   Z7Z B C3  
268  C C4  . Z7Z B 1  ? 0.07599 0.06425 0.06584 -0.01268 -0.01822 0.03622  1   Z7Z B C4  
269  C C5  . Z7Z B 1  ? 0.06993 0.05606 0.06342 -0.01698 -0.01529 0.03268  1   Z7Z B C5  
270  C C6  . Z7Z B 1  ? 0.07736 0.06742 0.06318 -0.00952 -0.02213 0.03460  1   Z7Z B C6  
271  C C7  . Z7Z B 1  ? 0.07604 0.06202 0.05861 -0.00992 -0.03312 0.02280  1   Z7Z B C7  
272  C C8  . Z7Z B 1  ? 0.07986 0.06574 0.07404 -0.00618 -0.04329 0.01748  1   Z7Z B C8  
273  C C9  . Z7Z B 1  ? 0.09252 0.07776 0.06601 -0.00496 -0.03758 0.02553  1   Z7Z B C9  
274  C C10 . Z7Z B 1  ? 0.07792 0.07729 0.08388 -0.00336 -0.04614 0.01667  1   Z7Z B C10 
275  C C11 . Z7Z B 1  ? 0.08268 0.08790 0.07008 -0.00186 -0.02881 0.03646  1   Z7Z B C11 
276  C C12 . Z7Z B 1  ? 0.08019 0.08932 0.07179 0.00198  -0.04139 0.01858  1   Z7Z B C12 
277  C C13 . Z7Z B 1  ? 0.07984 0.08272 0.07792 -0.00018 -0.04026 0.02535  1   Z7Z B C13 
287  N N   . ALA B 2  ? 0.05625 0.04879 0.07932 -0.01900 -0.00988 0.02938  2   ALA B N   
288  C CA  . ALA B 2  ? 0.06639 0.05799 0.06986 -0.01471 -0.02710 0.02668  2   ALA B CA  
289  C C   . ALA B 2  ? 0.06617 0.04925 0.06725 -0.01374 -0.03207 0.02199  2   ALA B C   
290  O O   . ALA B 2  ? 0.05263 0.05862 0.08583 -0.01025 -0.02799 0.01515  2   ALA B O   
291  C CB  . ALA B 2  ? 0.07284 0.05312 0.08636 -0.01234 -0.03231 0.02181  2   ALA B CB  
297  N N   . AIB B 3  ? 0.06593 0.05750 0.06808 -0.02314 -0.01732 0.02488  3   AIB B N   
298  C CA  . AIB B 3  ? 0.04576 0.06475 0.07087 -0.02705 -0.01858 0.01760  3   AIB B CA  
299  C C   . AIB B 3  ? 0.06140 0.05843 0.10327 -0.02187 -0.01115 0.01910  3   AIB B C   
300  O O   . AIB B 3  ? 0.06892 0.05961 0.09899 -0.02625 -0.01669 0.01001  3   AIB B O   
301  C CB1 . AIB B 3  ? 0.04462 0.08301 0.09267 -0.01823 -0.02756 0.01873  3   AIB B CB1 
302  C CB2 . AIB B 3  ? 0.07759 0.06402 0.07884 -0.02523 -0.02009 0.01617  3   AIB B CB2 
310  N N   . ALA B 4  ? 0.04863 0.05271 0.09995 -0.01921 -0.00772 0.02644  4   ALA B N   
311  C CA  . ALA B 4  ? 0.04604 0.05479 0.10813 -0.01730 -0.02502 0.01692  4   ALA B CA  
312  C C   . ALA B 4  ? 0.06062 0.04383 0.10842 -0.00678 -0.02306 0.01715  4   ALA B C   
313  O O   . ALA B 4  ? 0.06330 0.04422 0.09762 -0.01994 -0.01129 0.02372  4   ALA B O   
314  C CB  . ALA B 4  ? 0.06501 0.04838 0.13932 -0.00330 -0.00715 0.02267  4   ALA B CB  
320  N N   . AIB B 5  ? 0.05186 0.05645 0.09617 -0.01475 -0.02296 0.01551  5   AIB B N   
321  C CA  . AIB B 5  ? 0.06244 0.05104 0.09829 -0.01695 -0.02863 0.01821  5   AIB B CA  
322  C C   . AIB B 5  ? 0.05535 0.03639 0.09594 -0.01392 -0.02672 0.00494  5   AIB B C   
323  O O   . AIB B 5  ? 0.06983 0.03890 0.08038 -0.00890 -0.02692 0.02254  5   AIB B O   
324  C CB1 . AIB B 5  ? 0.06011 0.06186 0.09258 -0.01691 -0.01733 0.04133  5   AIB B CB1 
325  C CB2 . AIB B 5  ? 0.06473 0.07156 0.08662 -0.01370 -0.03505 0.01795  5   AIB B CB2 
333  N N   . LEU B 6  ? 0.05448 0.04332 0.10089 -0.00485 -0.02869 0.01072  6   LEU B N   
334  C CA  . LEU B 6  ? 0.05631 0.04556 0.08396 -0.01312 -0.03485 0.01144  6   LEU B CA  
335  C C   . LEU B 6  ? 0.05934 0.03950 0.07101 -0.01967 -0.02633 0.00375  6   LEU B C   
336  O O   . LEU B 6  ? 0.05580 0.05522 0.08248 -0.02475 -0.02665 0.00737  6   LEU B O   
337  C CB  . LEU B 6  ? 0.06019 0.04802 0.07834 -0.01097 -0.01705 0.02467  6   LEU B CB  
338  C CG  . LEU B 6  ? 0.08186 0.03673 0.09319 -0.02074 -0.00550 0.01528  6   LEU B CG  
339  C CD1 . LEU B 6  ? 0.10189 0.04022 0.10500 -0.01481 -0.00908 0.00806  6   LEU B CD1 
340  C CD2 . LEU B 6  ? 0.06974 0.04950 0.10338 -0.02598 -0.01719 0.00242  6   LEU B CD2 
352  N N   . AIB B 7  ? 0.06374 0.04630 0.07668 -0.01726 -0.02157 0.00345  7   AIB B N   
353  C CA  . AIB B 7  ? 0.06916 0.05502 0.08640 -0.01180 -0.00834 0.00509  7   AIB B CA  
354  C C   . AIB B 7  ? 0.06544 0.04784 0.09688 -0.00803 -0.01509 0.00617  7   AIB B C   
355  O O   . AIB B 7  ? 0.06358 0.05905 0.08646 -0.02871 -0.01652 0.00821  7   AIB B O   
356  C CB1 . AIB B 7  ? 0.08548 0.07038 0.07480 -0.01226 -0.00244 0.01710  7   AIB B CB1 
357  C CB2 . AIB B 7  ? 0.08545 0.04833 0.09213 -0.00754 -0.01198 -0.00077 7   AIB B CB2 
365  N N   . ALA B 8  ? 0.06927 0.04513 0.11030 -0.00492 -0.02593 0.00924  8   ALA B N   
366  C CA  . ALA B 8  ? 0.06985 0.04624 0.09580 -0.01381 -0.02729 0.01765  8   ALA B CA  
367  C C   . ALA B 8  ? 0.07192 0.04549 0.06977 0.00299  -0.03161 0.01838  8   ALA B C   
368  O O   . ALA B 8  ? 0.08343 0.06129 0.05794 0.00454  -0.03486 0.01018  8   ALA B O   
369  C CB  . ALA B 8  ? 0.05160 0.06180 0.11811 -0.01380 -0.02118 0.04021  8   ALA B CB  
375  N N   . AIB B 9  ? 0.05795 0.04833 0.07977 -0.00127 -0.02514 0.02439  9   AIB B N   
376  C CA  . AIB B 9  ? 0.06479 0.05085 0.06316 -0.01448 -0.02530 0.02150  9   AIB B CA  
377  C C   . AIB B 9  ? 0.06085 0.04656 0.06999 -0.01716 -0.03170 0.01511  9   AIB B C   
378  O O   . AIB B 9  ? 0.05283 0.05591 0.08357 -0.02388 -0.02682 0.01134  9   AIB B O   
379  C CB1 . AIB B 9  ? 0.07945 0.05264 0.06342 -0.01069 -0.01541 0.03148  9   AIB B CB1 
380  C CB2 . AIB B 9  ? 0.08626 0.04598 0.06625 -0.00858 -0.02093 0.01249  9   AIB B CB2 
388  N N   . LEU B 10 ? 0.05948 0.05506 0.06889 -0.01349 -0.03275 0.00991  10  LEU B N   
389  C CA  . LEU B 10 ? 0.04766 0.05450 0.06763 -0.01316 -0.03121 0.01176  10  LEU B CA  
390  C C   . LEU B 10 ? 0.05376 0.05299 0.06319 -0.01934 -0.03083 0.01170  10  LEU B C   
391  O O   . LEU B 10 ? 0.08013 0.04876 0.08150 -0.01282 -0.02760 0.01050  10  LEU B O   
392  C CB  . LEU B 10 ? 0.06943 0.05406 0.07283 -0.00556 -0.04102 0.01148  10  LEU B CB  
393  C CG  . LEU B 10 ? 0.07318 0.05689 0.07967 -0.00566 -0.03066 0.00996  10  LEU B CG  
394  C CD1 . LEU B 10 ? 0.08747 0.06202 0.07671 0.01241  -0.03926 0.00702  10  LEU B CD1 
395  C CD2 . LEU B 10 ? 0.08145 0.07152 0.08631 -0.01809 -0.01813 0.01832  10  LEU B CD2 
407  N N   . AIB B 11 ? 0.06484 0.04022 0.07080 -0.02247 -0.02665 0.01436  11  AIB B N   
408  C CA  . AIB B 11 ? 0.06242 0.04696 0.09030 -0.01407 -0.02442 0.00712  11  AIB B CA  
409  C C   . AIB B 11 ? 0.06486 0.06333 0.08903 -0.01266 -0.02936 0.01431  11  AIB B C   
410  O O   . AIB B 11 ? 0.06573 0.07376 0.10650 -0.02563 -0.02459 0.01653  11  AIB B O   
411  C CB1 . AIB B 11 ? 0.08681 0.05191 0.08915 -0.00526 -0.02850 -0.00063 11  AIB B CB1 
412  C CB2 . AIB B 11 ? 0.06331 0.04667 0.09346 -0.01481 -0.01495 0.01077  11  AIB B CB2 
420  N N   . GLN B 12 ? 0.07400 0.07548 0.05639 -0.01327 -0.03534 0.00962  12  GLN B N   
421  C CA  . GLN B 12 ? 0.08115 0.06371 0.05799 -0.01922 -0.01632 0.02745  12  GLN B CA  
422  C C   . GLN B 12 ? 0.06529 0.06809 0.06141 -0.02421 -0.01959 0.02232  12  GLN B C   
423  O O   . GLN B 12 ? 0.06550 0.07348 0.07467 -0.02766 -0.01335 0.03799  12  GLN B O   
424  C CB  . GLN B 12 ? 0.09678 0.05654 0.06135 -0.01144 -0.02645 0.02193  12  GLN B CB  
425  C CG  . GLN B 12 ? 0.07952 0.07272 0.06752 -0.00290 -0.03832 0.02018  12  GLN B CG  
426  C CD  . GLN B 12 ? 0.09014 0.08732 0.07036 -0.00367 -0.02561 0.01805  12  GLN B CD  
427  O OE1 . GLN B 12 ? 0.11355 0.10184 0.08009 0.00891  -0.02143 0.01717  12  GLN B OE1 
428  N NE2 . GLN B 12 ? 0.09284 0.11307 0.09185 -0.01252 -0.01262 0.02783  12  GLN B NE2 
437  N N   . AIB B 13 ? 0.06521 0.05052 0.06268 -0.02214 -0.00006 0.02532  13  AIB B N   
438  C CA  . AIB B 13 ? 0.08347 0.04429 0.07811 -0.01944 -0.01290 0.01808  13  AIB B CA  
439  C C   . AIB B 13 ? 0.08313 0.04845 0.07932 -0.01884 -0.02120 0.00806  13  AIB B C   
440  O O   . AIB B 13 ? 0.06588 0.05708 0.08476 -0.03312 -0.01809 0.00730  13  AIB B O   
441  C CB1 . AIB B 13 ? 0.08734 0.05584 0.06519 -0.03210 -0.00856 0.01607  13  AIB B CB1 
442  C CB2 . AIB B 13 ? 0.06946 0.04535 0.11053 -0.00684 -0.01736 0.01184  13  AIB B CB2 
450  N N   . LEU B 14 ? 0.07327 0.05554 0.06925 -0.01160 -0.02399 0.01284  14  LEU B N   
451  C CA  . LEU B 14 ? 0.07862 0.06668 0.07814 -0.01340 -0.02284 0.01399  14  LEU B CA  
452  C C   . LEU B 14 ? 0.09509 0.06174 0.09850 -0.01661 -0.01867 0.00593  14  LEU B C   
453  O O   . LEU B 14 ? 0.08107 0.06787 0.09920 -0.03618 -0.01785 -0.00147 14  LEU B O   
454  C CB  . LEU B 14 ? 0.06410 0.06025 0.09212 -0.01789 -0.02115 0.01525  14  LEU B CB  
455  C CG  . LEU B 14 ? 0.08968 0.06476 0.10035 -0.01630 -0.01824 0.01806  14  LEU B CG  
456  C CD1 . LEU B 14 ? 0.10662 0.07457 0.09335 -0.01178 -0.03299 0.01618  14  LEU B CD1 
457  C CD2 . LEU B 14 ? 0.08751 0.07915 0.11574 -0.00862 -0.00294 0.03658  14  LEU B CD2 
469  C C11 . I77 B 15 ? 0.06889 0.05041 0.10915 -0.00711 -0.04586 0.02081  15  I77 B C11 
470  C C12 . I77 B 15 ? 0.06735 0.04557 0.08894 -0.01693 -0.04270 0.02002  15  I77 B C12 
471  C C13 . I77 B 15 ? 0.07177 0.04557 0.10269 -0.01189 -0.01785 0.03147  15  I77 B C13 
472  C C17 . I77 B 15 ? 0.08185 0.04893 0.12310 -0.00888 -0.02788 0.03156  15  I77 B C17 
473  C C18 . I77 B 15 ? 0.06533 0.04980 0.12728 -0.00753 -0.03463 0.03050  15  I77 B C18 
474  C C02 . I77 B 15 ? 0.08074 0.05662 0.08592 -0.01930 -0.02378 0.03583  15  I77 B C02 
475  C C03 . I77 B 15 ? 0.06279 0.05826 0.07955 -0.01713 -0.01514 0.03739  15  I77 B C03 
476  C C04 . I77 B 15 ? 0.06497 0.05559 0.09682 -0.01837 -0.02199 0.03721  15  I77 B C04 
477  C C05 . I77 B 15 ? 0.04753 0.04399 0.07340 -0.01942 -0.02678 0.02233  15  I77 B C05 
478  C C06 . I77 B 15 ? 0.07421 0.06610 0.09801 -0.01928 -0.02839 0.04213  15  I77 B C06 
479  C C08 . I77 B 15 ? 0.07479 0.04503 0.09871 -0.01482 -0.01714 0.02995  15  I77 B C08 
480  C C09 . I77 B 15 ? 0.08607 0.04605 0.10274 -0.00942 -0.03438 0.02737  15  I77 B C09 
481  N N01 . I77 B 15 ? 0.06524 0.04742 0.07700 -0.02094 -0.00726 0.02728  15  I77 B N01 
482  N N07 . I77 B 15 ? 0.08857 0.05735 0.11175 -0.02194 -0.02935 0.03586  15  I77 B N07 
483  N N10 . I77 B 15 ? 0.08428 0.05210 0.10393 -0.01183 -0.03881 0.02864  15  I77 B N10 
484  N N14 . I77 B 15 ? 0.08101 0.04837 0.10897 -0.01176 -0.02618 0.01934  15  I77 B N14 
485  N N15 . I77 B 15 ? 0.08601 0.04839 0.10452 -0.01351 -0.02659 0.00945  15  I77 B N15 
486  O O16 . I77 B 15 ? 0.07077 0.05925 0.10131 -0.01448 -0.02679 0.03623  15  I77 B O16 
487  O O19 . I77 B 15 ? 0.10591 0.06280 0.11800 -0.01508 -0.02325 0.03561  15  I77 B O19 
498  O O1  . Z7Z C 1  ? 0.08826 0.04635 0.10844 -0.01421 -0.03611 0.01467  1   Z7Z C O1  
499  C C1  . Z7Z C 1  ? 0.07847 0.05057 0.09177 -0.01802 -0.04598 0.01415  1   Z7Z C C1  
500  C C2  . Z7Z C 1  ? 0.09053 0.05141 0.09491 -0.01031 -0.04168 0.01742  1   Z7Z C C2  
501  C C3  . Z7Z C 1  ? 0.08079 0.06844 0.08636 -0.00726 -0.04969 0.00834  1   Z7Z C C3  
502  C C4  . Z7Z C 1  ? 0.09689 0.07239 0.10182 -0.00074 -0.05939 0.00422  1   Z7Z C C4  
503  C C5  . Z7Z C 1  ? 0.09545 0.05978 0.09917 -0.01180 -0.05514 0.00112  1   Z7Z C C5  
504  C C6  . Z7Z C 1  ? 0.09502 0.06791 0.11922 -0.00412 -0.04674 0.00590  1   Z7Z C C6  
505  C C7  . Z7Z C 1  ? 0.09320 0.07461 0.11145 -0.00838 -0.05092 0.00788  1   Z7Z C C7  
506  C C8  . Z7Z C 1  ? 0.08602 0.09203 0.11990 -0.02341 -0.03524 0.02357  1   Z7Z C C8  
507  C C9  . Z7Z C 1  ? 0.06098 0.10817 0.11625 -0.02284 -0.03952 0.01274  1   Z7Z C C9  
508  C C10 . Z7Z C 1  ? 0.07702 0.10482 0.13599 -0.01916 -0.02371 0.04084  1   Z7Z C C10 
509  C C11 . Z7Z C 1  ? 0.09040 0.10446 0.14972 -0.02296 -0.03169 0.02833  1   Z7Z C C11 
510  C C12 . Z7Z C 1  ? 0.09354 0.09900 0.14620 -0.02800 0.00012  0.05859  1   Z7Z C C12 
511  C C13 . Z7Z C 1  ? 0.10014 0.10151 0.15371 -0.02683 -0.00688 0.04981  1   Z7Z C C13 
521  N N   . ALA C 2  ? 0.08000 0.05719 0.08519 -0.01072 -0.03532 0.02214  2   ALA C N   
522  C CA  . ALA C 2  ? 0.09382 0.05055 0.08153 -0.00583 -0.03292 0.02021  2   ALA C CA  
523  C C   . ALA C 2  ? 0.07558 0.05120 0.07971 -0.00287 -0.03161 0.02004  2   ALA C C   
524  O O   . ALA C 2  ? 0.06722 0.05745 0.07760 0.00003  -0.03141 0.02668  2   ALA C O   
525  C CB  . ALA C 2  ? 0.10145 0.06722 0.10290 0.00687  -0.02935 0.02900  2   ALA C CB  
531  N N   . AIB C 3  ? 0.08314 0.05564 0.06849 0.00064  -0.03675 0.01936  3   AIB C N   
532  C CA  . AIB C 3  ? 0.09866 0.05970 0.08445 0.01405  -0.04531 0.01013  3   AIB C CA  
533  C C   . AIB C 3  ? 0.11532 0.05003 0.07702 0.01306  -0.04348 0.00706  3   AIB C C   
534  O O   . AIB C 3  ? 0.11608 0.05564 0.08799 0.01888  -0.03401 0.01738  3   AIB C O   
535  C CB1 . AIB C 3  ? 0.09585 0.05925 0.11588 0.01771  -0.04246 0.01520  3   AIB C CB1 
536  C CB2 . AIB C 3  ? 0.10657 0.05243 0.09425 0.01948  -0.05309 -0.00542 3   AIB C CB2 
544  N N   . ALA C 4  ? 0.09143 0.05777 0.08113 0.01391  -0.04035 0.01303  4   ALA C N   
545  C CA  . ALA C 4  ? 0.05912 0.07351 0.08271 0.00049  -0.03505 0.01485  4   ALA C CA  
546  C C   . ALA C 4  ? 0.07478 0.06650 0.06862 -0.00204 -0.02705 0.02406  4   ALA C C   
547  O O   . ALA C 4  ? 0.09124 0.05188 0.07910 0.00197  -0.01513 0.03347  4   ALA C O   
548  C CB  . ALA C 4  ? 0.04115 0.06234 0.09930 -0.01836 -0.02039 0.02228  4   ALA C CB  
554  N N   . AIB C 5  ? 0.07370 0.06636 0.07434 -0.00045 -0.02733 0.01856  5   AIB C N   
555  C CA  . AIB C 5  ? 0.08137 0.07207 0.07030 -0.00377 -0.03147 0.00841  5   AIB C CA  
556  C C   . AIB C 5  ? 0.07584 0.05537 0.07309 0.00408  -0.03051 0.01466  5   AIB C C   
557  O O   . AIB C 5  ? 0.08774 0.05928 0.06505 0.00772  -0.02497 0.02438  5   AIB C O   
558  C CB1 . AIB C 5  ? 0.07491 0.07474 0.07026 -0.00565 -0.04028 0.01888  5   AIB C CB1 
559  C CB2 . AIB C 5  ? 0.09229 0.08560 0.04823 -0.00678 -0.02160 0.01413  5   AIB C CB2 
567  N N   . LEU C 6  ? 0.07744 0.04327 0.08215 0.00263  -0.03881 0.01152  6   LEU C N   
568  C CA  . LEU C 6  ? 0.07861 0.03894 0.06767 -0.00086 -0.03126 0.01590  6   LEU C CA  
569  C C   . LEU C 6  ? 0.08620 0.04057 0.05943 0.00283  -0.02633 0.01681  6   LEU C C   
570  O O   . LEU C 6  ? 0.08351 0.04276 0.06541 -0.00159 -0.02387 0.02295  6   LEU C O   
571  C CB  . LEU C 6  ? 0.06265 0.03577 0.08079 -0.00658 -0.02028 0.02218  6   LEU C CB  
572  C CG  . LEU C 6  ? 0.06014 0.07065 0.07836 -0.00932 -0.01575 0.02290  6   LEU C CG  
573  C CD1 . LEU C 6  ? 0.05712 0.07357 0.09122 -0.01409 0.00534  0.04201  6   LEU C CD1 
574  C CD2 . LEU C 6  ? 0.08794 0.07731 0.09186 -0.00773 -0.00860 0.02760  6   LEU C CD2 
586  N N   . AIB C 7  ? 0.09551 0.04162 0.06389 0.00727  -0.03759 0.00720  7   AIB C N   
587  C CA  . AIB C 7  ? 0.10578 0.05239 0.07264 0.00671  -0.02346 0.01873  7   AIB C CA  
588  C C   . AIB C 7  ? 0.08919 0.06232 0.06651 0.00960  -0.01680 0.02649  7   AIB C C   
589  O O   . AIB C 7  ? 0.09279 0.06375 0.06749 0.01913  -0.01948 0.02840  7   AIB C O   
590  C CB1 . AIB C 7  ? 0.09948 0.07143 0.08525 0.00814  -0.03684 0.01147  7   AIB C CB1 
591  C CB2 . AIB C 7  ? 0.10884 0.06047 0.08234 0.01470  -0.02187 0.01471  7   AIB C CB2 
599  N N   . ALA C 8  ? 0.07929 0.05307 0.06440 -0.00926 -0.01010 0.03302  8   ALA C N   
600  C CA  . ALA C 8  ? 0.07449 0.05492 0.06402 -0.01573 -0.02124 0.02161  8   ALA C CA  
601  C C   . ALA C 8  ? 0.06152 0.07045 0.06974 -0.01307 -0.03120 0.01776  8   ALA C C   
602  O O   . ALA C 8  ? 0.06060 0.06231 0.07713 -0.01189 -0.03319 0.02565  8   ALA C O   
603  C CB  . ALA C 8  ? 0.07449 0.05712 0.10069 -0.00455 -0.02803 0.01122  8   ALA C CB  
609  N N   . AIB C 9  ? 0.07845 0.05160 0.07185 -0.01161 -0.02046 0.02021  9   AIB C N   
610  C CA  . AIB C 9  ? 0.06847 0.04529 0.06958 -0.01625 -0.02321 0.01776  9   AIB C CA  
611  C C   . AIB C 9  ? 0.05502 0.04551 0.07648 -0.01229 -0.03121 0.02059  9   AIB C C   
612  O O   . AIB C 9  ? 0.06928 0.04822 0.07439 -0.01213 -0.03128 0.02766  9   AIB C O   
613  C CB1 . AIB C 9  ? 0.05559 0.05859 0.08170 -0.02330 -0.01766 0.01278  9   AIB C CB1 
614  C CB2 . AIB C 9  ? 0.07107 0.04920 0.07093 -0.00936 -0.03544 0.01228  9   AIB C CB2 
622  N N   . LEU C 10 ? 0.07920 0.03587 0.07272 0.00332  -0.03981 0.00638  10  LEU C N   
623  C CA  . LEU C 10 ? 0.07774 0.03932 0.08055 -0.00187 -0.03367 0.00668  10  LEU C CA  
624  C C   . LEU C 10 ? 0.08161 0.04710 0.08008 -0.00170 -0.03579 0.01571  10  LEU C C   
625  O O   . LEU C 10 ? 0.09212 0.03806 0.08446 -0.00740 -0.01673 0.02394  10  LEU C O   
626  C CB  . LEU C 10 ? 0.07920 0.05131 0.08246 0.00024  -0.03276 0.00963  10  LEU C CB  
627  C CG  . LEU C 10 ? 0.08674 0.05996 0.07824 0.01173  -0.03783 0.00279  10  LEU C CG  
628  C CD1 . LEU C 10 ? 0.08426 0.06789 0.07494 -0.00115 -0.03495 0.00112  10  LEU C CD1 
629  C CD2 . LEU C 10 ? 0.11151 0.05564 0.06610 0.00732  -0.03797 0.00156  10  LEU C CD2 
641  N N   . AIB C 11 ? 0.06491 0.05527 0.07898 -0.01408 -0.03375 0.02354  11  AIB C N   
642  C CA  . AIB C 11 ? 0.06898 0.06791 0.09639 -0.00988 -0.02685 0.02878  11  AIB C CA  
643  C C   . AIB C 11 ? 0.07191 0.06985 0.09257 -0.01547 -0.02202 0.03449  11  AIB C C   
644  O O   . AIB C 11 ? 0.07154 0.06406 0.10008 -0.02069 -0.02408 0.03957  11  AIB C O   
645  C CB1 . AIB C 11 ? 0.06795 0.08309 0.08882 -0.00699 -0.03087 0.02701  11  AIB C CB1 
646  C CB2 . AIB C 11 ? 0.05390 0.06605 0.10818 -0.02214 -0.02159 0.03190  11  AIB C CB2 
654  N N   . GLN C 12 ? 0.07369 0.06459 0.10058 -0.01728 -0.03318 0.01631  12  GLN C N   
655  C CA  . GLN C 12 ? 0.06619 0.05515 0.12309 -0.01243 -0.04582 0.00778  12  GLN C CA  
656  C C   . GLN C 12 ? 0.07383 0.03784 0.09606 -0.01008 -0.04323 0.00351  12  GLN C C   
657  O O   . GLN C 12 ? 0.09625 0.05486 0.09229 -0.00665 -0.03945 0.00711  12  GLN C O   
658  C CB  . GLN C 12 ? 0.08724 0.07979 0.13907 -0.01425 -0.06064 0.00693  12  GLN C CB  
659  C CG  . GLN C 12 ? 0.13239 0.09993 0.14669 -0.02552 -0.04812 0.01698  12  GLN C CG  
660  C CD  . GLN C 12 ? 0.15039 0.13078 0.16596 -0.02319 -0.03426 0.02588  12  GLN C CD  
661  O OE1 . GLN C 12 ? 0.16352 0.14454 0.17766 -0.02249 -0.01712 0.03463  12  GLN C OE1 
662  N NE2 . GLN C 12 ? 0.15848 0.14216 0.16850 -0.02497 -0.03546 0.02449  12  GLN C NE2 
671  N N   . AIB C 13 ? 0.09466 0.03169 0.09147 -0.00524 -0.02429 0.01097  13  AIB C N   
672  C CA  . AIB C 13 ? 0.09059 0.03633 0.09364 -0.00270 -0.01830 0.02195  13  AIB C CA  
673  C C   . AIB C 13 ? 0.08377 0.03598 0.08489 -0.00804 -0.02385 0.02066  13  AIB C C   
674  O O   . AIB C 13 ? 0.10070 0.03703 0.09764 -0.00166 -0.01248 0.02341  13  AIB C O   
675  C CB1 . AIB C 13 ? 0.10573 0.04876 0.09371 0.00268  -0.01690 0.01394  13  AIB C CB1 
676  C CB2 . AIB C 13 ? 0.08727 0.04424 0.09122 -0.00494 -0.03122 0.02539  13  AIB C CB2 
684  N N   . LEU C 14 ? 0.09162 0.04120 0.06876 0.00305  -0.02645 0.01903  14  LEU C N   
685  C CA  . LEU C 14 ? 0.07839 0.05231 0.08008 -0.00003 -0.04211 0.01548  14  LEU C CA  
686  C C   . LEU C 14 ? 0.10015 0.05755 0.07433 -0.00683 -0.03878 0.01806  14  LEU C C   
687  O O   . LEU C 14 ? 0.12184 0.07415 0.08454 -0.01122 -0.01091 0.03165  14  LEU C O   
688  C CB  . LEU C 14 ? 0.08408 0.05734 0.07512 -0.00513 -0.03753 0.01324  14  LEU C CB  
689  C CG  . LEU C 14 ? 0.07008 0.07276 0.07877 -0.01439 -0.03421 0.01806  14  LEU C CG  
690  C CD1 . LEU C 14 ? 0.09290 0.06006 0.07517 -0.01625 -0.02386 0.02905  14  LEU C CD1 
691  C CD2 . LEU C 14 ? 0.07745 0.08966 0.09063 -0.01557 -0.01571 0.03020  14  LEU C CD2 
703  C C11 . I77 C 15 ? 0.13869 0.08084 0.11154 -0.04823 0.02215  -0.00325 15  I77 C C11 
704  C C12 . I77 C 15 ? 0.15671 0.06550 0.11389 -0.02583 0.03823  0.01943  15  I77 C C12 
705  C C13 . I77 C 15 ? 0.13561 0.05902 0.11870 -0.01044 0.03057  0.03168  15  I77 C C13 
706  C C17 . I77 C 15 ? 0.17791 0.06537 0.13438 -0.02436 0.04062  0.01864  15  I77 C C17 
707  C C18 . I77 C 15 ? 0.19154 0.06602 0.13076 -0.03307 0.03705  0.00880  15  I77 C C18 
708  C C02 . I77 C 15 ? 0.23618 0.15951 0.16719 -0.04165 0.05536  0.00332  15  I77 C C02 
709  C C03 . I77 C 15 ? 0.22809 0.13928 0.13059 -0.05651 0.04190  -0.01053 15  I77 C C03 
710  C C04 . I77 C 15 ? 0.23123 0.12674 0.12034 -0.05704 0.04394  -0.00951 15  I77 C C04 
711  C C05 . I77 C 15 ? 0.23406 0.10236 0.11187 -0.06119 0.04724  -0.00748 15  I77 C C05 
712  C C06 . I77 C 15 ? 0.20382 0.12203 0.11874 -0.07270 0.03802  -0.01120 15  I77 C C06 
713  C C08 . I77 C 15 ? 0.22490 0.09470 0.11614 -0.06211 0.04136  -0.00903 15  I77 C C08 
714  C C09 . I77 C 15 ? 0.19836 0.07814 0.12055 -0.05142 0.03792  -0.00377 15  I77 C C09 
715  N N01 . I77 C 15 ? 0.23138 0.16522 0.16904 -0.04598 0.05713  0.00602  15  I77 C N01 
716  N N07 . I77 C 15 ? 0.21527 0.10625 0.13005 -0.06824 0.04404  -0.00724 15  I77 C N07 
717  N N10 . I77 C 15 ? 0.16430 0.08657 0.12635 -0.05345 0.02581  -0.00706 15  I77 C N10 
718  N N14 . I77 C 15 ? 0.10831 0.06683 0.11226 -0.01523 0.02911  0.03611  15  I77 C N14 
719  N N15 . I77 C 15 ? 0.09886 0.05507 0.09252 -0.01042 -0.01468 0.02182  15  I77 C N15 
720  O O16 . I77 C 15 ? 0.14074 0.05354 0.13043 0.00626  0.01146  0.03644  15  I77 C O16 
721  O O19 . I77 C 15 ? 0.25755 0.16422 0.19936 -0.02803 0.06954  0.01462  15  I77 C O19 
732  O O1  . Z7Z D 1  ? 0.08118 0.04672 0.07202 -0.00633 -0.01933 0.02950  1   Z7Z D O1  
733  C C1  . Z7Z D 1  ? 0.06331 0.04765 0.07256 -0.00861 -0.03360 0.01864  1   Z7Z D C1  
734  C C2  . Z7Z D 1  ? 0.06935 0.05240 0.06573 -0.01465 -0.03528 0.02260  1   Z7Z D C2  
735  C C3  . Z7Z D 1  ? 0.08253 0.04504 0.07361 -0.01495 -0.02818 0.02102  1   Z7Z D C3  
736  C C4  . Z7Z D 1  ? 0.05764 0.05720 0.07058 -0.01439 -0.03259 0.02623  1   Z7Z D C4  
737  C C5  . Z7Z D 1  ? 0.06433 0.05059 0.06256 -0.02260 -0.02672 0.02808  1   Z7Z D C5  
738  C C6  . Z7Z D 1  ? 0.04869 0.06212 0.05284 -0.02565 -0.01923 0.02991  1   Z7Z D C6  
739  C C7  . Z7Z D 1  ? 0.06746 0.06683 0.05989 -0.01584 -0.03494 0.01576  1   Z7Z D C7  
740  C C8  . Z7Z D 1  ? 0.06067 0.07657 0.08216 -0.00664 -0.03297 0.01981  1   Z7Z D C8  
741  C C9  . Z7Z D 1  ? 0.06893 0.08239 0.09351 -0.00130 -0.01617 0.04058  1   Z7Z D C9  
742  C C10 . Z7Z D 1  ? 0.06414 0.09671 0.08765 -0.01063 -0.04067 0.00624  1   Z7Z D C10 
743  C C11 . Z7Z D 1  ? 0.07538 0.10018 0.10505 0.00651  -0.01636 0.04778  1   Z7Z D C11 
744  C C12 . Z7Z D 1  ? 0.08424 0.11546 0.08705 0.00033  -0.02506 0.03128  1   Z7Z D C12 
745  C C13 . Z7Z D 1  ? 0.06532 0.11852 0.11063 0.00853  -0.02382 0.04656  1   Z7Z D C13 
755  N N   . ALA D 2  ? 0.06330 0.04537 0.08783 -0.00814 -0.03852 0.01332  2   ALA D N   
756  C CA  . ALA D 2  ? 0.06598 0.04168 0.09404 -0.00443 -0.03396 0.01898  2   ALA D CA  
757  C C   . ALA D 2  ? 0.05549 0.05082 0.08440 -0.00131 -0.03535 0.01747  2   ALA D C   
758  O O   . ALA D 2  ? 0.06888 0.04842 0.07859 -0.00416 -0.04052 0.01609  2   ALA D O   
759  C CB  . ALA D 2  ? 0.08282 0.04440 0.09288 0.00120  -0.02407 0.02068  2   ALA D CB  
765  N N   . AIB D 3  ? 0.06057 0.05265 0.06612 -0.00851 -0.03360 0.02101  3   AIB D N   
766  C CA  . AIB D 3  ? 0.07695 0.04547 0.06872 -0.00185 -0.01516 0.02943  3   AIB D CA  
767  C C   . AIB D 3  ? 0.09079 0.05463 0.06045 0.00624  -0.03096 0.01853  3   AIB D C   
768  O O   . AIB D 3  ? 0.09911 0.04704 0.06038 -0.00384 -0.03698 0.01450  3   AIB D O   
769  C CB1 . AIB D 3  ? 0.07592 0.05244 0.08658 -0.00832 0.00713  0.03590  3   AIB D CB1 
770  C CB2 . AIB D 3  ? 0.10177 0.04862 0.06736 -0.00072 -0.02597 0.02041  3   AIB D CB2 
778  N N   . ALA D 4  ? 0.08506 0.04952 0.06102 0.00623  -0.02955 0.01797  4   ALA D N   
779  C CA  . ALA D 4  ? 0.06528 0.05532 0.07784 0.00700  -0.03184 0.02032  4   ALA D CA  
780  C C   . ALA D 4  ? 0.06054 0.03975 0.08327 0.00180  -0.03155 0.01670  4   ALA D C   
781  O O   . ALA D 4  ? 0.07369 0.04431 0.07847 0.00126  -0.04134 0.01109  4   ALA D O   
782  C CB  . ALA D 4  ? 0.06874 0.07409 0.08572 0.00514  -0.04246 0.01321  4   ALA D CB  
788  N N   . AIB D 5  ? 0.06195 0.04064 0.06981 -0.00323 -0.02924 0.01481  5   AIB D N   
789  C CA  . AIB D 5  ? 0.06296 0.04583 0.08468 -0.00177 -0.03329 0.01171  5   AIB D CA  
790  C C   . AIB D 5  ? 0.05987 0.04425 0.08617 -0.00210 -0.03618 0.00908  5   AIB D C   
791  O O   . AIB D 5  ? 0.06146 0.03742 0.08192 -0.00513 -0.03872 0.01393  5   AIB D O   
792  C CB1 . AIB D 5  ? 0.07215 0.05285 0.09439 -0.00456 -0.03005 0.01036  5   AIB D CB1 
793  C CB2 . AIB D 5  ? 0.06024 0.04949 0.07736 -0.00869 -0.02630 0.01463  5   AIB D CB2 
801  N N   . LEU D 6  ? 0.05580 0.03651 0.08455 -0.00344 -0.03430 0.01556  6   LEU D N   
802  C CA  . LEU D 6  ? 0.04947 0.03400 0.08707 0.00012  -0.03409 0.00758  6   LEU D CA  
803  C C   . LEU D 6  ? 0.06200 0.03326 0.08147 0.00045  -0.03259 0.01224  6   LEU D C   
804  O O   . LEU D 6  ? 0.08159 0.04919 0.06232 0.00329  -0.03319 0.01642  6   LEU D O   
805  C CB  . LEU D 6  ? 0.06984 0.04646 0.08403 -0.00996 -0.02469 0.00604  6   LEU D CB  
806  C CG  . LEU D 6  ? 0.07429 0.04012 0.08370 -0.02255 -0.02601 0.00406  6   LEU D CG  
807  C CD1 . LEU D 6  ? 0.08208 0.05726 0.09991 -0.01752 -0.02851 -0.00461 6   LEU D CD1 
808  C CD2 . LEU D 6  ? 0.05810 0.05285 0.10223 -0.02142 -0.03036 0.01407  6   LEU D CD2 
820  N N   . AIB D 7  ? 0.06831 0.04276 0.07366 -0.00279 -0.02742 0.02193  7   AIB D N   
821  C CA  . AIB D 7  ? 0.08394 0.03836 0.06114 -0.00336 -0.03411 0.01377  7   AIB D CA  
822  C C   . AIB D 7  ? 0.07662 0.04448 0.06585 -0.00155 -0.03362 0.01781  7   AIB D C   
823  O O   . AIB D 7  ? 0.08082 0.03803 0.08248 0.00146  -0.02891 0.01861  7   AIB D O   
824  C CB1 . AIB D 7  ? 0.08758 0.04377 0.07696 0.00477  -0.03085 0.01324  7   AIB D CB1 
825  C CB2 . AIB D 7  ? 0.09835 0.04216 0.08210 -0.00435 -0.03685 0.01732  7   AIB D CB2 
833  N N   . ALA D 8  ? 0.07439 0.03674 0.08533 -0.00540 -0.02981 0.01695  8   ALA D N   
834  C CA  . ALA D 8  ? 0.06332 0.03607 0.08976 -0.01668 -0.01434 0.01850  8   ALA D CA  
835  C C   . ALA D 8  ? 0.06978 0.03359 0.09121 -0.00754 -0.02233 0.01936  8   ALA D C   
836  O O   . ALA D 8  ? 0.07942 0.04767 0.08308 -0.00551 -0.02694 0.02163  8   ALA D O   
837  C CB  . ALA D 8  ? 0.06739 0.04833 0.08736 -0.00806 0.00153  0.03433  8   ALA D CB  
843  N N   . AIB D 9  ? 0.07528 0.03897 0.07937 0.00535  -0.01367 0.02562  9   AIB D N   
844  C CA  . AIB D 9  ? 0.08227 0.04858 0.07115 0.00814  -0.03353 0.01449  9   AIB D CA  
845  C C   . AIB D 9  ? 0.08275 0.05527 0.06981 0.00709  -0.02774 0.01578  9   AIB D C   
846  O O   . AIB D 9  ? 0.08874 0.05312 0.07000 0.00491  -0.02446 0.02007  9   AIB D O   
847  C CB1 . AIB D 9  ? 0.08891 0.05984 0.06891 0.00526  -0.04233 0.00300  9   AIB D CB1 
848  C CB2 . AIB D 9  ? 0.10079 0.05055 0.07663 0.01476  -0.03699 0.01158  9   AIB D CB2 
856  N N   . LEU D 10 ? 0.07702 0.05277 0.06932 0.00799  -0.03282 0.01769  10  LEU D N   
857  C CA  . LEU D 10 ? 0.08714 0.04214 0.08746 0.00753  -0.03741 0.01254  10  LEU D CA  
858  C C   . LEU D 10 ? 0.08090 0.05528 0.08016 0.00255  -0.03818 0.02089  10  LEU D C   
859  O O   . LEU D 10 ? 0.07528 0.04054 0.09131 -0.00461 -0.01960 0.02725  10  LEU D O   
860  C CB  . LEU D 10 ? 0.06952 0.04928 0.08921 -0.00674 -0.04033 0.00742  10  LEU D CB  
861  C CG  . LEU D 10 ? 0.06700 0.06032 0.08984 -0.01238 -0.03196 0.00194  10  LEU D CG  
862  C CD1 . LEU D 10 ? 0.07274 0.07049 0.11029 -0.00612 -0.02974 0.00518  10  LEU D CD1 
863  C CD2 . LEU D 10 ? 0.06416 0.06651 0.09562 -0.01423 -0.01480 0.00783  10  LEU D CD2 
875  N N   . AIB D 11 ? 0.06690 0.05250 0.07387 -0.01070 -0.03078 0.02914  11  AIB D N   
876  C CA  . AIB D 11 ? 0.05933 0.05237 0.07287 -0.00964 -0.03420 0.02359  11  AIB D CA  
877  C C   . AIB D 11 ? 0.08157 0.04164 0.07604 -0.00265 -0.02649 0.02289  11  AIB D C   
878  O O   . AIB D 11 ? 0.09909 0.05446 0.07589 -0.00022 -0.02562 0.01330  11  AIB D O   
879  C CB1 . AIB D 11 ? 0.09077 0.04623 0.07904 -0.00616 -0.02443 0.01719  11  AIB D CB1 
880  C CB2 . AIB D 11 ? 0.06388 0.04696 0.08797 -0.00955 -0.03511 0.02410  11  AIB D CB2 
888  N N   . GLN D 12 ? 0.09541 0.03713 0.06744 -0.00125 -0.01979 0.01891  12  GLN D N   
889  C CA  . GLN D 12 ? 0.07833 0.05112 0.07076 -0.00219 -0.01482 0.03005  12  GLN D CA  
890  C C   . GLN D 12 ? 0.06716 0.05282 0.05315 -0.01251 -0.02982 0.02121  12  GLN D C   
891  O O   . GLN D 12 ? 0.09242 0.05187 0.06753 -0.00147 -0.00486 0.03415  12  GLN D O   
892  C CB  . GLN D 12 ? 0.08069 0.06755 0.06623 0.00207  -0.02347 0.01943  12  GLN D CB  
893  C CG  . GLN D 12 ? 0.07735 0.08848 0.08602 0.01171  -0.02106 0.02049  12  GLN D CG  
894  C CD  . GLN D 12 ? 0.10507 0.11191 0.11229 0.02329  -0.03537 0.00674  12  GLN D CD  
895  O OE1 . GLN D 12 ? 0.12413 0.13448 0.12553 0.02961  -0.03074 -0.01077 12  GLN D OE1 
896  N NE2 . GLN D 12 ? 0.13437 0.11087 0.12209 0.02777  -0.03525 0.01405  12  GLN D NE2 
905  N N   . AIB D 13 ? 0.06702 0.04681 0.06320 -0.01099 -0.03027 0.02390  13  AIB D N   
906  C CA  . AIB D 13 ? 0.05956 0.06156 0.07932 -0.00919 -0.02361 0.03342  13  AIB D CA  
907  C C   . AIB D 13 ? 0.04317 0.05880 0.07487 -0.01661 -0.01609 0.03693  13  AIB D C   
908  O O   . AIB D 13 ? 0.04950 0.05022 0.08690 -0.01869 -0.03206 0.03202  13  AIB D O   
909  C CB1 . AIB D 13 ? 0.06409 0.05771 0.08121 -0.01517 -0.04061 0.02091  13  AIB D CB1 
910  C CB2 . AIB D 13 ? 0.08620 0.05529 0.09449 0.00667  -0.03836 0.01784  13  AIB D CB2 
918  N N   . LEU D 14 ? 0.05388 0.05333 0.08133 -0.01223 -0.02646 0.03290  14  LEU D N   
919  C CA  . LEU D 14 ? 0.08039 0.05308 0.07823 -0.01101 -0.01716 0.03016  14  LEU D CA  
920  C C   . LEU D 14 ? 0.08285 0.05908 0.08196 -0.01216 -0.03179 0.01162  14  LEU D C   
921  O O   . LEU D 14 ? 0.11576 0.06921 0.10724 -0.00793 -0.00996 0.01028  14  LEU D O   
922  C CB  . LEU D 14 ? 0.06783 0.05163 0.08539 -0.02167 -0.01112 0.02953  14  LEU D CB  
923  C CG  . LEU D 14 ? 0.07765 0.06221 0.09190 -0.01364 -0.01602 0.03051  14  LEU D CG  
924  C CD1 . LEU D 14 ? 0.09346 0.06760 0.11248 -0.00523 -0.01424 0.03079  14  LEU D CD1 
925  C CD2 . LEU D 14 ? 0.07927 0.07031 0.11739 -0.00768 -0.01239 0.04088  14  LEU D CD2 
937  C C11 . I77 D 15 ? 0.07133 0.04688 0.07356 -0.00911 -0.03518 0.02333  15  I77 D C11 
938  C C12 . I77 D 15 ? 0.08000 0.04742 0.08699 -0.00472 -0.03065 0.02769  15  I77 D C12 
939  C C13 . I77 D 15 ? 0.06299 0.04398 0.08188 -0.01731 -0.03945 0.01832  15  I77 D C13 
940  C C17 . I77 D 15 ? 0.06998 0.06239 0.11002 -0.01290 -0.02486 0.04092  15  I77 D C17 
941  C C18 . I77 D 15 ? 0.04503 0.05184 0.09473 -0.01450 -0.02897 0.03346  15  I77 D C18 
942  C C02 . I77 D 15 ? 0.06599 0.07142 0.08388 -0.02151 -0.04063 0.01969  15  I77 D C02 
943  C C03 . I77 D 15 ? 0.07615 0.06606 0.06590 -0.01590 -0.03429 0.02653  15  I77 D C03 
944  C C04 . I77 D 15 ? 0.06854 0.06810 0.07480 -0.01350 -0.03123 0.03263  15  I77 D C04 
945  C C05 . I77 D 15 ? 0.04886 0.04633 0.06746 -0.01821 -0.02804 0.02812  15  I77 D C05 
946  C C06 . I77 D 15 ? 0.07590 0.05736 0.07794 -0.01945 -0.02789 0.03449  15  I77 D C06 
947  C C08 . I77 D 15 ? 0.04875 0.06017 0.08673 -0.02271 -0.02678 0.03050  15  I77 D C08 
948  C C09 . I77 D 15 ? 0.05624 0.05537 0.09167 -0.01983 -0.02232 0.03574  15  I77 D C09 
949  N N01 . I77 D 15 ? 0.07273 0.06683 0.10501 -0.02049 -0.01766 0.02714  15  I77 D N01 
950  N N07 . I77 D 15 ? 0.08274 0.06422 0.07462 -0.02474 -0.02772 0.03349  15  I77 D N07 
951  N N10 . I77 D 15 ? 0.07796 0.04746 0.08003 -0.01676 -0.02340 0.02987  15  I77 D N10 
952  N N14 . I77 D 15 ? 0.05966 0.04383 0.08717 -0.01917 -0.03461 0.02207  15  I77 D N14 
953  N N15 . I77 D 15 ? 0.07499 0.04751 0.08136 -0.01690 -0.03330 0.01780  15  I77 D N15 
954  O O16 . I77 D 15 ? 0.06425 0.04454 0.10142 -0.01828 -0.03814 0.02252  15  I77 D O16 
955  O O19 . I77 D 15 ? 0.07415 0.08177 0.11605 -0.02181 -0.02571 0.02376  15  I77 D O19 
966  O O   . HOH E .  ? 0.33225 0.61553 0.45005 0.09050  0.19975  -0.04522 101 HOH A O   
967  O O   . HOH E .  ? 0.09068 0.07241 0.13546 -0.04011 -0.01846 0.02380  102 HOH A O   
968  O O   . HOH E .  ? 0.09417 0.10886 0.11550 -0.04378 -0.00987 0.05020  103 HOH A O   
969  O O   . HOH E .  ? 0.15154 0.09083 0.11416 0.01804  -0.03750 0.02281  104 HOH A O   
970  O O   . HOH E .  ? 0.24612 0.21300 0.25387 -0.07561 0.05670  0.04143  105 HOH A O   
971  O O   . HOH E .  ? 0.38632 0.15366 0.18442 -0.09008 0.09050  -0.00658 106 HOH A O   
972  O O   . HOH E .  ? 0.26842 0.08029 0.16647 -0.02855 0.06360  -0.01321 107 HOH A O   
973  O O   . HOH E .  ? 0.18566 0.41218 0.25552 -0.06220 0.02196  0.14205  108 HOH A O   
974  O O   . HOH E .  ? 0.41818 0.17752 0.24998 -0.08847 -0.00788 0.07509  109 HOH A O   
975  O O   . HOH E .  ? 0.13655 0.20864 0.26662 -0.04965 -0.00392 -0.08945 110 HOH A O   
976  O O   . HOH E .  ? 0.33691 0.30509 0.46512 -0.18806 0.03269  0.02181  111 HOH A O   
977  O O   . HOH F .  ? 0.08341 0.06658 0.12191 -0.02588 -0.02354 0.04212  101 HOH B O   
978  O O   . HOH F .  ? 0.23677 0.19345 0.28983 -0.11111 -0.07698 0.05776  102 HOH B O   
979  O O   . HOH F .  ? 0.05736 0.05379 0.10123 -0.02395 -0.02670 0.01635  103 HOH B O   
980  O O   . HOH F .  ? 0.16384 0.13077 0.23632 -0.03286 0.06925  0.04983  104 HOH B O   
981  O O   . HOH F .  ? 0.05702 0.07106 0.10436 -0.02020 -0.03465 0.00210  105 HOH B O   
982  O O   . HOH F .  ? 0.10483 0.07786 0.14694 0.00814  -0.02873 -0.02489 106 HOH B O   
983  O O   . HOH F .  ? 0.31348 0.37603 0.14358 -0.03966 -0.05558 0.08459  107 HOH B O   
984  O O   . HOH F .  ? 0.29469 0.40530 0.38564 -0.15393 0.07271  0.09902  108 HOH B O   
985  O O   . HOH F .  ? 0.12454 0.08036 0.08217 0.01610  -0.02533 0.01221  109 HOH B O   
986  O O   . HOH G .  ? 0.59050 0.26950 0.24656 -0.08729 -0.11715 0.02677  101 HOH C O   
987  O O   . HOH G .  ? 0.28028 0.16190 0.13331 -0.11730 -0.01976 0.00372  102 HOH C O   
988  O O   . HOH G .  ? 0.11940 0.11247 0.16171 0.00022  -0.01324 0.05533  103 HOH C O   
989  O O   . HOH G .  ? 0.24705 0.16434 0.40338 -0.06955 -0.02148 0.08513  104 HOH C O   
990  O O   . HOH G .  ? 0.09105 0.11501 0.15656 -0.01837 -0.04044 -0.03034 105 HOH C O   
991  O O   . HOH G .  ? 0.09261 0.05260 0.09709 -0.00743 -0.01905 0.02168  106 HOH C O   
992  O O   . HOH G .  ? 0.17531 0.25286 0.30997 -0.10110 -0.07005 0.07272  107 HOH C O   
993  O O   . HOH G .  ? 0.22909 0.24769 0.72705 0.03899  0.01847  0.12127  108 HOH C O   
994  O O   . HOH G .  ? 0.21148 0.13950 0.34510 -0.04718 -0.14689 0.07368  109 HOH C O   
995  O O   . HOH G .  ? 0.24956 0.16982 0.22061 -0.11443 -0.02016 0.03757  110 HOH C O   
996  O O   . HOH G .  ? 0.39233 0.31497 0.28435 -0.07787 0.16463  0.04227  111 HOH C O   
997  O O   . HOH G .  ? 0.62513 0.23448 0.27568 -0.07625 0.11931  0.04471  112 HOH C O   
998  O O   . HOH G .  ? 0.18313 0.16234 0.14607 0.02529  -0.01302 0.01540  113 HOH C O   
999  O O   . HOH G .  ? 0.23571 0.24594 0.20350 -0.08486 0.05670  -0.05996 114 HOH C O   
1000 O O   . HOH H .  ? 0.07358 0.04896 0.11336 -0.01743 -0.01492 0.03111  101 HOH D O   
1001 O O   . HOH H .  ? 0.08249 0.03990 0.08749 -0.00429 -0.01558 0.02731  102 HOH D O   
1002 O O   . HOH H .  ? 0.12428 0.12880 0.22939 -0.04329 -0.08053 0.08340  103 HOH D O   
1003 O O   . HOH H .  ? 0.21118 0.14157 0.39435 0.02349  -0.15495 -0.04466 104 HOH D O   
1004 O O   . HOH H .  ? 0.15099 0.21597 0.27518 -0.09592 0.03632  0.02839  105 HOH D O   
1005 O O   . HOH H .  ? 0.45479 0.20239 0.48810 -0.08146 0.14024  0.04735  106 HOH D O   
1006 O O   . HOH H .  ? 0.60018 0.31487 0.25585 -0.10548 -0.15484 0.08980  107 HOH D O   
1007 O O   . HOH H .  ? 0.45427 0.24418 0.61479 0.04316  0.26561  0.10502  108 HOH D O   
1008 O O   . HOH H .  ? 0.11487 0.04619 0.09477 0.00271  -0.03791 0.01862  109 HOH D O   
# 
